data_7H32
# 
_entry.id   7H32 
# 
_audit_conform.dict_name       mmcif_pdbx.dic 
_audit_conform.dict_version    5.397 
_audit_conform.dict_location   http://mmcif.pdb.org/dictionaries/ascii/mmcif_pdbx.dic 
# 
loop_
_database_2.database_id 
_database_2.database_code 
_database_2.pdbx_database_accession 
_database_2.pdbx_DOI 
PDB   7H32         pdb_00007h32 10.2210/pdb7h32/pdb 
WWPDB D_1001406961 ?            ?                   
# 
loop_
_pdbx_audit_revision_history.ordinal 
_pdbx_audit_revision_history.data_content_type 
_pdbx_audit_revision_history.major_revision 
_pdbx_audit_revision_history.minor_revision 
_pdbx_audit_revision_history.revision_date 
1 'Structure model' 1 0 2024-04-24 
2 'Structure model' 1 1 2024-10-16 
# 
_pdbx_audit_revision_details.ordinal             1 
_pdbx_audit_revision_details.revision_ordinal    1 
_pdbx_audit_revision_details.data_content_type   'Structure model' 
_pdbx_audit_revision_details.provider            repository 
_pdbx_audit_revision_details.type                'Initial release' 
_pdbx_audit_revision_details.description         ? 
_pdbx_audit_revision_details.details             ? 
# 
loop_
_pdbx_audit_revision_group.ordinal 
_pdbx_audit_revision_group.revision_ordinal 
_pdbx_audit_revision_group.data_content_type 
_pdbx_audit_revision_group.group 
1 2 'Structure model' 'Database references' 
2 2 'Structure model' 'Structure summary'   
# 
loop_
_pdbx_audit_revision_category.ordinal 
_pdbx_audit_revision_category.revision_ordinal 
_pdbx_audit_revision_category.data_content_type 
_pdbx_audit_revision_category.category 
1 2 'Structure model' citation           
2 2 'Structure model' citation_author    
3 2 'Structure model' pdbx_entry_details 
# 
loop_
_pdbx_audit_revision_item.ordinal 
_pdbx_audit_revision_item.revision_ordinal 
_pdbx_audit_revision_item.data_content_type 
_pdbx_audit_revision_item.item 
1 2 'Structure model' '_citation.country'                 
2 2 'Structure model' '_citation.journal_abbrev'          
3 2 'Structure model' '_citation.journal_id_CSD'          
4 2 'Structure model' '_citation.journal_id_ISSN'         
5 2 'Structure model' '_citation.pdbx_database_id_DOI'    
6 2 'Structure model' '_citation.pdbx_database_id_PubMed' 
7 2 'Structure model' '_citation.title'                   
8 2 'Structure model' '_citation.year'                    
# 
_pdbx_database_status.entry_id                        7H32 
_pdbx_database_status.status_code                     REL 
_pdbx_database_status.status_code_sf                  REL 
_pdbx_database_status.status_code_mr                  ? 
_pdbx_database_status.status_code_cs                  ? 
_pdbx_database_status.recvd_initial_deposition_date   2024-04-04 
_pdbx_database_status.status_code_nmr_data            ? 
_pdbx_database_status.deposit_site                    RCSB 
_pdbx_database_status.process_site                    RCSB 
_pdbx_database_status.SG_entry                        ? 
_pdbx_database_status.pdb_format_compatible           Y 
_pdbx_database_status.methods_development_category    ? 
# 
_pdbx_contact_author.id                 1 
_pdbx_contact_author.email              frank.von-delft@diamond.ac.uk 
_pdbx_contact_author.name_first         Frank 
_pdbx_contact_author.name_last          'von Delft' 
_pdbx_contact_author.role               'principal investigator/group leader' 
_pdbx_contact_author.identifier_ORCID   0000-0003-0378-0017 
_pdbx_contact_author.name_mi            ? 
# 
loop_
_audit_author.name 
_audit_author.pdbx_ordinal 
'Lithgo, R.M.'        1  
'Fairhead, M.'        2  
'Koekemoer, L.'       3  
'Balcomb, B.H.'       4  
'Capkin, E.'          5  
'Chandran, A.V.'      6  
'Golding, M.'         7  
'Godoy, A.S.'         8  
'Aschenbrenner, J.C.' 9  
'Marples, P.G.'       10 
'Ni, X.'              11 
'Thompson, W.'        12 
'Tomlinson, C.W.E.'   13 
'Wild, C.'            14 
'Winokan, M.'         15 
'Xavier, M.-A.E.'     16 
'Fearon, D.'          17 
'von Delft, F.'       18 
# 
_citation.id                        primary 
_citation.title                     
;Crystallographic Fragment Screen of Coxsackievirus A16 2A Protease identifies new opportunities for the development of broad-spectrum anti-enterovirals.
;
_citation.journal_abbrev            Biorxiv 
_citation.journal_volume            ? 
_citation.page_first                ? 
_citation.page_last                 ? 
_citation.year                      2024 
_citation.journal_id_ASTM           ? 
_citation.country                   US 
_citation.journal_id_ISSN           2692-8205 
_citation.journal_id_CSD            ? 
_citation.book_publisher            ? 
_citation.pdbx_database_id_PubMed   38746446 
_citation.pdbx_database_id_DOI      10.1101/2024.04.29.591684 
# 
loop_
_citation_author.citation_id 
_citation_author.name 
_citation_author.identifier_ORCID 
_citation_author.ordinal 
primary 'Lithgo, R.M.'        0000-0002-4706-9916 1  
primary 'Tomlinson, C.W.E.'   0000-0002-1845-6028 2  
primary 'Fairhead, M.'        0000-0001-5361-3933 3  
primary 'Winokan, M.'         ?                   4  
primary 'Thompson, W.'        0000-0003-1474-7810 5  
primary 'Wild, C.'            0000-0003-0654-8141 6  
primary 'Aschenbrenner, J.C.' 0000-0002-4318-0481 7  
primary 'Balcomb, B.H.'       0000-0001-7599-8467 8  
primary 'Marples, P.G.'       0000-0002-8787-7969 9  
primary 'Chandran, A.V.'      0000-0001-9942-2614 10 
primary 'Golding, M.'         0009-0004-7472-8333 11 
primary 'Koekemoer, L.'       0000-0001-9226-9127 12 
primary 'Williams, E.P.'      0000-0002-1331-9518 13 
primary 'Wang, S.'            ?                   14 
primary 'Ni, X.'              0000-0002-7769-8297 15 
primary 'MacLean, E.'         0000-0003-1680-4292 16 
primary 'Giroud, C.'          0000-0002-1629-1581 17 
primary 'Godoy, A.S.'         0000-0002-0613-9164 18 
primary 'Xavier, M.A.'        0000-0002-1709-9479 19 
primary 'Walsh, M.'           0000-0001-5683-1151 20 
primary 'Fearon, D.'          0000-0003-3529-7863 21 
primary 'von Delft, F.'       0000-0003-0378-0017 22 
# 
loop_
_entity.id 
_entity.type 
_entity.src_method 
_entity.pdbx_description 
_entity.formula_weight 
_entity.pdbx_number_of_molecules 
_entity.pdbx_ec 
_entity.pdbx_mutation 
_entity.pdbx_fragment 
_entity.details 
1 polymer     man 'Protease 2A'                      16493.311 1   3.4.22.29 ? ? ? 
2 non-polymer man 'N-[(3R)-piperidin-3-yl]benzamide' 204.268   1   ?         ? ? ? 
3 non-polymer syn 'ZINC ION'                         65.409    1   ?         ? ? ? 
4 non-polymer syn 'DIMETHYL SULFOXIDE'               78.133    3   ?         ? ? ? 
5 non-polymer syn 'SULFATE ION'                      96.063    1   ?         ? ? ? 
6 water       nat water                              18.015    233 ?         ? ? ? 
# 
_entity_name_com.entity_id   1 
_entity_name_com.name        'P2A,Picornain 2A,Protein 2A' 
# 
_entity_poly.entity_id                      1 
_entity_poly.type                           'polypeptide(L)' 
_entity_poly.nstd_linkage                   no 
_entity_poly.nstd_monomer                   no 
_entity_poly.pdbx_seq_one_letter_code       
;QEQTGGSGAIYVGNYRVVNRHLATHNDWANLVWEDSSRDLLVSSTTAQGCDTIARCDCQTGVYYCSSRRKHYPVSFSKPS
LIFVEASEYYPARYQSHLMLAVGHSEPGDCGGILRCQHGVVGIVSTGGNGLVGFADVRDLLWLDEEAMEQ
;
_entity_poly.pdbx_seq_one_letter_code_can   
;QEQTGGSGAIYVGNYRVVNRHLATHNDWANLVWEDSSRDLLVSSTTAQGCDTIARCDCQTGVYYCSSRRKHYPVSFSKPS
LIFVEASEYYPARYQSHLMLAVGHSEPGDCGGILRCQHGVVGIVSTGGNGLVGFADVRDLLWLDEEAMEQ
;
_entity_poly.pdbx_strand_id                 A 
_entity_poly.pdbx_target_identifier         ? 
# 
loop_
_pdbx_entity_nonpoly.entity_id 
_pdbx_entity_nonpoly.name 
_pdbx_entity_nonpoly.comp_id 
2 'N-[(3R)-piperidin-3-yl]benzamide' 89W 
3 'ZINC ION'                         ZN  
4 'DIMETHYL SULFOXIDE'               DMS 
5 'SULFATE ION'                      SO4 
6 water                              HOH 
# 
loop_
_entity_poly_seq.entity_id 
_entity_poly_seq.num 
_entity_poly_seq.mon_id 
_entity_poly_seq.hetero 
1 1   GLN n 
1 2   GLU n 
1 3   GLN n 
1 4   THR n 
1 5   GLY n 
1 6   GLY n 
1 7   SER n 
1 8   GLY n 
1 9   ALA n 
1 10  ILE n 
1 11  TYR n 
1 12  VAL n 
1 13  GLY n 
1 14  ASN n 
1 15  TYR n 
1 16  ARG n 
1 17  VAL n 
1 18  VAL n 
1 19  ASN n 
1 20  ARG n 
1 21  HIS n 
1 22  LEU n 
1 23  ALA n 
1 24  THR n 
1 25  HIS n 
1 26  ASN n 
1 27  ASP n 
1 28  TRP n 
1 29  ALA n 
1 30  ASN n 
1 31  LEU n 
1 32  VAL n 
1 33  TRP n 
1 34  GLU n 
1 35  ASP n 
1 36  SER n 
1 37  SER n 
1 38  ARG n 
1 39  ASP n 
1 40  LEU n 
1 41  LEU n 
1 42  VAL n 
1 43  SER n 
1 44  SER n 
1 45  THR n 
1 46  THR n 
1 47  ALA n 
1 48  GLN n 
1 49  GLY n 
1 50  CYS n 
1 51  ASP n 
1 52  THR n 
1 53  ILE n 
1 54  ALA n 
1 55  ARG n 
1 56  CYS n 
1 57  ASP n 
1 58  CYS n 
1 59  GLN n 
1 60  THR n 
1 61  GLY n 
1 62  VAL n 
1 63  TYR n 
1 64  TYR n 
1 65  CYS n 
1 66  SER n 
1 67  SER n 
1 68  ARG n 
1 69  ARG n 
1 70  LYS n 
1 71  HIS n 
1 72  TYR n 
1 73  PRO n 
1 74  VAL n 
1 75  SER n 
1 76  PHE n 
1 77  SER n 
1 78  LYS n 
1 79  PRO n 
1 80  SER n 
1 81  LEU n 
1 82  ILE n 
1 83  PHE n 
1 84  VAL n 
1 85  GLU n 
1 86  ALA n 
1 87  SER n 
1 88  GLU n 
1 89  TYR n 
1 90  TYR n 
1 91  PRO n 
1 92  ALA n 
1 93  ARG n 
1 94  TYR n 
1 95  GLN n 
1 96  SER n 
1 97  HIS n 
1 98  LEU n 
1 99  MET n 
1 100 LEU n 
1 101 ALA n 
1 102 VAL n 
1 103 GLY n 
1 104 HIS n 
1 105 SER n 
1 106 GLU n 
1 107 PRO n 
1 108 GLY n 
1 109 ASP n 
1 110 CYS n 
1 111 GLY n 
1 112 GLY n 
1 113 ILE n 
1 114 LEU n 
1 115 ARG n 
1 116 CYS n 
1 117 GLN n 
1 118 HIS n 
1 119 GLY n 
1 120 VAL n 
1 121 VAL n 
1 122 GLY n 
1 123 ILE n 
1 124 VAL n 
1 125 SER n 
1 126 THR n 
1 127 GLY n 
1 128 GLY n 
1 129 ASN n 
1 130 GLY n 
1 131 LEU n 
1 132 VAL n 
1 133 GLY n 
1 134 PHE n 
1 135 ALA n 
1 136 ASP n 
1 137 VAL n 
1 138 ARG n 
1 139 ASP n 
1 140 LEU n 
1 141 LEU n 
1 142 TRP n 
1 143 LEU n 
1 144 ASP n 
1 145 GLU n 
1 146 GLU n 
1 147 ALA n 
1 148 MET n 
1 149 GLU n 
1 150 GLN n 
# 
loop_
_entity_src_gen.entity_id 
_entity_src_gen.pdbx_src_id 
_entity_src_gen.pdbx_alt_source_flag 
_entity_src_gen.pdbx_seq_type 
_entity_src_gen.pdbx_beg_seq_num 
_entity_src_gen.pdbx_end_seq_num 
_entity_src_gen.gene_src_common_name 
_entity_src_gen.gene_src_genus 
_entity_src_gen.pdbx_gene_src_gene 
_entity_src_gen.gene_src_species 
_entity_src_gen.gene_src_strain 
_entity_src_gen.gene_src_tissue 
_entity_src_gen.gene_src_tissue_fraction 
_entity_src_gen.gene_src_details 
_entity_src_gen.pdbx_gene_src_fragment 
_entity_src_gen.pdbx_gene_src_scientific_name 
_entity_src_gen.pdbx_gene_src_ncbi_taxonomy_id 
_entity_src_gen.pdbx_gene_src_variant 
_entity_src_gen.pdbx_gene_src_cell_line 
_entity_src_gen.pdbx_gene_src_atcc 
_entity_src_gen.pdbx_gene_src_organ 
_entity_src_gen.pdbx_gene_src_organelle 
_entity_src_gen.pdbx_gene_src_cell 
_entity_src_gen.pdbx_gene_src_cellular_location 
_entity_src_gen.host_org_common_name 
_entity_src_gen.pdbx_host_org_scientific_name 
_entity_src_gen.pdbx_host_org_ncbi_taxonomy_id 
_entity_src_gen.host_org_genus 
_entity_src_gen.pdbx_host_org_gene 
_entity_src_gen.pdbx_host_org_organ 
_entity_src_gen.host_org_species 
_entity_src_gen.pdbx_host_org_tissue 
_entity_src_gen.pdbx_host_org_tissue_fraction 
_entity_src_gen.pdbx_host_org_strain 
_entity_src_gen.pdbx_host_org_variant 
_entity_src_gen.pdbx_host_org_cell_line 
_entity_src_gen.pdbx_host_org_atcc 
_entity_src_gen.pdbx_host_org_culture_collection 
_entity_src_gen.pdbx_host_org_cell 
_entity_src_gen.pdbx_host_org_organelle 
_entity_src_gen.pdbx_host_org_cellular_location 
_entity_src_gen.pdbx_host_org_vector_type 
_entity_src_gen.pdbx_host_org_vector 
_entity_src_gen.host_org_details 
_entity_src_gen.expression_system_id 
_entity_src_gen.plasmid_name 
_entity_src_gen.plasmid_details 
_entity_src_gen.pdbx_description 
1 1 sample 'Biological sequence' 1 150 ? ? ? ? ? ? ? ? ? 'Coxsackievirus A16' 31704 ? ? ? ? ? ? ? ? 'Escherichia coli' 562 ? ? ? ? 
? ? ? ? ? ? ? ? ? ? ? ? ? ? ? ? ? 
2 1 sample ?                     ? ?   ? ? ? ? ? ? ? ? ? 'Coxsackievirus A16' 31704 ? ? ? ? ? ? ? ? 'Escherichia coli' 562 ? ? ? ? 
? ? ? ? ? ? ? ? ? ? ? ? ? ? ? ? ? 
# 
loop_
_chem_comp.id 
_chem_comp.type 
_chem_comp.mon_nstd_flag 
_chem_comp.name 
_chem_comp.pdbx_synonyms 
_chem_comp.formula 
_chem_comp.formula_weight 
89W non-polymer         . 'N-[(3R)-piperidin-3-yl]benzamide' ? 'C12 H16 N2 O'   204.268 
ALA 'L-peptide linking' y ALANINE                            ? 'C3 H7 N O2'     89.093  
ARG 'L-peptide linking' y ARGININE                           ? 'C6 H15 N4 O2 1' 175.209 
ASN 'L-peptide linking' y ASPARAGINE                         ? 'C4 H8 N2 O3'    132.118 
ASP 'L-peptide linking' y 'ASPARTIC ACID'                    ? 'C4 H7 N O4'     133.103 
CYS 'L-peptide linking' y CYSTEINE                           ? 'C3 H7 N O2 S'   121.158 
DMS non-polymer         . 'DIMETHYL SULFOXIDE'               ? 'C2 H6 O S'      78.133  
GLN 'L-peptide linking' y GLUTAMINE                          ? 'C5 H10 N2 O3'   146.144 
GLU 'L-peptide linking' y 'GLUTAMIC ACID'                    ? 'C5 H9 N O4'     147.129 
GLY 'peptide linking'   y GLYCINE                            ? 'C2 H5 N O2'     75.067  
HIS 'L-peptide linking' y HISTIDINE                          ? 'C6 H10 N3 O2 1' 156.162 
HOH non-polymer         . WATER                              ? 'H2 O'           18.015  
ILE 'L-peptide linking' y ISOLEUCINE                         ? 'C6 H13 N O2'    131.173 
LEU 'L-peptide linking' y LEUCINE                            ? 'C6 H13 N O2'    131.173 
LYS 'L-peptide linking' y LYSINE                             ? 'C6 H15 N2 O2 1' 147.195 
MET 'L-peptide linking' y METHIONINE                         ? 'C5 H11 N O2 S'  149.211 
PHE 'L-peptide linking' y PHENYLALANINE                      ? 'C9 H11 N O2'    165.189 
PRO 'L-peptide linking' y PROLINE                            ? 'C5 H9 N O2'     115.130 
SER 'L-peptide linking' y SERINE                             ? 'C3 H7 N O3'     105.093 
SO4 non-polymer         . 'SULFATE ION'                      ? 'O4 S -2'        96.063  
THR 'L-peptide linking' y THREONINE                          ? 'C4 H9 N O3'     119.119 
TRP 'L-peptide linking' y TRYPTOPHAN                         ? 'C11 H12 N2 O2'  204.225 
TYR 'L-peptide linking' y TYROSINE                           ? 'C9 H11 N O3'    181.189 
VAL 'L-peptide linking' y VALINE                             ? 'C5 H11 N O2'    117.146 
ZN  non-polymer         . 'ZINC ION'                         ? 'Zn 2'           65.409  
# 
loop_
_pdbx_poly_seq_scheme.asym_id 
_pdbx_poly_seq_scheme.entity_id 
_pdbx_poly_seq_scheme.seq_id 
_pdbx_poly_seq_scheme.mon_id 
_pdbx_poly_seq_scheme.ndb_seq_num 
_pdbx_poly_seq_scheme.pdb_seq_num 
_pdbx_poly_seq_scheme.auth_seq_num 
_pdbx_poly_seq_scheme.pdb_mon_id 
_pdbx_poly_seq_scheme.auth_mon_id 
_pdbx_poly_seq_scheme.pdb_strand_id 
_pdbx_poly_seq_scheme.pdb_ins_code 
_pdbx_poly_seq_scheme.hetero 
A 1 1   GLN 1   1   ?   ?   ?   A . n 
A 1 2   GLU 2   2   ?   ?   ?   A . n 
A 1 3   GLN 3   3   ?   ?   ?   A . n 
A 1 4   THR 4   4   ?   ?   ?   A . n 
A 1 5   GLY 5   5   ?   ?   ?   A . n 
A 1 6   GLY 6   6   ?   ?   ?   A . n 
A 1 7   SER 7   7   7   SER SER A . n 
A 1 8   GLY 8   8   8   GLY GLY A . n 
A 1 9   ALA 9   9   9   ALA ALA A . n 
A 1 10  ILE 10  10  10  ILE ILE A . n 
A 1 11  TYR 11  11  11  TYR TYR A . n 
A 1 12  VAL 12  12  12  VAL VAL A . n 
A 1 13  GLY 13  13  13  GLY GLY A . n 
A 1 14  ASN 14  14  14  ASN ASN A . n 
A 1 15  TYR 15  15  15  TYR TYR A . n 
A 1 16  ARG 16  16  16  ARG ARG A . n 
A 1 17  VAL 17  17  17  VAL VAL A . n 
A 1 18  VAL 18  18  18  VAL VAL A . n 
A 1 19  ASN 19  19  19  ASN ASN A . n 
A 1 20  ARG 20  20  20  ARG ARG A . n 
A 1 21  HIS 21  21  21  HIS HIS A . n 
A 1 22  LEU 22  22  22  LEU LEU A . n 
A 1 23  ALA 23  23  23  ALA ALA A . n 
A 1 24  THR 24  24  24  THR THR A . n 
A 1 25  HIS 25  25  25  HIS HIS A . n 
A 1 26  ASN 26  26  26  ASN ASN A . n 
A 1 27  ASP 27  27  27  ASP ASP A . n 
A 1 28  TRP 28  28  28  TRP TRP A . n 
A 1 29  ALA 29  29  29  ALA ALA A . n 
A 1 30  ASN 30  30  30  ASN ASN A . n 
A 1 31  LEU 31  31  31  LEU LEU A . n 
A 1 32  VAL 32  32  32  VAL VAL A . n 
A 1 33  TRP 33  33  33  TRP TRP A . n 
A 1 34  GLU 34  34  34  GLU GLU A . n 
A 1 35  ASP 35  35  35  ASP ASP A . n 
A 1 36  SER 36  36  36  SER SER A . n 
A 1 37  SER 37  37  37  SER SER A . n 
A 1 38  ARG 38  38  38  ARG ARG A . n 
A 1 39  ASP 39  39  39  ASP ASP A . n 
A 1 40  LEU 40  40  40  LEU LEU A . n 
A 1 41  LEU 41  41  41  LEU LEU A . n 
A 1 42  VAL 42  42  42  VAL VAL A . n 
A 1 43  SER 43  43  43  SER SER A . n 
A 1 44  SER 44  44  44  SER SER A . n 
A 1 45  THR 45  45  45  THR THR A . n 
A 1 46  THR 46  46  46  THR THR A . n 
A 1 47  ALA 47  47  47  ALA ALA A . n 
A 1 48  GLN 48  48  48  GLN GLN A . n 
A 1 49  GLY 49  49  49  GLY GLY A . n 
A 1 50  CYS 50  50  50  CYS CYS A . n 
A 1 51  ASP 51  51  51  ASP ASP A . n 
A 1 52  THR 52  52  52  THR THR A . n 
A 1 53  ILE 53  53  53  ILE ILE A . n 
A 1 54  ALA 54  54  54  ALA ALA A . n 
A 1 55  ARG 55  55  55  ARG ARG A . n 
A 1 56  CYS 56  56  56  CYS CYS A . n 
A 1 57  ASP 57  57  57  ASP ASP A . n 
A 1 58  CYS 58  58  58  CYS CYS A . n 
A 1 59  GLN 59  59  59  GLN GLN A . n 
A 1 60  THR 60  60  60  THR THR A . n 
A 1 61  GLY 61  61  61  GLY GLY A . n 
A 1 62  VAL 62  62  62  VAL VAL A . n 
A 1 63  TYR 63  63  63  TYR TYR A . n 
A 1 64  TYR 64  64  64  TYR TYR A . n 
A 1 65  CYS 65  65  65  CYS CYS A . n 
A 1 66  SER 66  66  66  SER SER A . n 
A 1 67  SER 67  67  67  SER SER A . n 
A 1 68  ARG 68  68  68  ARG ARG A . n 
A 1 69  ARG 69  69  69  ARG ARG A . n 
A 1 70  LYS 70  70  70  LYS LYS A . n 
A 1 71  HIS 71  71  71  HIS HIS A . n 
A 1 72  TYR 72  72  72  TYR TYR A . n 
A 1 73  PRO 73  73  73  PRO PRO A . n 
A 1 74  VAL 74  74  74  VAL VAL A . n 
A 1 75  SER 75  75  75  SER SER A . n 
A 1 76  PHE 76  76  76  PHE PHE A . n 
A 1 77  SER 77  77  77  SER SER A . n 
A 1 78  LYS 78  78  78  LYS LYS A . n 
A 1 79  PRO 79  79  79  PRO PRO A . n 
A 1 80  SER 80  80  80  SER SER A . n 
A 1 81  LEU 81  81  81  LEU LEU A . n 
A 1 82  ILE 82  82  82  ILE ILE A . n 
A 1 83  PHE 83  83  83  PHE PHE A . n 
A 1 84  VAL 84  84  84  VAL VAL A . n 
A 1 85  GLU 85  85  85  GLU GLU A . n 
A 1 86  ALA 86  86  86  ALA ALA A . n 
A 1 87  SER 87  87  87  SER SER A . n 
A 1 88  GLU 88  88  88  GLU GLU A . n 
A 1 89  TYR 89  89  89  TYR TYR A . n 
A 1 90  TYR 90  90  90  TYR TYR A . n 
A 1 91  PRO 91  91  91  PRO PRO A . n 
A 1 92  ALA 92  92  92  ALA ALA A . n 
A 1 93  ARG 93  93  93  ARG ARG A . n 
A 1 94  TYR 94  94  94  TYR TYR A . n 
A 1 95  GLN 95  95  95  GLN GLN A . n 
A 1 96  SER 96  96  96  SER SER A . n 
A 1 97  HIS 97  97  97  HIS HIS A . n 
A 1 98  LEU 98  98  98  LEU LEU A . n 
A 1 99  MET 99  99  99  MET MET A . n 
A 1 100 LEU 100 100 100 LEU LEU A . n 
A 1 101 ALA 101 101 101 ALA ALA A . n 
A 1 102 VAL 102 102 102 VAL VAL A . n 
A 1 103 GLY 103 103 103 GLY GLY A . n 
A 1 104 HIS 104 104 104 HIS HIS A . n 
A 1 105 SER 105 105 105 SER SER A . n 
A 1 106 GLU 106 106 106 GLU GLU A . n 
A 1 107 PRO 107 107 107 PRO PRO A . n 
A 1 108 GLY 108 108 108 GLY GLY A . n 
A 1 109 ASP 109 109 109 ASP ASP A . n 
A 1 110 CYS 110 110 110 CYS CYS A . n 
A 1 111 GLY 111 111 111 GLY GLY A . n 
A 1 112 GLY 112 112 112 GLY GLY A . n 
A 1 113 ILE 113 113 113 ILE ILE A . n 
A 1 114 LEU 114 114 114 LEU LEU A . n 
A 1 115 ARG 115 115 115 ARG ARG A . n 
A 1 116 CYS 116 116 116 CYS CYS A . n 
A 1 117 GLN 117 117 117 GLN GLN A . n 
A 1 118 HIS 118 118 118 HIS HIS A . n 
A 1 119 GLY 119 119 119 GLY GLY A . n 
A 1 120 VAL 120 120 120 VAL VAL A . n 
A 1 121 VAL 121 121 121 VAL VAL A . n 
A 1 122 GLY 122 122 122 GLY GLY A . n 
A 1 123 ILE 123 123 123 ILE ILE A . n 
A 1 124 VAL 124 124 124 VAL VAL A . n 
A 1 125 SER 125 125 125 SER SER A . n 
A 1 126 THR 126 126 126 THR THR A . n 
A 1 127 GLY 127 127 127 GLY GLY A . n 
A 1 128 GLY 128 128 128 GLY GLY A . n 
A 1 129 ASN 129 129 129 ASN ASN A . n 
A 1 130 GLY 130 130 130 GLY GLY A . n 
A 1 131 LEU 131 131 131 LEU LEU A . n 
A 1 132 VAL 132 132 132 VAL VAL A . n 
A 1 133 GLY 133 133 133 GLY GLY A . n 
A 1 134 PHE 134 134 134 PHE PHE A . n 
A 1 135 ALA 135 135 135 ALA ALA A . n 
A 1 136 ASP 136 136 136 ASP ASP A . n 
A 1 137 VAL 137 137 137 VAL VAL A . n 
A 1 138 ARG 138 138 138 ARG ARG A . n 
A 1 139 ASP 139 139 139 ASP ASP A . n 
A 1 140 LEU 140 140 140 LEU LEU A . n 
A 1 141 LEU 141 141 141 LEU LEU A . n 
A 1 142 TRP 142 142 142 TRP TRP A . n 
A 1 143 LEU 143 143 143 LEU LEU A . n 
A 1 144 ASP 144 144 144 ASP ASP A . n 
A 1 145 GLU 145 145 145 GLU GLU A . n 
A 1 146 GLU 146 146 146 GLU GLU A . n 
A 1 147 ALA 147 147 ?   ?   ?   A . n 
A 1 148 MET 148 148 ?   ?   ?   A . n 
A 1 149 GLU 149 149 ?   ?   ?   A . n 
A 1 150 GLN 150 150 ?   ?   ?   A . n 
# 
loop_
_pdbx_nonpoly_scheme.asym_id 
_pdbx_nonpoly_scheme.entity_id 
_pdbx_nonpoly_scheme.mon_id 
_pdbx_nonpoly_scheme.ndb_seq_num 
_pdbx_nonpoly_scheme.pdb_seq_num 
_pdbx_nonpoly_scheme.auth_seq_num 
_pdbx_nonpoly_scheme.pdb_mon_id 
_pdbx_nonpoly_scheme.auth_mon_id 
_pdbx_nonpoly_scheme.pdb_strand_id 
_pdbx_nonpoly_scheme.pdb_ins_code 
B 2 89W 1   201 147 89W LIG A . 
C 3 ZN  1   202 1   ZN  ZN  A . 
D 4 DMS 1   203 0   DMS DMS A . 
E 4 DMS 1   204 3   DMS DMS A . 
F 4 DMS 1   205 6   DMS DMS A . 
G 5 SO4 1   206 1   SO4 SO4 A . 
H 6 HOH 1   301 131 HOH HOH A . 
H 6 HOH 2   302 66  HOH HOH A . 
H 6 HOH 3   303 137 HOH HOH A . 
H 6 HOH 4   304 212 HOH HOH A . 
H 6 HOH 5   305 142 HOH HOH A . 
H 6 HOH 6   306 245 HOH HOH A . 
H 6 HOH 7   307 45  HOH HOH A . 
H 6 HOH 8   308 94  HOH HOH A . 
H 6 HOH 9   309 30  HOH HOH A . 
H 6 HOH 10  310 72  HOH HOH A . 
H 6 HOH 11  311 107 HOH HOH A . 
H 6 HOH 12  312 121 HOH HOH A . 
H 6 HOH 13  313 4   HOH HOH A . 
H 6 HOH 14  314 147 HOH HOH A . 
H 6 HOH 15  315 81  HOH HOH A . 
H 6 HOH 16  316 34  HOH HOH A . 
H 6 HOH 17  317 42  HOH HOH A . 
H 6 HOH 18  318 120 HOH HOH A . 
H 6 HOH 19  319 161 HOH HOH A . 
H 6 HOH 20  320 146 HOH HOH A . 
H 6 HOH 21  321 68  HOH HOH A . 
H 6 HOH 22  322 178 HOH HOH A . 
H 6 HOH 23  323 36  HOH HOH A . 
H 6 HOH 24  324 163 HOH HOH A . 
H 6 HOH 25  325 79  HOH HOH A . 
H 6 HOH 26  326 152 HOH HOH A . 
H 6 HOH 27  327 190 HOH HOH A . 
H 6 HOH 28  328 173 HOH HOH A . 
H 6 HOH 29  329 191 HOH HOH A . 
H 6 HOH 30  330 219 HOH HOH A . 
H 6 HOH 31  331 140 HOH HOH A . 
H 6 HOH 32  332 33  HOH HOH A . 
H 6 HOH 33  333 3   HOH HOH A . 
H 6 HOH 34  334 24  HOH HOH A . 
H 6 HOH 35  335 205 HOH HOH A . 
H 6 HOH 36  336 59  HOH HOH A . 
H 6 HOH 37  337 226 HOH HOH A . 
H 6 HOH 38  338 133 HOH HOH A . 
H 6 HOH 39  339 25  HOH HOH A . 
H 6 HOH 40  340 19  HOH HOH A . 
H 6 HOH 41  341 174 HOH HOH A . 
H 6 HOH 42  342 16  HOH HOH A . 
H 6 HOH 43  343 77  HOH HOH A . 
H 6 HOH 44  344 111 HOH HOH A . 
H 6 HOH 45  345 211 HOH HOH A . 
H 6 HOH 46  346 110 HOH HOH A . 
H 6 HOH 47  347 9   HOH HOH A . 
H 6 HOH 48  348 57  HOH HOH A . 
H 6 HOH 49  349 181 HOH HOH A . 
H 6 HOH 50  350 52  HOH HOH A . 
H 6 HOH 51  351 108 HOH HOH A . 
H 6 HOH 52  352 26  HOH HOH A . 
H 6 HOH 53  353 7   HOH HOH A . 
H 6 HOH 54  354 67  HOH HOH A . 
H 6 HOH 55  355 138 HOH HOH A . 
H 6 HOH 56  356 132 HOH HOH A . 
H 6 HOH 57  357 29  HOH HOH A . 
H 6 HOH 58  358 63  HOH HOH A . 
H 6 HOH 59  359 21  HOH HOH A . 
H 6 HOH 60  360 192 HOH HOH A . 
H 6 HOH 61  361 216 HOH HOH A . 
H 6 HOH 62  362 13  HOH HOH A . 
H 6 HOH 63  363 60  HOH HOH A . 
H 6 HOH 64  364 37  HOH HOH A . 
H 6 HOH 65  365 2   HOH HOH A . 
H 6 HOH 66  366 28  HOH HOH A . 
H 6 HOH 67  367 247 HOH HOH A . 
H 6 HOH 68  368 103 HOH HOH A . 
H 6 HOH 69  369 50  HOH HOH A . 
H 6 HOH 70  370 167 HOH HOH A . 
H 6 HOH 71  371 31  HOH HOH A . 
H 6 HOH 72  372 51  HOH HOH A . 
H 6 HOH 73  373 43  HOH HOH A . 
H 6 HOH 74  374 55  HOH HOH A . 
H 6 HOH 75  375 124 HOH HOH A . 
H 6 HOH 76  376 177 HOH HOH A . 
H 6 HOH 77  377 39  HOH HOH A . 
H 6 HOH 78  378 136 HOH HOH A . 
H 6 HOH 79  379 155 HOH HOH A . 
H 6 HOH 80  380 70  HOH HOH A . 
H 6 HOH 81  381 135 HOH HOH A . 
H 6 HOH 82  382 148 HOH HOH A . 
H 6 HOH 83  383 90  HOH HOH A . 
H 6 HOH 84  384 141 HOH HOH A . 
H 6 HOH 85  385 89  HOH HOH A . 
H 6 HOH 86  386 169 HOH HOH A . 
H 6 HOH 87  387 93  HOH HOH A . 
H 6 HOH 88  388 250 HOH HOH A . 
H 6 HOH 89  389 102 HOH HOH A . 
H 6 HOH 90  390 100 HOH HOH A . 
H 6 HOH 91  391 215 HOH HOH A . 
H 6 HOH 92  392 246 HOH HOH A . 
H 6 HOH 93  393 105 HOH HOH A . 
H 6 HOH 94  394 104 HOH HOH A . 
H 6 HOH 95  395 214 HOH HOH A . 
H 6 HOH 96  396 186 HOH HOH A . 
H 6 HOH 97  397 47  HOH HOH A . 
H 6 HOH 98  398 8   HOH HOH A . 
H 6 HOH 99  399 40  HOH HOH A . 
H 6 HOH 100 400 84  HOH HOH A . 
H 6 HOH 101 401 206 HOH HOH A . 
H 6 HOH 102 402 82  HOH HOH A . 
H 6 HOH 103 403 38  HOH HOH A . 
H 6 HOH 104 404 12  HOH HOH A . 
H 6 HOH 105 405 62  HOH HOH A . 
H 6 HOH 106 406 20  HOH HOH A . 
H 6 HOH 107 407 80  HOH HOH A . 
H 6 HOH 108 408 225 HOH HOH A . 
H 6 HOH 109 409 101 HOH HOH A . 
H 6 HOH 110 410 207 HOH HOH A . 
H 6 HOH 111 411 27  HOH HOH A . 
H 6 HOH 112 412 18  HOH HOH A . 
H 6 HOH 113 413 123 HOH HOH A . 
H 6 HOH 114 414 227 HOH HOH A . 
H 6 HOH 115 415 249 HOH HOH A . 
H 6 HOH 116 416 17  HOH HOH A . 
H 6 HOH 117 417 248 HOH HOH A . 
H 6 HOH 118 418 96  HOH HOH A . 
H 6 HOH 119 419 106 HOH HOH A . 
H 6 HOH 120 420 76  HOH HOH A . 
H 6 HOH 121 421 74  HOH HOH A . 
H 6 HOH 122 422 176 HOH HOH A . 
H 6 HOH 123 423 203 HOH HOH A . 
H 6 HOH 124 424 234 HOH HOH A . 
H 6 HOH 125 425 35  HOH HOH A . 
H 6 HOH 126 426 58  HOH HOH A . 
H 6 HOH 127 427 182 HOH HOH A . 
H 6 HOH 128 428 6   HOH HOH A . 
H 6 HOH 129 429 220 HOH HOH A . 
H 6 HOH 130 430 22  HOH HOH A . 
H 6 HOH 131 431 64  HOH HOH A . 
H 6 HOH 132 432 126 HOH HOH A . 
H 6 HOH 133 433 10  HOH HOH A . 
H 6 HOH 134 434 48  HOH HOH A . 
H 6 HOH 135 435 238 HOH HOH A . 
H 6 HOH 136 436 168 HOH HOH A . 
H 6 HOH 137 437 87  HOH HOH A . 
H 6 HOH 138 438 185 HOH HOH A . 
H 6 HOH 139 439 184 HOH HOH A . 
H 6 HOH 140 440 179 HOH HOH A . 
H 6 HOH 141 441 231 HOH HOH A . 
H 6 HOH 142 442 11  HOH HOH A . 
H 6 HOH 143 443 23  HOH HOH A . 
H 6 HOH 144 444 232 HOH HOH A . 
H 6 HOH 145 445 144 HOH HOH A . 
H 6 HOH 146 446 170 HOH HOH A . 
H 6 HOH 147 447 128 HOH HOH A . 
H 6 HOH 148 448 109 HOH HOH A . 
H 6 HOH 149 449 154 HOH HOH A . 
H 6 HOH 150 450 14  HOH HOH A . 
H 6 HOH 151 451 218 HOH HOH A . 
H 6 HOH 152 452 69  HOH HOH A . 
H 6 HOH 153 453 172 HOH HOH A . 
H 6 HOH 154 454 180 HOH HOH A . 
H 6 HOH 155 455 117 HOH HOH A . 
H 6 HOH 156 456 224 HOH HOH A . 
H 6 HOH 157 457 239 HOH HOH A . 
H 6 HOH 158 458 159 HOH HOH A . 
H 6 HOH 159 459 210 HOH HOH A . 
H 6 HOH 160 460 158 HOH HOH A . 
H 6 HOH 161 461 151 HOH HOH A . 
H 6 HOH 162 462 122 HOH HOH A . 
H 6 HOH 163 463 204 HOH HOH A . 
H 6 HOH 164 464 116 HOH HOH A . 
H 6 HOH 165 465 237 HOH HOH A . 
H 6 HOH 166 466 233 HOH HOH A . 
H 6 HOH 167 467 54  HOH HOH A . 
H 6 HOH 168 468 189 HOH HOH A . 
H 6 HOH 169 469 150 HOH HOH A . 
H 6 HOH 170 470 118 HOH HOH A . 
H 6 HOH 171 471 78  HOH HOH A . 
H 6 HOH 172 472 200 HOH HOH A . 
H 6 HOH 173 473 134 HOH HOH A . 
H 6 HOH 174 474 85  HOH HOH A . 
H 6 HOH 175 475 175 HOH HOH A . 
H 6 HOH 176 476 213 HOH HOH A . 
H 6 HOH 177 477 235 HOH HOH A . 
H 6 HOH 178 478 193 HOH HOH A . 
H 6 HOH 179 479 236 HOH HOH A . 
H 6 HOH 180 480 65  HOH HOH A . 
H 6 HOH 181 481 198 HOH HOH A . 
H 6 HOH 182 482 171 HOH HOH A . 
H 6 HOH 183 483 162 HOH HOH A . 
H 6 HOH 184 484 97  HOH HOH A . 
H 6 HOH 185 485 88  HOH HOH A . 
H 6 HOH 186 486 201 HOH HOH A . 
H 6 HOH 187 487 71  HOH HOH A . 
H 6 HOH 188 488 240 HOH HOH A . 
H 6 HOH 189 489 160 HOH HOH A . 
H 6 HOH 190 490 53  HOH HOH A . 
H 6 HOH 191 491 91  HOH HOH A . 
H 6 HOH 192 492 127 HOH HOH A . 
H 6 HOH 193 493 157 HOH HOH A . 
H 6 HOH 194 494 195 HOH HOH A . 
H 6 HOH 195 495 99  HOH HOH A . 
H 6 HOH 196 496 221 HOH HOH A . 
H 6 HOH 197 497 113 HOH HOH A . 
H 6 HOH 198 498 98  HOH HOH A . 
H 6 HOH 199 499 229 HOH HOH A . 
H 6 HOH 200 500 5   HOH HOH A . 
H 6 HOH 201 501 114 HOH HOH A . 
H 6 HOH 202 502 223 HOH HOH A . 
H 6 HOH 203 503 230 HOH HOH A . 
H 6 HOH 204 504 46  HOH HOH A . 
H 6 HOH 205 505 202 HOH HOH A . 
H 6 HOH 206 506 86  HOH HOH A . 
H 6 HOH 207 507 165 HOH HOH A . 
H 6 HOH 208 508 199 HOH HOH A . 
H 6 HOH 209 509 73  HOH HOH A . 
H 6 HOH 210 510 187 HOH HOH A . 
H 6 HOH 211 511 112 HOH HOH A . 
H 6 HOH 212 512 125 HOH HOH A . 
H 6 HOH 213 513 56  HOH HOH A . 
H 6 HOH 214 514 129 HOH HOH A . 
H 6 HOH 215 515 83  HOH HOH A . 
H 6 HOH 216 516 243 HOH HOH A . 
H 6 HOH 217 517 75  HOH HOH A . 
H 6 HOH 218 518 92  HOH HOH A . 
H 6 HOH 219 519 153 HOH HOH A . 
H 6 HOH 220 520 209 HOH HOH A . 
H 6 HOH 221 521 183 HOH HOH A . 
H 6 HOH 222 522 208 HOH HOH A . 
H 6 HOH 223 523 222 HOH HOH A . 
H 6 HOH 224 524 41  HOH HOH A . 
H 6 HOH 225 525 32  HOH HOH A . 
H 6 HOH 226 526 241 HOH HOH A . 
H 6 HOH 227 527 242 HOH HOH A . 
H 6 HOH 228 528 228 HOH HOH A . 
H 6 HOH 229 529 217 HOH HOH A . 
H 6 HOH 230 530 197 HOH HOH A . 
H 6 HOH 231 531 156 HOH HOH A . 
H 6 HOH 232 532 164 HOH HOH A . 
H 6 HOH 233 533 244 HOH HOH A . 
# 
loop_
_software.classification 
_software.name 
_software.version 
_software.citation_id 
_software.pdbx_ordinal 
refinement       REFMAC  5.8.0267 ? 1 
refinement       REFMAC5 .        ? 2 
'data scaling'   Aimless .        ? 3 
phasing          PHASER  .        ? 4 
'data reduction' XDS     .        ? 5 
# 
_cell.entry_id           7H32 
_cell.length_a           87.053 
_cell.length_b           57.689 
_cell.length_c           32.509 
_cell.angle_alpha        90.00 
_cell.angle_beta         91.70 
_cell.angle_gamma        90.00 
_cell.Z_PDB              4 
_cell.pdbx_unique_axis   ? 
# 
_symmetry.entry_id                         7H32 
_symmetry.space_group_name_H-M             'C 1 2 1' 
_symmetry.pdbx_full_space_group_name_H-M   ? 
_symmetry.cell_setting                     ? 
_symmetry.Int_Tables_number                5 
# 
_exptl.entry_id          7H32 
_exptl.method            'X-RAY DIFFRACTION' 
_exptl.crystals_number   1 
# 
_exptl_crystal.id                    1 
_exptl_crystal.density_meas          ? 
_exptl_crystal.density_Matthews      2.47 
_exptl_crystal.density_percent_sol   50.27 
_exptl_crystal.description           ? 
# 
_exptl_crystal_grow.crystal_id      1 
_exptl_crystal_grow.method          'VAPOR DIFFUSION, SITTING DROP' 
_exptl_crystal_grow.pH              6.05 
_exptl_crystal_grow.temp            293.15 
_exptl_crystal_grow.pdbx_details    '0.1 M MES, pH 6.05, 16 % PEG 20,000' 
_exptl_crystal_grow.temp_details    ? 
_exptl_crystal_grow.pdbx_pH_range   ? 
# 
_diffrn.id                     1 
_diffrn.ambient_temp           100 
_diffrn.crystal_id             1 
_diffrn.ambient_temp_details   ? 
# 
_diffrn_detector.detector               PIXEL 
_diffrn_detector.type                   'DECTRIS EIGER2 XE 16M' 
_diffrn_detector.pdbx_collection_date   2023-10-10 
_diffrn_detector.diffrn_id              1 
_diffrn_detector.details                ? 
# 
_diffrn_radiation.diffrn_id                        1 
_diffrn_radiation.wavelength_id                    1 
_diffrn_radiation.pdbx_diffrn_protocol             'SINGLE WAVELENGTH' 
_diffrn_radiation.pdbx_monochromatic_or_laue_m_l   ? 
_diffrn_radiation.monochromator                    ? 
_diffrn_radiation.pdbx_scattering_type             x-ray 
# 
_diffrn_radiation_wavelength.id           1 
_diffrn_radiation_wavelength.wavelength   0.94055 
_diffrn_radiation_wavelength.wt           1.0 
# 
_diffrn_source.diffrn_id                   1 
_diffrn_source.source                      SYNCHROTRON 
_diffrn_source.type                        'DIAMOND BEAMLINE I03' 
_diffrn_source.pdbx_wavelength_list        0.94055 
_diffrn_source.pdbx_synchrotron_site       Diamond 
_diffrn_source.pdbx_synchrotron_beamline   I03 
_diffrn_source.pdbx_wavelength             ? 
# 
_reflns.entry_id                     7H32 
_reflns.pdbx_diffrn_id               1 
_reflns.pdbx_ordinal                 1 
_reflns.d_resolution_low             48.08 
_reflns.d_resolution_high            1.28 
_reflns.number_obs                   39249 
_reflns.percent_possible_obs         94.9 
_reflns.pdbx_Rmerge_I_obs            0.158 
_reflns.pdbx_netI_over_sigmaI        7.4 
_reflns.pdbx_redundancy              7.0 
_reflns.pdbx_Rrim_I_all              0.172 
_reflns.pdbx_Rpim_I_all              0.066 
_reflns.pdbx_CC_half                 0.981 
_reflns.pdbx_number_measured_all     276668 
_reflns.pdbx_chi_squared             0.57 
_reflns.observed_criterion_sigma_I   ? 
_reflns.observed_criterion_sigma_F   ? 
_reflns.number_all                   ? 
_reflns.pdbx_Rsym_value              ? 
_reflns.B_iso_Wilson_estimate        ? 
# 
_reflns_shell.pdbx_diffrn_id              1 
_reflns_shell.pdbx_ordinal                1 
_reflns_shell.d_res_high                  1.28 
_reflns_shell.d_res_low                   1.30 
_reflns_shell.number_measured_all         13322 
_reflns_shell.number_unique_obs           1909 
_reflns_shell.Rmerge_I_obs                2.746 
_reflns_shell.pdbx_chi_squared            0.83 
_reflns_shell.pdbx_redundancy             7.0 
_reflns_shell.percent_possible_obs        92.3 
_reflns_shell.pdbx_netI_over_sigmaI_obs   0.8 
_reflns_shell.pdbx_Rrim_I_all             2.968 
_reflns_shell.pdbx_Rpim_I_all             1.114 
_reflns_shell.pdbx_CC_half                0.673 
_reflns_shell.percent_possible_all        ? 
_reflns_shell.pdbx_Rsym_value             ? 
_reflns_shell.meanI_over_sigI_obs         ? 
# 
_refine.pdbx_refine_id                           'X-RAY DIFFRACTION' 
_refine.entry_id                                 7H32 
_refine.pdbx_diffrn_id                           1 
_refine.pdbx_TLS_residual_ADP_flag               ? 
_refine.ls_number_reflns_obs                     36154 
_refine.ls_number_reflns_all                     ? 
_refine.pdbx_ls_sigma_I                          ? 
_refine.pdbx_ls_sigma_F                          ? 
_refine.pdbx_data_cutoff_high_absF               ? 
_refine.pdbx_data_cutoff_low_absF                ? 
_refine.pdbx_data_cutoff_high_rms_absF           ? 
_refine.ls_d_res_low                             48.08 
_refine.ls_d_res_high                            1.28 
_refine.ls_percent_reflns_obs                    91.81 
_refine.ls_R_factor_obs                          0.29913 
_refine.ls_R_factor_all                          ? 
_refine.ls_R_factor_R_work                       0.29682 
_refine.ls_R_factor_R_free                       0.34215 
_refine.ls_R_factor_R_free_error                 ? 
_refine.ls_R_factor_R_free_error_details         ? 
_refine.ls_percent_reflns_R_free                 5.0 
_refine.ls_number_reflns_R_free                  1903 
_refine.ls_number_parameters                     ? 
_refine.ls_number_restraints                     ? 
_refine.occupancy_min                            ? 
_refine.occupancy_max                            ? 
_refine.correlation_coeff_Fo_to_Fc               0.906 
_refine.correlation_coeff_Fo_to_Fc_free          0.894 
_refine.B_iso_mean                               24.575 
_refine.aniso_B[1][1]                            0.90 
_refine.aniso_B[2][2]                            0.06 
_refine.aniso_B[3][3]                            -1.04 
_refine.aniso_B[1][2]                            0.00 
_refine.aniso_B[1][3]                            1.24 
_refine.aniso_B[2][3]                            -0.00 
_refine.solvent_model_details                    MASK 
_refine.solvent_model_param_ksol                 ? 
_refine.solvent_model_param_bsol                 ? 
_refine.pdbx_solvent_vdw_probe_radii             1.20 
_refine.pdbx_solvent_ion_probe_radii             0.80 
_refine.pdbx_solvent_shrinkage_radii             0.80 
_refine.pdbx_ls_cross_valid_method               THROUGHOUT 
_refine.details                                  'HYDROGENS HAVE BEEN ADDED IN THE RIDING POSITIONS' 
_refine.pdbx_starting_model                      ? 
_refine.pdbx_method_to_determine_struct          'MOLECULAR REPLACEMENT' 
_refine.pdbx_isotropic_thermal_model             ? 
_refine.pdbx_stereochemistry_target_values       'MAXIMUM LIKELIHOOD' 
_refine.pdbx_stereochem_target_val_spec_case     ? 
_refine.pdbx_R_Free_selection_details            RANDOM 
_refine.pdbx_overall_ESU_R                       0.095 
_refine.pdbx_overall_ESU_R_Free                  0.099 
_refine.overall_SU_ML                            ? 
_refine.pdbx_overall_phase_error                 ? 
_refine.overall_SU_B                             ? 
_refine.overall_SU_R_Cruickshank_DPI             ? 
_refine.pdbx_overall_SU_R_free_Cruickshank_DPI   ? 
_refine.pdbx_overall_SU_R_Blow_DPI               ? 
_refine.pdbx_overall_SU_R_free_Blow_DPI          ? 
# 
_refine_hist.pdbx_refine_id                   'X-RAY DIFFRACTION' 
_refine_hist.cycle_id                         1 
_refine_hist.pdbx_number_atoms_protein        1083 
_refine_hist.pdbx_number_atoms_nucleic_acid   0 
_refine_hist.pdbx_number_atoms_ligand         33 
_refine_hist.number_atoms_solvent             233 
_refine_hist.number_atoms_total               1349 
_refine_hist.d_res_high                       1.28 
_refine_hist.d_res_low                        48.08 
# 
loop_
_refine_ls_restr.type 
_refine_ls_restr.dev_ideal 
_refine_ls_restr.dev_ideal_target 
_refine_ls_restr.weight 
_refine_ls_restr.number 
_refine_ls_restr.pdbx_refine_id 
_refine_ls_restr.pdbx_restraint_function 
r_bond_refined_d             0.017  0.014  ? 1749 'X-RAY DIFFRACTION' ? 
r_bond_other_d               0.036  0.014  ? 1340 'X-RAY DIFFRACTION' ? 
r_angle_refined_deg          2.051  1.620  ? 2022 'X-RAY DIFFRACTION' ? 
r_angle_other_deg            2.645  1.617  ? 3047 'X-RAY DIFFRACTION' ? 
r_dihedral_angle_1_deg       7.631  5.000  ? 196  'X-RAY DIFFRACTION' ? 
r_dihedral_angle_2_deg       35.058 21.500 ? 80   'X-RAY DIFFRACTION' ? 
r_dihedral_angle_3_deg       14.067 15.000 ? 220  'X-RAY DIFFRACTION' ? 
r_dihedral_angle_4_deg       17.338 15.000 ? 12   'X-RAY DIFFRACTION' ? 
r_chiral_restr               0.096  0.200  ? 181  'X-RAY DIFFRACTION' ? 
r_gen_planes_refined         0.009  0.020  ? 1861 'X-RAY DIFFRACTION' ? 
r_gen_planes_other           0.014  0.020  ? 371  'X-RAY DIFFRACTION' ? 
r_nbd_refined                ?      ?      ? ?    'X-RAY DIFFRACTION' ? 
r_nbd_other                  ?      ?      ? ?    'X-RAY DIFFRACTION' ? 
r_nbtor_refined              ?      ?      ? ?    'X-RAY DIFFRACTION' ? 
r_nbtor_other                ?      ?      ? ?    'X-RAY DIFFRACTION' ? 
r_xyhbond_nbd_refined        ?      ?      ? ?    'X-RAY DIFFRACTION' ? 
r_xyhbond_nbd_other          ?      ?      ? ?    'X-RAY DIFFRACTION' ? 
r_metal_ion_refined          ?      ?      ? ?    'X-RAY DIFFRACTION' ? 
r_metal_ion_other            ?      ?      ? ?    'X-RAY DIFFRACTION' ? 
r_symmetry_vdw_refined       ?      ?      ? ?    'X-RAY DIFFRACTION' ? 
r_symmetry_vdw_other         ?      ?      ? ?    'X-RAY DIFFRACTION' ? 
r_symmetry_hbond_refined     ?      ?      ? ?    'X-RAY DIFFRACTION' ? 
r_symmetry_hbond_other       ?      ?      ? ?    'X-RAY DIFFRACTION' ? 
r_symmetry_metal_ion_refined ?      ?      ? ?    'X-RAY DIFFRACTION' ? 
r_symmetry_metal_ion_other   ?      ?      ? ?    'X-RAY DIFFRACTION' ? 
r_mcbond_it                  1.877  2.212  ? 900  'X-RAY DIFFRACTION' ? 
r_mcbond_other               1.884  2.191  ? 894  'X-RAY DIFFRACTION' ? 
r_mcangle_it                 3.348  3.262  ? 954  'X-RAY DIFFRACTION' ? 
r_mcangle_other              3.346  3.261  ? 955  'X-RAY DIFFRACTION' ? 
r_scbond_it                  2.588  2.723  ? 848  'X-RAY DIFFRACTION' ? 
r_scbond_other               2.588  2.721  ? 846  'X-RAY DIFFRACTION' ? 
r_scangle_it                 ?      ?      ? ?    'X-RAY DIFFRACTION' ? 
r_scangle_other              4.245  3.781  ? 1063 'X-RAY DIFFRACTION' ? 
r_long_range_B_refined       11.510 29.916 ? 1814 'X-RAY DIFFRACTION' ? 
r_long_range_B_other         11.508 29.988 ? 1815 'X-RAY DIFFRACTION' ? 
r_rigid_bond_restr           ?      ?      ? ?    'X-RAY DIFFRACTION' ? 
r_sphericity_free            ?      ?      ? ?    'X-RAY DIFFRACTION' ? 
r_sphericity_bonded          ?      ?      ? ?    'X-RAY DIFFRACTION' ? 
# 
_refine_ls_shell.pdbx_refine_id                   'X-RAY DIFFRACTION' 
_refine_ls_shell.pdbx_total_number_of_bins_used   20 
_refine_ls_shell.d_res_high                       1.280 
_refine_ls_shell.d_res_low                        1.313 
_refine_ls_shell.number_reflns_R_work             1933 
_refine_ls_shell.R_factor_R_work                  0.831 
_refine_ls_shell.percent_reflns_obs               67.19 
_refine_ls_shell.R_factor_R_free                  0.821 
_refine_ls_shell.R_factor_R_free_error            ? 
_refine_ls_shell.percent_reflns_R_free            ? 
_refine_ls_shell.number_reflns_R_free             121 
_refine_ls_shell.number_reflns_all                ? 
_refine_ls_shell.R_factor_all                     ? 
# 
_struct.entry_id                  7H32 
_struct.title                     
;Group deposition for crystallographic fragment screening of Coxsackievirus A16 (G-10) 2A protease -- Crystal structure of Coxsackievirus A16 (G-10) 2A protease in complex with Z1456069604 (A71EV2A-x0269)
;
_struct.pdbx_model_details        ? 
_struct.pdbx_CASP_flag            ? 
_struct.pdbx_model_type_details   ? 
# 
_struct_keywords.entry_id        7H32 
_struct_keywords.pdbx_keywords   HYDROLASE 
_struct_keywords.text            
;Diamond Light Source, I03, ASAP, Coxsackievirus A16, crystallographic fragment screening, PanDDA, Pandda2, XChemExplorer, viral protein, HYDROLASE
;
# 
loop_
_struct_asym.id 
_struct_asym.pdbx_blank_PDB_chainid_flag 
_struct_asym.pdbx_modified 
_struct_asym.entity_id 
_struct_asym.details 
A N N 1 ? 
B N N 2 ? 
C N N 3 ? 
D N N 4 ? 
E N N 4 ? 
F N N 4 ? 
G N N 5 ? 
H N N 6 ? 
# 
_struct_ref.id                         1 
_struct_ref.db_name                    UNP 
_struct_ref.db_code                    POLG_CX16G 
_struct_ref.pdbx_db_accession          Q65900 
_struct_ref.pdbx_db_isoform            ? 
_struct_ref.entity_id                  1 
_struct_ref.pdbx_seq_one_letter_code   
;SGAIYVGNYRVVNRHLATHNDWANLVWEDSSRDLLVSSTTAQGCDTIARCDCQTGVYYCSSRRKHYPVSFSKPSLIFVEA
SEYYPARYQSHLMLAVGHSEPGDCGGILRCQHGVVGIVSTGGNGLVGFADVRDLLWLDEEAMEQ
;
_struct_ref.pdbx_align_begin           869 
# 
_struct_ref_seq.align_id                      1 
_struct_ref_seq.ref_id                        1 
_struct_ref_seq.pdbx_PDB_id_code              7H32 
_struct_ref_seq.pdbx_strand_id                A 
_struct_ref_seq.seq_align_beg                 7 
_struct_ref_seq.pdbx_seq_align_beg_ins_code   ? 
_struct_ref_seq.seq_align_end                 150 
_struct_ref_seq.pdbx_seq_align_end_ins_code   ? 
_struct_ref_seq.pdbx_db_accession             Q65900 
_struct_ref_seq.db_align_beg                  869 
_struct_ref_seq.pdbx_db_align_beg_ins_code    ? 
_struct_ref_seq.db_align_end                  1012 
_struct_ref_seq.pdbx_db_align_end_ins_code    ? 
_struct_ref_seq.pdbx_auth_seq_align_beg       7 
_struct_ref_seq.pdbx_auth_seq_align_end       150 
# 
loop_
_struct_ref_seq_dif.align_id 
_struct_ref_seq_dif.pdbx_pdb_id_code 
_struct_ref_seq_dif.mon_id 
_struct_ref_seq_dif.pdbx_pdb_strand_id 
_struct_ref_seq_dif.seq_num 
_struct_ref_seq_dif.pdbx_pdb_ins_code 
_struct_ref_seq_dif.pdbx_seq_db_name 
_struct_ref_seq_dif.pdbx_seq_db_accession_code 
_struct_ref_seq_dif.db_mon_id 
_struct_ref_seq_dif.pdbx_seq_db_seq_num 
_struct_ref_seq_dif.details 
_struct_ref_seq_dif.pdbx_auth_seq_num 
_struct_ref_seq_dif.pdbx_ordinal 
1 7H32 GLN A 1 ? UNP Q65900 ? ? 'expression tag' 1 1 
1 7H32 GLU A 2 ? UNP Q65900 ? ? 'expression tag' 2 2 
1 7H32 GLN A 3 ? UNP Q65900 ? ? 'expression tag' 3 3 
1 7H32 THR A 4 ? UNP Q65900 ? ? 'expression tag' 4 4 
1 7H32 GLY A 5 ? UNP Q65900 ? ? 'expression tag' 5 5 
1 7H32 GLY A 6 ? UNP Q65900 ? ? 'expression tag' 6 6 
# 
_pdbx_struct_assembly.id                   1 
_pdbx_struct_assembly.details              author_and_software_defined_assembly 
_pdbx_struct_assembly.method_details       PISA 
_pdbx_struct_assembly.oligomeric_details   monomeric 
_pdbx_struct_assembly.oligomeric_count     1 
# 
loop_
_pdbx_struct_assembly_prop.biol_id 
_pdbx_struct_assembly_prop.type 
_pdbx_struct_assembly_prop.value 
_pdbx_struct_assembly_prop.details 
1 'ABSA (A^2)' 430  ? 
1 MORE         -2   ? 
1 'SSA (A^2)'  7490 ? 
# 
_pdbx_struct_assembly_gen.assembly_id       1 
_pdbx_struct_assembly_gen.oper_expression   1 
_pdbx_struct_assembly_gen.asym_id_list      A,B,C,D,E,F,G,H 
# 
_pdbx_struct_oper_list.id                   1 
_pdbx_struct_oper_list.type                 'identity operation' 
_pdbx_struct_oper_list.name                 1_555 
_pdbx_struct_oper_list.symmetry_operation   x,y,z 
_pdbx_struct_oper_list.matrix[1][1]         1.0000000000 
_pdbx_struct_oper_list.matrix[1][2]         0.0000000000 
_pdbx_struct_oper_list.matrix[1][3]         0.0000000000 
_pdbx_struct_oper_list.vector[1]            0.0000000000 
_pdbx_struct_oper_list.matrix[2][1]         0.0000000000 
_pdbx_struct_oper_list.matrix[2][2]         1.0000000000 
_pdbx_struct_oper_list.matrix[2][3]         0.0000000000 
_pdbx_struct_oper_list.vector[2]            0.0000000000 
_pdbx_struct_oper_list.matrix[3][1]         0.0000000000 
_pdbx_struct_oper_list.matrix[3][2]         0.0000000000 
_pdbx_struct_oper_list.matrix[3][3]         1.0000000000 
_pdbx_struct_oper_list.vector[3]            0.0000000000 
# 
loop_
_struct_conf.conf_type_id 
_struct_conf.id 
_struct_conf.pdbx_PDB_helix_id 
_struct_conf.beg_label_comp_id 
_struct_conf.beg_label_asym_id 
_struct_conf.beg_label_seq_id 
_struct_conf.pdbx_beg_PDB_ins_code 
_struct_conf.end_label_comp_id 
_struct_conf.end_label_asym_id 
_struct_conf.end_label_seq_id 
_struct_conf.pdbx_end_PDB_ins_code 
_struct_conf.beg_auth_comp_id 
_struct_conf.beg_auth_asym_id 
_struct_conf.beg_auth_seq_id 
_struct_conf.end_auth_comp_id 
_struct_conf.end_auth_asym_id 
_struct_conf.end_auth_seq_id 
_struct_conf.pdbx_PDB_helix_class 
_struct_conf.details 
_struct_conf.pdbx_PDB_helix_length 
HELX_P HELX_P1 AA1 HIS A 21  ? ALA A 23  ? HIS A 21  ALA A 23  5 ? 3 
HELX_P HELX_P2 AA2 THR A 24  ? ASN A 30  ? THR A 24  ASN A 30  1 ? 7 
HELX_P HELX_P3 AA3 SER A 36  ? ARG A 38  ? SER A 36  ARG A 38  5 ? 3 
HELX_P HELX_P4 AA4 SER A 66  ? ARG A 69  ? SER A 66  ARG A 69  5 ? 4 
HELX_P HELX_P5 AA5 GLU A 106 ? CYS A 110 ? GLU A 106 CYS A 110 5 ? 5 
HELX_P HELX_P6 AA6 LEU A 140 ? GLU A 145 ? LEU A 140 GLU A 145 5 ? 6 
# 
_struct_conf_type.id          HELX_P 
_struct_conf_type.criteria    ? 
_struct_conf_type.reference   ? 
# 
loop_
_struct_conn.id 
_struct_conn.conn_type_id 
_struct_conn.pdbx_leaving_atom_flag 
_struct_conn.pdbx_PDB_id 
_struct_conn.ptnr1_label_asym_id 
_struct_conn.ptnr1_label_comp_id 
_struct_conn.ptnr1_label_seq_id 
_struct_conn.ptnr1_label_atom_id 
_struct_conn.pdbx_ptnr1_label_alt_id 
_struct_conn.pdbx_ptnr1_PDB_ins_code 
_struct_conn.pdbx_ptnr1_standard_comp_id 
_struct_conn.ptnr1_symmetry 
_struct_conn.ptnr2_label_asym_id 
_struct_conn.ptnr2_label_comp_id 
_struct_conn.ptnr2_label_seq_id 
_struct_conn.ptnr2_label_atom_id 
_struct_conn.pdbx_ptnr2_label_alt_id 
_struct_conn.pdbx_ptnr2_PDB_ins_code 
_struct_conn.ptnr1_auth_asym_id 
_struct_conn.ptnr1_auth_comp_id 
_struct_conn.ptnr1_auth_seq_id 
_struct_conn.ptnr2_auth_asym_id 
_struct_conn.ptnr2_auth_comp_id 
_struct_conn.ptnr2_auth_seq_id 
_struct_conn.ptnr2_symmetry 
_struct_conn.pdbx_ptnr3_label_atom_id 
_struct_conn.pdbx_ptnr3_label_seq_id 
_struct_conn.pdbx_ptnr3_label_comp_id 
_struct_conn.pdbx_ptnr3_label_asym_id 
_struct_conn.pdbx_ptnr3_label_alt_id 
_struct_conn.pdbx_ptnr3_PDB_ins_code 
_struct_conn.details 
_struct_conn.pdbx_dist_value 
_struct_conn.pdbx_value_order 
_struct_conn.pdbx_role 
metalc1 metalc ? ? A CYS 56  SG  ? ? ? 1_555 C ZN . ZN ? ? A CYS 56  A ZN 202 1_555 ? ? ? ? ? ? ? 2.344 ? ? 
metalc2 metalc ? ? A CYS 58  SG  ? ? ? 1_555 C ZN . ZN ? ? A CYS 58  A ZN 202 1_555 ? ? ? ? ? ? ? 2.340 ? ? 
metalc3 metalc ? ? A CYS 116 SG  ? ? ? 1_555 C ZN . ZN ? ? A CYS 116 A ZN 202 1_555 ? ? ? ? ? ? ? 2.221 ? ? 
metalc4 metalc ? ? A HIS 118 ND1 ? ? ? 1_555 C ZN . ZN ? ? A HIS 118 A ZN 202 1_555 ? ? ? ? ? ? ? 1.998 ? ? 
# 
_struct_conn_type.id          metalc 
_struct_conn_type.criteria    ? 
_struct_conn_type.reference   ? 
# 
loop_
_pdbx_struct_conn_angle.id 
_pdbx_struct_conn_angle.ptnr1_label_atom_id 
_pdbx_struct_conn_angle.ptnr1_label_alt_id 
_pdbx_struct_conn_angle.ptnr1_label_asym_id 
_pdbx_struct_conn_angle.ptnr1_label_comp_id 
_pdbx_struct_conn_angle.ptnr1_label_seq_id 
_pdbx_struct_conn_angle.ptnr1_auth_atom_id 
_pdbx_struct_conn_angle.ptnr1_auth_asym_id 
_pdbx_struct_conn_angle.ptnr1_auth_comp_id 
_pdbx_struct_conn_angle.ptnr1_auth_seq_id 
_pdbx_struct_conn_angle.ptnr1_PDB_ins_code 
_pdbx_struct_conn_angle.ptnr1_symmetry 
_pdbx_struct_conn_angle.ptnr2_label_atom_id 
_pdbx_struct_conn_angle.ptnr2_label_alt_id 
_pdbx_struct_conn_angle.ptnr2_label_asym_id 
_pdbx_struct_conn_angle.ptnr2_label_comp_id 
_pdbx_struct_conn_angle.ptnr2_label_seq_id 
_pdbx_struct_conn_angle.ptnr2_auth_atom_id 
_pdbx_struct_conn_angle.ptnr2_auth_asym_id 
_pdbx_struct_conn_angle.ptnr2_auth_comp_id 
_pdbx_struct_conn_angle.ptnr2_auth_seq_id 
_pdbx_struct_conn_angle.ptnr2_PDB_ins_code 
_pdbx_struct_conn_angle.ptnr2_symmetry 
_pdbx_struct_conn_angle.ptnr3_label_atom_id 
_pdbx_struct_conn_angle.ptnr3_label_alt_id 
_pdbx_struct_conn_angle.ptnr3_label_asym_id 
_pdbx_struct_conn_angle.ptnr3_label_comp_id 
_pdbx_struct_conn_angle.ptnr3_label_seq_id 
_pdbx_struct_conn_angle.ptnr3_auth_atom_id 
_pdbx_struct_conn_angle.ptnr3_auth_asym_id 
_pdbx_struct_conn_angle.ptnr3_auth_comp_id 
_pdbx_struct_conn_angle.ptnr3_auth_seq_id 
_pdbx_struct_conn_angle.ptnr3_PDB_ins_code 
_pdbx_struct_conn_angle.ptnr3_symmetry 
_pdbx_struct_conn_angle.value 
_pdbx_struct_conn_angle.value_esd 
1 SG ? A CYS 56  ? A CYS 56  ? 1_555 ZN ? C ZN . ? A ZN 202 ? 1_555 SG  ? A CYS 58  ? A CYS 58  ? 1_555 106.4 ? 
2 SG ? A CYS 56  ? A CYS 56  ? 1_555 ZN ? C ZN . ? A ZN 202 ? 1_555 SG  ? A CYS 116 ? A CYS 116 ? 1_555 108.8 ? 
3 SG ? A CYS 58  ? A CYS 58  ? 1_555 ZN ? C ZN . ? A ZN 202 ? 1_555 SG  ? A CYS 116 ? A CYS 116 ? 1_555 121.4 ? 
4 SG ? A CYS 56  ? A CYS 56  ? 1_555 ZN ? C ZN . ? A ZN 202 ? 1_555 ND1 ? A HIS 118 ? A HIS 118 ? 1_555 102.4 ? 
5 SG ? A CYS 58  ? A CYS 58  ? 1_555 ZN ? C ZN . ? A ZN 202 ? 1_555 ND1 ? A HIS 118 ? A HIS 118 ? 1_555 98.5  ? 
6 SG ? A CYS 116 ? A CYS 116 ? 1_555 ZN ? C ZN . ? A ZN 202 ? 1_555 ND1 ? A HIS 118 ? A HIS 118 ? 1_555 117.3 ? 
# 
loop_
_struct_sheet.id 
_struct_sheet.type 
_struct_sheet.number_strands 
_struct_sheet.details 
AA1 ? 3 ? 
AA2 ? 7 ? 
# 
loop_
_struct_sheet_order.sheet_id 
_struct_sheet_order.range_id_1 
_struct_sheet_order.range_id_2 
_struct_sheet_order.offset 
_struct_sheet_order.sense 
AA1 1 2 ? anti-parallel 
AA1 2 3 ? anti-parallel 
AA2 1 2 ? anti-parallel 
AA2 2 3 ? anti-parallel 
AA2 3 4 ? anti-parallel 
AA2 4 5 ? anti-parallel 
AA2 5 6 ? anti-parallel 
AA2 6 7 ? anti-parallel 
# 
loop_
_struct_sheet_range.sheet_id 
_struct_sheet_range.id 
_struct_sheet_range.beg_label_comp_id 
_struct_sheet_range.beg_label_asym_id 
_struct_sheet_range.beg_label_seq_id 
_struct_sheet_range.pdbx_beg_PDB_ins_code 
_struct_sheet_range.end_label_comp_id 
_struct_sheet_range.end_label_asym_id 
_struct_sheet_range.end_label_seq_id 
_struct_sheet_range.pdbx_end_PDB_ins_code 
_struct_sheet_range.beg_auth_comp_id 
_struct_sheet_range.beg_auth_asym_id 
_struct_sheet_range.beg_auth_seq_id 
_struct_sheet_range.end_auth_comp_id 
_struct_sheet_range.end_auth_asym_id 
_struct_sheet_range.end_auth_seq_id 
AA1 1 LEU A 31  ? ASP A 35  ? LEU A 31  ASP A 35  
AA1 2 LEU A 40  ? CYS A 50  ? LEU A 40  CYS A 50  
AA1 3 ILE A 10  ? ASN A 19  ? ILE A 10  ASN A 19  
AA2 1 LYS A 70  ? SER A 75  ? LYS A 70  SER A 75  
AA2 2 THR A 60  ? CYS A 65  ? THR A 60  CYS A 65  
AA2 3 ILE A 113 ? CYS A 116 ? ILE A 113 CYS A 116 
AA2 4 GLY A 119 ? GLY A 128 ? GLY A 119 GLY A 128 
AA2 5 LEU A 131 ? ASP A 136 ? LEU A 131 ASP A 136 
AA2 6 ARG A 93  ? VAL A 102 ? ARG A 93  VAL A 102 
AA2 7 SER A 80  ? VAL A 84  ? SER A 80  VAL A 84  
# 
loop_
_pdbx_struct_sheet_hbond.sheet_id 
_pdbx_struct_sheet_hbond.range_id_1 
_pdbx_struct_sheet_hbond.range_id_2 
_pdbx_struct_sheet_hbond.range_1_label_atom_id 
_pdbx_struct_sheet_hbond.range_1_label_comp_id 
_pdbx_struct_sheet_hbond.range_1_label_asym_id 
_pdbx_struct_sheet_hbond.range_1_label_seq_id 
_pdbx_struct_sheet_hbond.range_1_PDB_ins_code 
_pdbx_struct_sheet_hbond.range_1_auth_atom_id 
_pdbx_struct_sheet_hbond.range_1_auth_comp_id 
_pdbx_struct_sheet_hbond.range_1_auth_asym_id 
_pdbx_struct_sheet_hbond.range_1_auth_seq_id 
_pdbx_struct_sheet_hbond.range_2_label_atom_id 
_pdbx_struct_sheet_hbond.range_2_label_comp_id 
_pdbx_struct_sheet_hbond.range_2_label_asym_id 
_pdbx_struct_sheet_hbond.range_2_label_seq_id 
_pdbx_struct_sheet_hbond.range_2_PDB_ins_code 
_pdbx_struct_sheet_hbond.range_2_auth_atom_id 
_pdbx_struct_sheet_hbond.range_2_auth_comp_id 
_pdbx_struct_sheet_hbond.range_2_auth_asym_id 
_pdbx_struct_sheet_hbond.range_2_auth_seq_id 
AA1 1 2 N TRP A 33  ? N TRP A 33  O VAL A 42  ? O VAL A 42  
AA1 2 3 N GLY A 49  ? N GLY A 49  O GLY A 13  ? O GLY A 13  
AA2 1 2 O LYS A 70  ? O LYS A 70  N CYS A 65  ? N CYS A 65  
AA2 2 3 N VAL A 62  ? N VAL A 62  O ARG A 115 ? O ARG A 115 
AA2 3 4 N LEU A 114 ? N LEU A 114 O VAL A 121 ? O VAL A 121 
AA2 4 5 N SER A 125 ? N SER A 125 O GLY A 133 ? O GLY A 133 
AA2 5 6 O PHE A 134 ? O PHE A 134 N MET A 99  ? N MET A 99  
AA2 6 7 O GLN A 95  ? O GLN A 95  N ILE A 82  ? N ILE A 82  
# 
_pdbx_entry_details.entry_id                   7H32 
_pdbx_entry_details.compound_details           ? 
_pdbx_entry_details.source_details             ? 
_pdbx_entry_details.nonpolymer_details         ? 
_pdbx_entry_details.sequence_details           ? 
_pdbx_entry_details.has_ligand_of_interest     ? 
_pdbx_entry_details.has_protein_modification   N 
# 
loop_
_pdbx_validate_close_contact.id 
_pdbx_validate_close_contact.PDB_model_num 
_pdbx_validate_close_contact.auth_atom_id_1 
_pdbx_validate_close_contact.auth_asym_id_1 
_pdbx_validate_close_contact.auth_comp_id_1 
_pdbx_validate_close_contact.auth_seq_id_1 
_pdbx_validate_close_contact.PDB_ins_code_1 
_pdbx_validate_close_contact.label_alt_id_1 
_pdbx_validate_close_contact.auth_atom_id_2 
_pdbx_validate_close_contact.auth_asym_id_2 
_pdbx_validate_close_contact.auth_comp_id_2 
_pdbx_validate_close_contact.auth_seq_id_2 
_pdbx_validate_close_contact.PDB_ins_code_2 
_pdbx_validate_close_contact.label_alt_id_2 
_pdbx_validate_close_contact.dist 
1  1 O   A HOH 471 ? ? O A HOH 484 ? ? 1.52 
2  1 O   A HOH 459 ? ? O A HOH 494 ? ? 2.01 
3  1 O   A GLY 49  ? ? O A HOH 301 ? ? 2.01 
4  1 O   A HOH 464 ? ? O A HOH 493 ? ? 2.04 
5  1 O   A HOH 448 ? ? O A HOH 494 ? ? 2.06 
6  1 O   A HOH 323 ? ? O A HOH 367 ? ? 2.06 
7  1 O   A HOH 412 ? ? O A HOH 490 ? ? 2.10 
8  1 NE  A ARG 93  ? ? O A HOH 302 ? ? 2.10 
9  1 OE1 A GLU 106 ? ? O A HOH 303 ? ? 2.10 
10 1 O   A HOH 518 ? ? O A HOH 522 ? ? 2.16 
# 
_pdbx_validate_symm_contact.id                1 
_pdbx_validate_symm_contact.PDB_model_num     1 
_pdbx_validate_symm_contact.auth_atom_id_1    O 
_pdbx_validate_symm_contact.auth_asym_id_1    A 
_pdbx_validate_symm_contact.auth_comp_id_1    HOH 
_pdbx_validate_symm_contact.auth_seq_id_1     362 
_pdbx_validate_symm_contact.PDB_ins_code_1    ? 
_pdbx_validate_symm_contact.label_alt_id_1    ? 
_pdbx_validate_symm_contact.site_symmetry_1   1_555 
_pdbx_validate_symm_contact.auth_atom_id_2    O 
_pdbx_validate_symm_contact.auth_asym_id_2    A 
_pdbx_validate_symm_contact.auth_comp_id_2    HOH 
_pdbx_validate_symm_contact.auth_seq_id_2     362 
_pdbx_validate_symm_contact.PDB_ins_code_2    ? 
_pdbx_validate_symm_contact.label_alt_id_2    ? 
_pdbx_validate_symm_contact.site_symmetry_2   2_556 
_pdbx_validate_symm_contact.dist              1.67 
# 
loop_
_pdbx_validate_rmsd_angle.id 
_pdbx_validate_rmsd_angle.PDB_model_num 
_pdbx_validate_rmsd_angle.auth_atom_id_1 
_pdbx_validate_rmsd_angle.auth_asym_id_1 
_pdbx_validate_rmsd_angle.auth_comp_id_1 
_pdbx_validate_rmsd_angle.auth_seq_id_1 
_pdbx_validate_rmsd_angle.PDB_ins_code_1 
_pdbx_validate_rmsd_angle.label_alt_id_1 
_pdbx_validate_rmsd_angle.auth_atom_id_2 
_pdbx_validate_rmsd_angle.auth_asym_id_2 
_pdbx_validate_rmsd_angle.auth_comp_id_2 
_pdbx_validate_rmsd_angle.auth_seq_id_2 
_pdbx_validate_rmsd_angle.PDB_ins_code_2 
_pdbx_validate_rmsd_angle.label_alt_id_2 
_pdbx_validate_rmsd_angle.auth_atom_id_3 
_pdbx_validate_rmsd_angle.auth_asym_id_3 
_pdbx_validate_rmsd_angle.auth_comp_id_3 
_pdbx_validate_rmsd_angle.auth_seq_id_3 
_pdbx_validate_rmsd_angle.PDB_ins_code_3 
_pdbx_validate_rmsd_angle.label_alt_id_3 
_pdbx_validate_rmsd_angle.angle_value 
_pdbx_validate_rmsd_angle.angle_target_value 
_pdbx_validate_rmsd_angle.angle_deviation 
_pdbx_validate_rmsd_angle.angle_standard_deviation 
_pdbx_validate_rmsd_angle.linker_flag 
1 1 CB A THR 52  ? ? CA A THR 52  ? ? C   A THR 52  ? ? 94.95  111.60 -16.65 2.70 N 
2 1 CB A ARG 115 ? ? CA A ARG 115 ? ? C   A ARG 115 ? ? 95.83  110.40 -14.57 2.00 N 
3 1 NE A ARG 115 ? ? CZ A ARG 115 ? ? NH2 A ARG 115 ? ? 115.09 120.30 -5.21  0.50 N 
# 
loop_
_pdbx_validate_torsion.id 
_pdbx_validate_torsion.PDB_model_num 
_pdbx_validate_torsion.auth_comp_id 
_pdbx_validate_torsion.auth_asym_id 
_pdbx_validate_torsion.auth_seq_id 
_pdbx_validate_torsion.PDB_ins_code 
_pdbx_validate_torsion.label_alt_id 
_pdbx_validate_torsion.phi 
_pdbx_validate_torsion.psi 
1 1 ARG A 69  ? ? 39.10   49.17  
2 1 GLU A 88  ? ? -48.48  0.83   
3 1 TYR A 89  ? ? -143.07 -25.13 
4 1 SER A 125 ? ? -133.47 -31.23 
# 
loop_
_pdbx_distant_solvent_atoms.id 
_pdbx_distant_solvent_atoms.PDB_model_num 
_pdbx_distant_solvent_atoms.auth_atom_id 
_pdbx_distant_solvent_atoms.label_alt_id 
_pdbx_distant_solvent_atoms.auth_asym_id 
_pdbx_distant_solvent_atoms.auth_comp_id 
_pdbx_distant_solvent_atoms.auth_seq_id 
_pdbx_distant_solvent_atoms.PDB_ins_code 
_pdbx_distant_solvent_atoms.neighbor_macromolecule_distance 
_pdbx_distant_solvent_atoms.neighbor_ligand_distance 
1 1 O ? A HOH 532 ? 5.96 . 
2 1 O ? A HOH 533 ? 7.47 . 
# 
loop_
_pdbx_unobs_or_zero_occ_residues.id 
_pdbx_unobs_or_zero_occ_residues.PDB_model_num 
_pdbx_unobs_or_zero_occ_residues.polymer_flag 
_pdbx_unobs_or_zero_occ_residues.occupancy_flag 
_pdbx_unobs_or_zero_occ_residues.auth_asym_id 
_pdbx_unobs_or_zero_occ_residues.auth_comp_id 
_pdbx_unobs_or_zero_occ_residues.auth_seq_id 
_pdbx_unobs_or_zero_occ_residues.PDB_ins_code 
_pdbx_unobs_or_zero_occ_residues.label_asym_id 
_pdbx_unobs_or_zero_occ_residues.label_comp_id 
_pdbx_unobs_or_zero_occ_residues.label_seq_id 
1  1 Y 1 A GLN 1   ? A GLN 1   
2  1 Y 1 A GLU 2   ? A GLU 2   
3  1 Y 1 A GLN 3   ? A GLN 3   
4  1 Y 1 A THR 4   ? A THR 4   
5  1 Y 1 A GLY 5   ? A GLY 5   
6  1 Y 1 A GLY 6   ? A GLY 6   
7  1 Y 1 A ALA 147 ? A ALA 147 
8  1 Y 1 A MET 148 ? A MET 148 
9  1 Y 1 A GLU 149 ? A GLU 149 
10 1 Y 1 A GLN 150 ? A GLN 150 
# 
loop_
_chem_comp_atom.comp_id 
_chem_comp_atom.atom_id 
_chem_comp_atom.type_symbol 
_chem_comp_atom.pdbx_aromatic_flag 
_chem_comp_atom.pdbx_stereo_config 
_chem_comp_atom.pdbx_ordinal 
89W C10  C  Y N 1   
89W C13  C  Y N 2   
89W C15  C  Y N 3   
89W O01  O  N N 4   
89W C02  C  N N 5   
89W N03  N  N N 6   
89W C04  C  N R 7   
89W C05  C  N N 8   
89W C06  C  N N 9   
89W C07  C  N N 10  
89W N08  N  N N 11  
89W C09  C  N N 12  
89W C11  C  Y N 13  
89W C12  C  Y N 14  
89W C14  C  Y N 15  
89W H1   H  N N 16  
89W H2   H  N N 17  
89W H3   H  N N 18  
89W H4   H  N N 19  
89W H5   H  N N 20  
89W H6   H  N N 21  
89W H7   H  N N 22  
89W H8   H  N N 23  
89W H9   H  N N 24  
89W H10  H  N N 25  
89W H11  H  N N 26  
89W H13  H  N N 27  
89W H14  H  N N 28  
89W H15  H  N N 29  
89W H16  H  N N 30  
89W H17  H  N N 31  
ALA N    N  N N 32  
ALA CA   C  N S 33  
ALA C    C  N N 34  
ALA O    O  N N 35  
ALA CB   C  N N 36  
ALA OXT  O  N N 37  
ALA H    H  N N 38  
ALA H2   H  N N 39  
ALA HA   H  N N 40  
ALA HB1  H  N N 41  
ALA HB2  H  N N 42  
ALA HB3  H  N N 43  
ALA HXT  H  N N 44  
ARG N    N  N N 45  
ARG CA   C  N S 46  
ARG C    C  N N 47  
ARG O    O  N N 48  
ARG CB   C  N N 49  
ARG CG   C  N N 50  
ARG CD   C  N N 51  
ARG NE   N  N N 52  
ARG CZ   C  N N 53  
ARG NH1  N  N N 54  
ARG NH2  N  N N 55  
ARG OXT  O  N N 56  
ARG H    H  N N 57  
ARG H2   H  N N 58  
ARG HA   H  N N 59  
ARG HB2  H  N N 60  
ARG HB3  H  N N 61  
ARG HG2  H  N N 62  
ARG HG3  H  N N 63  
ARG HD2  H  N N 64  
ARG HD3  H  N N 65  
ARG HE   H  N N 66  
ARG HH11 H  N N 67  
ARG HH12 H  N N 68  
ARG HH21 H  N N 69  
ARG HH22 H  N N 70  
ARG HXT  H  N N 71  
ASN N    N  N N 72  
ASN CA   C  N S 73  
ASN C    C  N N 74  
ASN O    O  N N 75  
ASN CB   C  N N 76  
ASN CG   C  N N 77  
ASN OD1  O  N N 78  
ASN ND2  N  N N 79  
ASN OXT  O  N N 80  
ASN H    H  N N 81  
ASN H2   H  N N 82  
ASN HA   H  N N 83  
ASN HB2  H  N N 84  
ASN HB3  H  N N 85  
ASN HD21 H  N N 86  
ASN HD22 H  N N 87  
ASN HXT  H  N N 88  
ASP N    N  N N 89  
ASP CA   C  N S 90  
ASP C    C  N N 91  
ASP O    O  N N 92  
ASP CB   C  N N 93  
ASP CG   C  N N 94  
ASP OD1  O  N N 95  
ASP OD2  O  N N 96  
ASP OXT  O  N N 97  
ASP H    H  N N 98  
ASP H2   H  N N 99  
ASP HA   H  N N 100 
ASP HB2  H  N N 101 
ASP HB3  H  N N 102 
ASP HD2  H  N N 103 
ASP HXT  H  N N 104 
CYS N    N  N N 105 
CYS CA   C  N R 106 
CYS C    C  N N 107 
CYS O    O  N N 108 
CYS CB   C  N N 109 
CYS SG   S  N N 110 
CYS OXT  O  N N 111 
CYS H    H  N N 112 
CYS H2   H  N N 113 
CYS HA   H  N N 114 
CYS HB2  H  N N 115 
CYS HB3  H  N N 116 
CYS HG   H  N N 117 
CYS HXT  H  N N 118 
DMS S    S  N N 119 
DMS O    O  N N 120 
DMS C1   C  N N 121 
DMS C2   C  N N 122 
DMS H11  H  N N 123 
DMS H12  H  N N 124 
DMS H13  H  N N 125 
DMS H21  H  N N 126 
DMS H22  H  N N 127 
DMS H23  H  N N 128 
GLN N    N  N N 129 
GLN CA   C  N S 130 
GLN C    C  N N 131 
GLN O    O  N N 132 
GLN CB   C  N N 133 
GLN CG   C  N N 134 
GLN CD   C  N N 135 
GLN OE1  O  N N 136 
GLN NE2  N  N N 137 
GLN OXT  O  N N 138 
GLN H    H  N N 139 
GLN H2   H  N N 140 
GLN HA   H  N N 141 
GLN HB2  H  N N 142 
GLN HB3  H  N N 143 
GLN HG2  H  N N 144 
GLN HG3  H  N N 145 
GLN HE21 H  N N 146 
GLN HE22 H  N N 147 
GLN HXT  H  N N 148 
GLU N    N  N N 149 
GLU CA   C  N S 150 
GLU C    C  N N 151 
GLU O    O  N N 152 
GLU CB   C  N N 153 
GLU CG   C  N N 154 
GLU CD   C  N N 155 
GLU OE1  O  N N 156 
GLU OE2  O  N N 157 
GLU OXT  O  N N 158 
GLU H    H  N N 159 
GLU H2   H  N N 160 
GLU HA   H  N N 161 
GLU HB2  H  N N 162 
GLU HB3  H  N N 163 
GLU HG2  H  N N 164 
GLU HG3  H  N N 165 
GLU HE2  H  N N 166 
GLU HXT  H  N N 167 
GLY N    N  N N 168 
GLY CA   C  N N 169 
GLY C    C  N N 170 
GLY O    O  N N 171 
GLY OXT  O  N N 172 
GLY H    H  N N 173 
GLY H2   H  N N 174 
GLY HA2  H  N N 175 
GLY HA3  H  N N 176 
GLY HXT  H  N N 177 
HIS N    N  N N 178 
HIS CA   C  N S 179 
HIS C    C  N N 180 
HIS O    O  N N 181 
HIS CB   C  N N 182 
HIS CG   C  Y N 183 
HIS ND1  N  Y N 184 
HIS CD2  C  Y N 185 
HIS CE1  C  Y N 186 
HIS NE2  N  Y N 187 
HIS OXT  O  N N 188 
HIS H    H  N N 189 
HIS H2   H  N N 190 
HIS HA   H  N N 191 
HIS HB2  H  N N 192 
HIS HB3  H  N N 193 
HIS HD1  H  N N 194 
HIS HD2  H  N N 195 
HIS HE1  H  N N 196 
HIS HE2  H  N N 197 
HIS HXT  H  N N 198 
HOH O    O  N N 199 
HOH H1   H  N N 200 
HOH H2   H  N N 201 
ILE N    N  N N 202 
ILE CA   C  N S 203 
ILE C    C  N N 204 
ILE O    O  N N 205 
ILE CB   C  N S 206 
ILE CG1  C  N N 207 
ILE CG2  C  N N 208 
ILE CD1  C  N N 209 
ILE OXT  O  N N 210 
ILE H    H  N N 211 
ILE H2   H  N N 212 
ILE HA   H  N N 213 
ILE HB   H  N N 214 
ILE HG12 H  N N 215 
ILE HG13 H  N N 216 
ILE HG21 H  N N 217 
ILE HG22 H  N N 218 
ILE HG23 H  N N 219 
ILE HD11 H  N N 220 
ILE HD12 H  N N 221 
ILE HD13 H  N N 222 
ILE HXT  H  N N 223 
LEU N    N  N N 224 
LEU CA   C  N S 225 
LEU C    C  N N 226 
LEU O    O  N N 227 
LEU CB   C  N N 228 
LEU CG   C  N N 229 
LEU CD1  C  N N 230 
LEU CD2  C  N N 231 
LEU OXT  O  N N 232 
LEU H    H  N N 233 
LEU H2   H  N N 234 
LEU HA   H  N N 235 
LEU HB2  H  N N 236 
LEU HB3  H  N N 237 
LEU HG   H  N N 238 
LEU HD11 H  N N 239 
LEU HD12 H  N N 240 
LEU HD13 H  N N 241 
LEU HD21 H  N N 242 
LEU HD22 H  N N 243 
LEU HD23 H  N N 244 
LEU HXT  H  N N 245 
LYS N    N  N N 246 
LYS CA   C  N S 247 
LYS C    C  N N 248 
LYS O    O  N N 249 
LYS CB   C  N N 250 
LYS CG   C  N N 251 
LYS CD   C  N N 252 
LYS CE   C  N N 253 
LYS NZ   N  N N 254 
LYS OXT  O  N N 255 
LYS H    H  N N 256 
LYS H2   H  N N 257 
LYS HA   H  N N 258 
LYS HB2  H  N N 259 
LYS HB3  H  N N 260 
LYS HG2  H  N N 261 
LYS HG3  H  N N 262 
LYS HD2  H  N N 263 
LYS HD3  H  N N 264 
LYS HE2  H  N N 265 
LYS HE3  H  N N 266 
LYS HZ1  H  N N 267 
LYS HZ2  H  N N 268 
LYS HZ3  H  N N 269 
LYS HXT  H  N N 270 
MET N    N  N N 271 
MET CA   C  N S 272 
MET C    C  N N 273 
MET O    O  N N 274 
MET CB   C  N N 275 
MET CG   C  N N 276 
MET SD   S  N N 277 
MET CE   C  N N 278 
MET OXT  O  N N 279 
MET H    H  N N 280 
MET H2   H  N N 281 
MET HA   H  N N 282 
MET HB2  H  N N 283 
MET HB3  H  N N 284 
MET HG2  H  N N 285 
MET HG3  H  N N 286 
MET HE1  H  N N 287 
MET HE2  H  N N 288 
MET HE3  H  N N 289 
MET HXT  H  N N 290 
PHE N    N  N N 291 
PHE CA   C  N S 292 
PHE C    C  N N 293 
PHE O    O  N N 294 
PHE CB   C  N N 295 
PHE CG   C  Y N 296 
PHE CD1  C  Y N 297 
PHE CD2  C  Y N 298 
PHE CE1  C  Y N 299 
PHE CE2  C  Y N 300 
PHE CZ   C  Y N 301 
PHE OXT  O  N N 302 
PHE H    H  N N 303 
PHE H2   H  N N 304 
PHE HA   H  N N 305 
PHE HB2  H  N N 306 
PHE HB3  H  N N 307 
PHE HD1  H  N N 308 
PHE HD2  H  N N 309 
PHE HE1  H  N N 310 
PHE HE2  H  N N 311 
PHE HZ   H  N N 312 
PHE HXT  H  N N 313 
PRO N    N  N N 314 
PRO CA   C  N S 315 
PRO C    C  N N 316 
PRO O    O  N N 317 
PRO CB   C  N N 318 
PRO CG   C  N N 319 
PRO CD   C  N N 320 
PRO OXT  O  N N 321 
PRO H    H  N N 322 
PRO HA   H  N N 323 
PRO HB2  H  N N 324 
PRO HB3  H  N N 325 
PRO HG2  H  N N 326 
PRO HG3  H  N N 327 
PRO HD2  H  N N 328 
PRO HD3  H  N N 329 
PRO HXT  H  N N 330 
SER N    N  N N 331 
SER CA   C  N S 332 
SER C    C  N N 333 
SER O    O  N N 334 
SER CB   C  N N 335 
SER OG   O  N N 336 
SER OXT  O  N N 337 
SER H    H  N N 338 
SER H2   H  N N 339 
SER HA   H  N N 340 
SER HB2  H  N N 341 
SER HB3  H  N N 342 
SER HG   H  N N 343 
SER HXT  H  N N 344 
SO4 S    S  N N 345 
SO4 O1   O  N N 346 
SO4 O2   O  N N 347 
SO4 O3   O  N N 348 
SO4 O4   O  N N 349 
THR N    N  N N 350 
THR CA   C  N S 351 
THR C    C  N N 352 
THR O    O  N N 353 
THR CB   C  N R 354 
THR OG1  O  N N 355 
THR CG2  C  N N 356 
THR OXT  O  N N 357 
THR H    H  N N 358 
THR H2   H  N N 359 
THR HA   H  N N 360 
THR HB   H  N N 361 
THR HG1  H  N N 362 
THR HG21 H  N N 363 
THR HG22 H  N N 364 
THR HG23 H  N N 365 
THR HXT  H  N N 366 
TRP N    N  N N 367 
TRP CA   C  N S 368 
TRP C    C  N N 369 
TRP O    O  N N 370 
TRP CB   C  N N 371 
TRP CG   C  Y N 372 
TRP CD1  C  Y N 373 
TRP CD2  C  Y N 374 
TRP NE1  N  Y N 375 
TRP CE2  C  Y N 376 
TRP CE3  C  Y N 377 
TRP CZ2  C  Y N 378 
TRP CZ3  C  Y N 379 
TRP CH2  C  Y N 380 
TRP OXT  O  N N 381 
TRP H    H  N N 382 
TRP H2   H  N N 383 
TRP HA   H  N N 384 
TRP HB2  H  N N 385 
TRP HB3  H  N N 386 
TRP HD1  H  N N 387 
TRP HE1  H  N N 388 
TRP HE3  H  N N 389 
TRP HZ2  H  N N 390 
TRP HZ3  H  N N 391 
TRP HH2  H  N N 392 
TRP HXT  H  N N 393 
TYR N    N  N N 394 
TYR CA   C  N S 395 
TYR C    C  N N 396 
TYR O    O  N N 397 
TYR CB   C  N N 398 
TYR CG   C  Y N 399 
TYR CD1  C  Y N 400 
TYR CD2  C  Y N 401 
TYR CE1  C  Y N 402 
TYR CE2  C  Y N 403 
TYR CZ   C  Y N 404 
TYR OH   O  N N 405 
TYR OXT  O  N N 406 
TYR H    H  N N 407 
TYR H2   H  N N 408 
TYR HA   H  N N 409 
TYR HB2  H  N N 410 
TYR HB3  H  N N 411 
TYR HD1  H  N N 412 
TYR HD2  H  N N 413 
TYR HE1  H  N N 414 
TYR HE2  H  N N 415 
TYR HH   H  N N 416 
TYR HXT  H  N N 417 
VAL N    N  N N 418 
VAL CA   C  N S 419 
VAL C    C  N N 420 
VAL O    O  N N 421 
VAL CB   C  N N 422 
VAL CG1  C  N N 423 
VAL CG2  C  N N 424 
VAL OXT  O  N N 425 
VAL H    H  N N 426 
VAL H2   H  N N 427 
VAL HA   H  N N 428 
VAL HB   H  N N 429 
VAL HG11 H  N N 430 
VAL HG12 H  N N 431 
VAL HG13 H  N N 432 
VAL HG21 H  N N 433 
VAL HG22 H  N N 434 
VAL HG23 H  N N 435 
VAL HXT  H  N N 436 
ZN  ZN   ZN N N 437 
# 
loop_
_chem_comp_bond.comp_id 
_chem_comp_bond.atom_id_1 
_chem_comp_bond.atom_id_2 
_chem_comp_bond.value_order 
_chem_comp_bond.pdbx_aromatic_flag 
_chem_comp_bond.pdbx_stereo_config 
_chem_comp_bond.pdbx_ordinal 
89W C07 C06  sing N N 1   
89W C07 N08  sing N N 2   
89W C06 C05  sing N N 3   
89W N08 C09  sing N N 4   
89W C05 C04  sing N N 5   
89W C09 C04  sing N N 6   
89W C04 N03  sing N N 7   
89W N03 C02  sing N N 8   
89W O01 C02  doub N N 9   
89W C02 C10  sing N N 10  
89W C10 C15  doub Y N 11  
89W C10 C11  sing Y N 12  
89W C15 C14  sing Y N 13  
89W C11 C12  doub Y N 14  
89W C14 C13  doub Y N 15  
89W C12 C13  sing Y N 16  
89W C13 H1   sing N N 17  
89W C15 H2   sing N N 18  
89W N03 H3   sing N N 19  
89W C04 H4   sing N N 20  
89W C05 H5   sing N N 21  
89W C05 H6   sing N N 22  
89W C06 H7   sing N N 23  
89W C06 H8   sing N N 24  
89W C07 H9   sing N N 25  
89W C07 H10  sing N N 26  
89W N08 H11  sing N N 27  
89W C09 H13  sing N N 28  
89W C09 H14  sing N N 29  
89W C11 H15  sing N N 30  
89W C12 H16  sing N N 31  
89W C14 H17  sing N N 32  
ALA N   CA   sing N N 33  
ALA N   H    sing N N 34  
ALA N   H2   sing N N 35  
ALA CA  C    sing N N 36  
ALA CA  CB   sing N N 37  
ALA CA  HA   sing N N 38  
ALA C   O    doub N N 39  
ALA C   OXT  sing N N 40  
ALA CB  HB1  sing N N 41  
ALA CB  HB2  sing N N 42  
ALA CB  HB3  sing N N 43  
ALA OXT HXT  sing N N 44  
ARG N   CA   sing N N 45  
ARG N   H    sing N N 46  
ARG N   H2   sing N N 47  
ARG CA  C    sing N N 48  
ARG CA  CB   sing N N 49  
ARG CA  HA   sing N N 50  
ARG C   O    doub N N 51  
ARG C   OXT  sing N N 52  
ARG CB  CG   sing N N 53  
ARG CB  HB2  sing N N 54  
ARG CB  HB3  sing N N 55  
ARG CG  CD   sing N N 56  
ARG CG  HG2  sing N N 57  
ARG CG  HG3  sing N N 58  
ARG CD  NE   sing N N 59  
ARG CD  HD2  sing N N 60  
ARG CD  HD3  sing N N 61  
ARG NE  CZ   sing N N 62  
ARG NE  HE   sing N N 63  
ARG CZ  NH1  sing N N 64  
ARG CZ  NH2  doub N N 65  
ARG NH1 HH11 sing N N 66  
ARG NH1 HH12 sing N N 67  
ARG NH2 HH21 sing N N 68  
ARG NH2 HH22 sing N N 69  
ARG OXT HXT  sing N N 70  
ASN N   CA   sing N N 71  
ASN N   H    sing N N 72  
ASN N   H2   sing N N 73  
ASN CA  C    sing N N 74  
ASN CA  CB   sing N N 75  
ASN CA  HA   sing N N 76  
ASN C   O    doub N N 77  
ASN C   OXT  sing N N 78  
ASN CB  CG   sing N N 79  
ASN CB  HB2  sing N N 80  
ASN CB  HB3  sing N N 81  
ASN CG  OD1  doub N N 82  
ASN CG  ND2  sing N N 83  
ASN ND2 HD21 sing N N 84  
ASN ND2 HD22 sing N N 85  
ASN OXT HXT  sing N N 86  
ASP N   CA   sing N N 87  
ASP N   H    sing N N 88  
ASP N   H2   sing N N 89  
ASP CA  C    sing N N 90  
ASP CA  CB   sing N N 91  
ASP CA  HA   sing N N 92  
ASP C   O    doub N N 93  
ASP C   OXT  sing N N 94  
ASP CB  CG   sing N N 95  
ASP CB  HB2  sing N N 96  
ASP CB  HB3  sing N N 97  
ASP CG  OD1  doub N N 98  
ASP CG  OD2  sing N N 99  
ASP OD2 HD2  sing N N 100 
ASP OXT HXT  sing N N 101 
CYS N   CA   sing N N 102 
CYS N   H    sing N N 103 
CYS N   H2   sing N N 104 
CYS CA  C    sing N N 105 
CYS CA  CB   sing N N 106 
CYS CA  HA   sing N N 107 
CYS C   O    doub N N 108 
CYS C   OXT  sing N N 109 
CYS CB  SG   sing N N 110 
CYS CB  HB2  sing N N 111 
CYS CB  HB3  sing N N 112 
CYS SG  HG   sing N N 113 
CYS OXT HXT  sing N N 114 
DMS S   O    doub N N 115 
DMS S   C1   sing N N 116 
DMS S   C2   sing N N 117 
DMS C1  H11  sing N N 118 
DMS C1  H12  sing N N 119 
DMS C1  H13  sing N N 120 
DMS C2  H21  sing N N 121 
DMS C2  H22  sing N N 122 
DMS C2  H23  sing N N 123 
GLN N   CA   sing N N 124 
GLN N   H    sing N N 125 
GLN N   H2   sing N N 126 
GLN CA  C    sing N N 127 
GLN CA  CB   sing N N 128 
GLN CA  HA   sing N N 129 
GLN C   O    doub N N 130 
GLN C   OXT  sing N N 131 
GLN CB  CG   sing N N 132 
GLN CB  HB2  sing N N 133 
GLN CB  HB3  sing N N 134 
GLN CG  CD   sing N N 135 
GLN CG  HG2  sing N N 136 
GLN CG  HG3  sing N N 137 
GLN CD  OE1  doub N N 138 
GLN CD  NE2  sing N N 139 
GLN NE2 HE21 sing N N 140 
GLN NE2 HE22 sing N N 141 
GLN OXT HXT  sing N N 142 
GLU N   CA   sing N N 143 
GLU N   H    sing N N 144 
GLU N   H2   sing N N 145 
GLU CA  C    sing N N 146 
GLU CA  CB   sing N N 147 
GLU CA  HA   sing N N 148 
GLU C   O    doub N N 149 
GLU C   OXT  sing N N 150 
GLU CB  CG   sing N N 151 
GLU CB  HB2  sing N N 152 
GLU CB  HB3  sing N N 153 
GLU CG  CD   sing N N 154 
GLU CG  HG2  sing N N 155 
GLU CG  HG3  sing N N 156 
GLU CD  OE1  doub N N 157 
GLU CD  OE2  sing N N 158 
GLU OE2 HE2  sing N N 159 
GLU OXT HXT  sing N N 160 
GLY N   CA   sing N N 161 
GLY N   H    sing N N 162 
GLY N   H2   sing N N 163 
GLY CA  C    sing N N 164 
GLY CA  HA2  sing N N 165 
GLY CA  HA3  sing N N 166 
GLY C   O    doub N N 167 
GLY C   OXT  sing N N 168 
GLY OXT HXT  sing N N 169 
HIS N   CA   sing N N 170 
HIS N   H    sing N N 171 
HIS N   H2   sing N N 172 
HIS CA  C    sing N N 173 
HIS CA  CB   sing N N 174 
HIS CA  HA   sing N N 175 
HIS C   O    doub N N 176 
HIS C   OXT  sing N N 177 
HIS CB  CG   sing N N 178 
HIS CB  HB2  sing N N 179 
HIS CB  HB3  sing N N 180 
HIS CG  ND1  sing Y N 181 
HIS CG  CD2  doub Y N 182 
HIS ND1 CE1  doub Y N 183 
HIS ND1 HD1  sing N N 184 
HIS CD2 NE2  sing Y N 185 
HIS CD2 HD2  sing N N 186 
HIS CE1 NE2  sing Y N 187 
HIS CE1 HE1  sing N N 188 
HIS NE2 HE2  sing N N 189 
HIS OXT HXT  sing N N 190 
HOH O   H1   sing N N 191 
HOH O   H2   sing N N 192 
ILE N   CA   sing N N 193 
ILE N   H    sing N N 194 
ILE N   H2   sing N N 195 
ILE CA  C    sing N N 196 
ILE CA  CB   sing N N 197 
ILE CA  HA   sing N N 198 
ILE C   O    doub N N 199 
ILE C   OXT  sing N N 200 
ILE CB  CG1  sing N N 201 
ILE CB  CG2  sing N N 202 
ILE CB  HB   sing N N 203 
ILE CG1 CD1  sing N N 204 
ILE CG1 HG12 sing N N 205 
ILE CG1 HG13 sing N N 206 
ILE CG2 HG21 sing N N 207 
ILE CG2 HG22 sing N N 208 
ILE CG2 HG23 sing N N 209 
ILE CD1 HD11 sing N N 210 
ILE CD1 HD12 sing N N 211 
ILE CD1 HD13 sing N N 212 
ILE OXT HXT  sing N N 213 
LEU N   CA   sing N N 214 
LEU N   H    sing N N 215 
LEU N   H2   sing N N 216 
LEU CA  C    sing N N 217 
LEU CA  CB   sing N N 218 
LEU CA  HA   sing N N 219 
LEU C   O    doub N N 220 
LEU C   OXT  sing N N 221 
LEU CB  CG   sing N N 222 
LEU CB  HB2  sing N N 223 
LEU CB  HB3  sing N N 224 
LEU CG  CD1  sing N N 225 
LEU CG  CD2  sing N N 226 
LEU CG  HG   sing N N 227 
LEU CD1 HD11 sing N N 228 
LEU CD1 HD12 sing N N 229 
LEU CD1 HD13 sing N N 230 
LEU CD2 HD21 sing N N 231 
LEU CD2 HD22 sing N N 232 
LEU CD2 HD23 sing N N 233 
LEU OXT HXT  sing N N 234 
LYS N   CA   sing N N 235 
LYS N   H    sing N N 236 
LYS N   H2   sing N N 237 
LYS CA  C    sing N N 238 
LYS CA  CB   sing N N 239 
LYS CA  HA   sing N N 240 
LYS C   O    doub N N 241 
LYS C   OXT  sing N N 242 
LYS CB  CG   sing N N 243 
LYS CB  HB2  sing N N 244 
LYS CB  HB3  sing N N 245 
LYS CG  CD   sing N N 246 
LYS CG  HG2  sing N N 247 
LYS CG  HG3  sing N N 248 
LYS CD  CE   sing N N 249 
LYS CD  HD2  sing N N 250 
LYS CD  HD3  sing N N 251 
LYS CE  NZ   sing N N 252 
LYS CE  HE2  sing N N 253 
LYS CE  HE3  sing N N 254 
LYS NZ  HZ1  sing N N 255 
LYS NZ  HZ2  sing N N 256 
LYS NZ  HZ3  sing N N 257 
LYS OXT HXT  sing N N 258 
MET N   CA   sing N N 259 
MET N   H    sing N N 260 
MET N   H2   sing N N 261 
MET CA  C    sing N N 262 
MET CA  CB   sing N N 263 
MET CA  HA   sing N N 264 
MET C   O    doub N N 265 
MET C   OXT  sing N N 266 
MET CB  CG   sing N N 267 
MET CB  HB2  sing N N 268 
MET CB  HB3  sing N N 269 
MET CG  SD   sing N N 270 
MET CG  HG2  sing N N 271 
MET CG  HG3  sing N N 272 
MET SD  CE   sing N N 273 
MET CE  HE1  sing N N 274 
MET CE  HE2  sing N N 275 
MET CE  HE3  sing N N 276 
MET OXT HXT  sing N N 277 
PHE N   CA   sing N N 278 
PHE N   H    sing N N 279 
PHE N   H2   sing N N 280 
PHE CA  C    sing N N 281 
PHE CA  CB   sing N N 282 
PHE CA  HA   sing N N 283 
PHE C   O    doub N N 284 
PHE C   OXT  sing N N 285 
PHE CB  CG   sing N N 286 
PHE CB  HB2  sing N N 287 
PHE CB  HB3  sing N N 288 
PHE CG  CD1  doub Y N 289 
PHE CG  CD2  sing Y N 290 
PHE CD1 CE1  sing Y N 291 
PHE CD1 HD1  sing N N 292 
PHE CD2 CE2  doub Y N 293 
PHE CD2 HD2  sing N N 294 
PHE CE1 CZ   doub Y N 295 
PHE CE1 HE1  sing N N 296 
PHE CE2 CZ   sing Y N 297 
PHE CE2 HE2  sing N N 298 
PHE CZ  HZ   sing N N 299 
PHE OXT HXT  sing N N 300 
PRO N   CA   sing N N 301 
PRO N   CD   sing N N 302 
PRO N   H    sing N N 303 
PRO CA  C    sing N N 304 
PRO CA  CB   sing N N 305 
PRO CA  HA   sing N N 306 
PRO C   O    doub N N 307 
PRO C   OXT  sing N N 308 
PRO CB  CG   sing N N 309 
PRO CB  HB2  sing N N 310 
PRO CB  HB3  sing N N 311 
PRO CG  CD   sing N N 312 
PRO CG  HG2  sing N N 313 
PRO CG  HG3  sing N N 314 
PRO CD  HD2  sing N N 315 
PRO CD  HD3  sing N N 316 
PRO OXT HXT  sing N N 317 
SER N   CA   sing N N 318 
SER N   H    sing N N 319 
SER N   H2   sing N N 320 
SER CA  C    sing N N 321 
SER CA  CB   sing N N 322 
SER CA  HA   sing N N 323 
SER C   O    doub N N 324 
SER C   OXT  sing N N 325 
SER CB  OG   sing N N 326 
SER CB  HB2  sing N N 327 
SER CB  HB3  sing N N 328 
SER OG  HG   sing N N 329 
SER OXT HXT  sing N N 330 
SO4 S   O1   doub N N 331 
SO4 S   O2   doub N N 332 
SO4 S   O3   sing N N 333 
SO4 S   O4   sing N N 334 
THR N   CA   sing N N 335 
THR N   H    sing N N 336 
THR N   H2   sing N N 337 
THR CA  C    sing N N 338 
THR CA  CB   sing N N 339 
THR CA  HA   sing N N 340 
THR C   O    doub N N 341 
THR C   OXT  sing N N 342 
THR CB  OG1  sing N N 343 
THR CB  CG2  sing N N 344 
THR CB  HB   sing N N 345 
THR OG1 HG1  sing N N 346 
THR CG2 HG21 sing N N 347 
THR CG2 HG22 sing N N 348 
THR CG2 HG23 sing N N 349 
THR OXT HXT  sing N N 350 
TRP N   CA   sing N N 351 
TRP N   H    sing N N 352 
TRP N   H2   sing N N 353 
TRP CA  C    sing N N 354 
TRP CA  CB   sing N N 355 
TRP CA  HA   sing N N 356 
TRP C   O    doub N N 357 
TRP C   OXT  sing N N 358 
TRP CB  CG   sing N N 359 
TRP CB  HB2  sing N N 360 
TRP CB  HB3  sing N N 361 
TRP CG  CD1  doub Y N 362 
TRP CG  CD2  sing Y N 363 
TRP CD1 NE1  sing Y N 364 
TRP CD1 HD1  sing N N 365 
TRP CD2 CE2  doub Y N 366 
TRP CD2 CE3  sing Y N 367 
TRP NE1 CE2  sing Y N 368 
TRP NE1 HE1  sing N N 369 
TRP CE2 CZ2  sing Y N 370 
TRP CE3 CZ3  doub Y N 371 
TRP CE3 HE3  sing N N 372 
TRP CZ2 CH2  doub Y N 373 
TRP CZ2 HZ2  sing N N 374 
TRP CZ3 CH2  sing Y N 375 
TRP CZ3 HZ3  sing N N 376 
TRP CH2 HH2  sing N N 377 
TRP OXT HXT  sing N N 378 
TYR N   CA   sing N N 379 
TYR N   H    sing N N 380 
TYR N   H2   sing N N 381 
TYR CA  C    sing N N 382 
TYR CA  CB   sing N N 383 
TYR CA  HA   sing N N 384 
TYR C   O    doub N N 385 
TYR C   OXT  sing N N 386 
TYR CB  CG   sing N N 387 
TYR CB  HB2  sing N N 388 
TYR CB  HB3  sing N N 389 
TYR CG  CD1  doub Y N 390 
TYR CG  CD2  sing Y N 391 
TYR CD1 CE1  sing Y N 392 
TYR CD1 HD1  sing N N 393 
TYR CD2 CE2  doub Y N 394 
TYR CD2 HD2  sing N N 395 
TYR CE1 CZ   doub Y N 396 
TYR CE1 HE1  sing N N 397 
TYR CE2 CZ   sing Y N 398 
TYR CE2 HE2  sing N N 399 
TYR CZ  OH   sing N N 400 
TYR OH  HH   sing N N 401 
TYR OXT HXT  sing N N 402 
VAL N   CA   sing N N 403 
VAL N   H    sing N N 404 
VAL N   H2   sing N N 405 
VAL CA  C    sing N N 406 
VAL CA  CB   sing N N 407 
VAL CA  HA   sing N N 408 
VAL C   O    doub N N 409 
VAL C   OXT  sing N N 410 
VAL CB  CG1  sing N N 411 
VAL CB  CG2  sing N N 412 
VAL CB  HB   sing N N 413 
VAL CG1 HG11 sing N N 414 
VAL CG1 HG12 sing N N 415 
VAL CG1 HG13 sing N N 416 
VAL CG2 HG21 sing N N 417 
VAL CG2 HG22 sing N N 418 
VAL CG2 HG23 sing N N 419 
VAL OXT HXT  sing N N 420 
# 
_pdbx_audit_support.funding_organization   
'National Institutes of Health/National Institute Of Allergy and Infectious Diseases (NIH/NIAID)' 
_pdbx_audit_support.country                'United States' 
_pdbx_audit_support.grant_number           U19AI171399 
_pdbx_audit_support.ordinal                1 
# 
_pdbx_deposit_group.group_id            G_1002288 
_pdbx_deposit_group.group_description   'Crystallographic fragment screening of Coxsackievirus A16 (G-10) 2A protease' 
_pdbx_deposit_group.group_title         
'Group deposition for crystallographic fragment screening of Coxsackievirus A16 (G-10) 2A protease' 
_pdbx_deposit_group.group_type          'changed state' 
# 
_atom_sites.entry_id                    7H32 
_atom_sites.fract_transf_matrix[1][1]   -0.00609928 
_atom_sites.fract_transf_matrix[1][2]   -0.00940114 
_atom_sites.fract_transf_matrix[1][3]   -0.00254665 
_atom_sites.fract_transf_matrix[2][1]   0.01341929 
_atom_sites.fract_transf_matrix[2][2]   -0.00995565 
_atom_sites.fract_transf_matrix[2][3]   0.00461252 
_atom_sites.fract_transf_matrix[3][1]   -0.01109702 
_atom_sites.fract_transf_matrix[3][2]   -0.00168206 
_atom_sites.fract_transf_matrix[3][3]   0.02865425 
_atom_sites.fract_transf_vector[1]      0.181726 
_atom_sites.fract_transf_vector[2]      0.126647 
_atom_sites.fract_transf_vector[3]      0.417847 
# 
loop_
_atom_type.symbol 
C  
N  
O  
S  
ZN 
# 
loop_
_atom_site.group_PDB 
_atom_site.id 
_atom_site.type_symbol 
_atom_site.label_atom_id 
_atom_site.label_alt_id 
_atom_site.label_comp_id 
_atom_site.label_asym_id 
_atom_site.label_entity_id 
_atom_site.label_seq_id 
_atom_site.pdbx_PDB_ins_code 
_atom_site.Cartn_x 
_atom_site.Cartn_y 
_atom_site.Cartn_z 
_atom_site.occupancy 
_atom_site.B_iso_or_equiv 
_atom_site.pdbx_formal_charge 
_atom_site.auth_seq_id 
_atom_site.auth_comp_id 
_atom_site.auth_asym_id 
_atom_site.auth_atom_id 
_atom_site.pdbx_PDB_model_num 
ATOM   1    N  N   . SER A 1 7   ? -6.151  -3.515  8.411   1.00 22.62  ? 7   SER A N   1 
ATOM   2    C  CA  . SER A 1 7   ? -6.289  -4.534  7.315   1.00 23.60  ? 7   SER A CA  1 
ATOM   3    C  C   . SER A 1 7   ? -6.807  -3.879  6.034   1.00 22.70  ? 7   SER A C   1 
ATOM   4    O  O   . SER A 1 7   ? -7.237  -2.709  6.108   1.00 21.34  ? 7   SER A O   1 
ATOM   5    C  CB  . SER A 1 7   ? -7.204  -5.649  7.757   1.00 24.81  ? 7   SER A CB  1 
ATOM   6    O  OG  . SER A 1 7   ? -8.519  -5.156  7.931   1.00 24.77  ? 7   SER A OG  1 
ATOM   7    N  N   . GLY A 1 8   ? -6.753  -4.614  4.906   1.00 23.81  ? 8   GLY A N   1 
ATOM   8    C  CA  . GLY A 1 8   ? -7.382  -4.248  3.623   1.00 20.82  ? 8   GLY A CA  1 
ATOM   9    C  C   . GLY A 1 8   ? -6.525  -4.650  2.431   1.00 22.10  ? 8   GLY A C   1 
ATOM   10   O  O   . GLY A 1 8   ? -5.359  -4.942  2.641   1.00 21.83  ? 8   GLY A O   1 
ATOM   11   N  N   . ALA A 1 9   ? -7.098  -4.634  1.220   1.00 20.91  ? 9   ALA A N   1 
ATOM   12   C  CA  . ALA A 1 9   ? -6.470  -5.110  -0.035  1.00 21.29  ? 9   ALA A CA  1 
ATOM   13   C  C   . ALA A 1 9   ? -7.010  -4.333  -1.233  1.00 23.04  ? 9   ALA A C   1 
ATOM   14   O  O   . ALA A 1 9   ? -8.129  -3.766  -1.127  1.00 25.00  ? 9   ALA A O   1 
ATOM   15   C  CB  . ALA A 1 9   ? -6.738  -6.583  -0.223  1.00 20.68  ? 9   ALA A CB  1 
ATOM   16   N  N   . ILE A 1 10  ? -6.262  -4.376  -2.340  1.00 20.94  ? 10  ILE A N   1 
ATOM   17   C  CA  . ILE A 1 10  ? -6.667  -3.850  -3.671  1.00 20.07  ? 10  ILE A CA  1 
ATOM   18   C  C   . ILE A 1 10  ? -7.082  -5.058  -4.517  1.00 20.59  ? 10  ILE A C   1 
ATOM   19   O  O   . ILE A 1 10  ? -6.333  -6.065  -4.537  1.00 18.83  ? 10  ILE A O   1 
ATOM   20   C  CB  . ILE A 1 10  ? -5.532  -3.041  -4.342  1.00 18.86  ? 10  ILE A CB  1 
ATOM   21   C  CG1 . ILE A 1 10  ? -4.954  -1.955  -3.423  1.00 19.82  ? 10  ILE A CG1 1 
ATOM   22   C  CG2 . ILE A 1 10  ? -6.012  -2.479  -5.678  1.00 20.11  ? 10  ILE A CG2 1 
ATOM   23   C  CD1 . ILE A 1 10  ? -3.585  -1.399  -3.863  1.00 19.33  ? 10  ILE A CD1 1 
ATOM   24   N  N   . TYR A 1 11  ? -8.278  -5.018  -5.109  1.00 20.97  ? 11  TYR A N   1 
ATOM   25   C  CA  . TYR A 1 11  ? -8.769  -6.071  -6.030  1.00 21.27  ? 11  TYR A CA  1 
ATOM   26   C  C   . TYR A 1 11  ? -8.860  -5.458  -7.418  1.00 23.05  ? 11  TYR A C   1 
ATOM   27   O  O   . TYR A 1 11  ? -9.817  -4.716  -7.671  1.00 24.47  ? 11  TYR A O   1 
ATOM   28   C  CB  . TYR A 1 11  ? -10.090 -6.676  -5.562  1.00 22.46  ? 11  TYR A CB  1 
ATOM   29   C  CG  . TYR A 1 11  ? -9.953  -7.335  -4.224  1.00 23.01  ? 11  TYR A CG  1 
ATOM   30   C  CD1 . TYR A 1 11  ? -9.463  -8.630  -4.112  1.00 22.92  ? 11  TYR A CD1 1 
ATOM   31   C  CD2 . TYR A 1 11  ? -10.237 -6.635  -3.056  1.00 25.35  ? 11  TYR A CD2 1 
ATOM   32   C  CE1 . TYR A 1 11  ? -9.310  -9.227  -2.871  1.00 23.46  ? 11  TYR A CE1 1 
ATOM   33   C  CE2 . TYR A 1 11  ? -10.104 -7.226  -1.812  1.00 23.42  ? 11  TYR A CE2 1 
ATOM   34   C  CZ  . TYR A 1 11  ? -9.631  -8.524  -1.715  1.00 24.26  ? 11  TYR A CZ  1 
ATOM   35   O  OH  . TYR A 1 11  ? -9.458  -9.069  -0.466  1.00 24.31  ? 11  TYR A OH  1 
ATOM   36   N  N   . VAL A 1 12  ? -7.855  -5.736  -8.249  1.00 23.14  ? 12  VAL A N   1 
ATOM   37   C  CA  . VAL A 1 12  ? -7.724  -5.268  -9.656  1.00 24.10  ? 12  VAL A CA  1 
ATOM   38   C  C   . VAL A 1 12  ? -7.564  -6.509  -10.537 1.00 26.32  ? 12  VAL A C   1 
ATOM   39   O  O   . VAL A 1 12  ? -6.628  -7.322  -10.289 1.00 24.72  ? 12  VAL A O   1 
ATOM   40   C  CB  . VAL A 1 12  ? -6.556  -4.275  -9.820  1.00 23.21  ? 12  VAL A CB  1 
ATOM   41   C  CG1 . VAL A 1 12  ? -5.246  -4.809  -9.251  1.00 23.93  ? 12  VAL A CG1 1 
ATOM   42   C  CG2 . VAL A 1 12  ? -6.375  -3.820  -11.261 1.00 23.33  ? 12  VAL A CG2 1 
ATOM   43   N  N   . GLY A 1 13  ? -8.461  -6.682  -11.509 1.00 24.09  ? 13  GLY A N   1 
ATOM   44   C  CA  . GLY A 1 13  ? -8.413  -7.840  -12.415 1.00 25.97  ? 13  GLY A CA  1 
ATOM   45   C  C   . GLY A 1 13  ? -8.502  -9.120  -11.615 1.00 23.98  ? 13  GLY A C   1 
ATOM   46   O  O   . GLY A 1 13  ? -9.398  -9.214  -10.756 1.00 24.45  ? 13  GLY A O   1 
ATOM   47   N  N   . ASN A 1 14  ? -7.552  -10.032 -11.838 1.00 25.96  ? 14  ASN A N   1 
ATOM   48   C  CA  . ASN A 1 14  ? -7.463  -11.301 -11.076 1.00 26.73  ? 14  ASN A CA  1 
ATOM   49   C  C   . ASN A 1 14  ? -6.231  -11.221 -10.170 1.00 24.16  ? 14  ASN A C   1 
ATOM   50   O  O   . ASN A 1 14  ? -5.571  -12.238 -9.960  1.00 22.89  ? 14  ASN A O   1 
ATOM   51   C  CB  . ASN A 1 14  ? -7.505  -12.506 -12.020 1.00 30.99  ? 14  ASN A CB  1 
ATOM   52   C  CG  . ASN A 1 14  ? -8.880  -12.660 -12.633 1.00 33.16  ? 14  ASN A CG  1 
ATOM   53   O  OD1 . ASN A 1 14  ? -9.766  -13.297 -12.058 1.00 33.38  ? 14  ASN A OD1 1 
ATOM   54   N  ND2 . ASN A 1 14  ? -9.088  -11.986 -13.746 1.00 37.47  ? 14  ASN A ND2 1 
ATOM   55   N  N   . TYR A 1 15  ? -5.988  -10.042 -9.600  1.00 23.00  ? 15  TYR A N   1 
ATOM   56   C  CA  . TYR A 1 15  ? -4.943  -9.806  -8.574  1.00 21.22  ? 15  TYR A CA  1 
ATOM   57   C  C   . TYR A 1 15  ? -5.552  -9.266  -7.283  1.00 21.03  ? 15  TYR A C   1 
ATOM   58   O  O   . TYR A 1 15  ? -6.555  -8.517  -7.319  1.00 22.19  ? 15  TYR A O   1 
ATOM   59   C  CB  . TYR A 1 15  ? -3.913  -8.794  -9.071  1.00 21.68  ? 15  TYR A CB  1 
ATOM   60   C  CG  . TYR A 1 15  ? -3.169  -9.250  -10.292 1.00 21.31  ? 15  TYR A CG  1 
ATOM   61   C  CD1 . TYR A 1 15  ? -2.542  -10.482 -10.320 1.00 21.77  ? 15  TYR A CD1 1 
ATOM   62   C  CD2 . TYR A 1 15  ? -3.098  -8.450  -11.425 1.00 23.01  ? 15  TYR A CD2 1 
ATOM   63   C  CE1 . TYR A 1 15  ? -1.834  -10.900 -11.431 1.00 22.20  ? 15  TYR A CE1 1 
ATOM   64   C  CE2 . TYR A 1 15  ? -2.397  -8.859  -12.546 1.00 23.65  ? 15  TYR A CE2 1 
ATOM   65   C  CZ  . TYR A 1 15  ? -1.761  -10.088 -12.543 1.00 24.20  ? 15  TYR A CZ  1 
ATOM   66   O  OH  . TYR A 1 15  ? -1.057  -10.529 -13.621 1.00 25.72  ? 15  TYR A OH  1 
ATOM   67   N  N   . ARG A 1 16  ? -4.940  -9.665  -6.174  1.00 19.66  ? 16  ARG A N   1 
ATOM   68   C  CA  . ARG A 1 16  ? -5.229  -9.182  -4.800  1.00 18.62  ? 16  ARG A CA  1 
ATOM   69   C  C   . ARG A 1 16  ? -3.908  -8.619  -4.294  1.00 18.65  ? 16  ARG A C   1 
ATOM   70   O  O   . ARG A 1 16  ? -2.895  -9.360  -4.346  1.00 16.52  ? 16  ARG A O   1 
ATOM   71   C  CB  . ARG A 1 16  ? -5.776  -10.298 -3.905  1.00 19.06  ? 16  ARG A CB  1 
ATOM   72   C  CG  . ARG A 1 16  ? -5.755  -9.980  -2.416  1.00 18.98  ? 16  ARG A CG  1 
ATOM   73   C  CD  . ARG A 1 16  ? -6.430  -11.079 -1.620  1.00 19.53  ? 16  ARG A CD  1 
ATOM   74   N  NE  . ARG A 1 16  ? -5.725  -11.319 -0.380  1.00 20.60  ? 16  ARG A NE  1 
ATOM   75   C  CZ  . ARG A 1 16  ? -6.054  -10.849 0.821   1.00 22.23  ? 16  ARG A CZ  1 
ATOM   76   N  NH1 . ARG A 1 16  ? -7.111  -10.067 0.984   1.00 22.61  ? 16  ARG A NH1 1 
ATOM   77   N  NH2 . ARG A 1 16  ? -5.306  -11.169 1.866   1.00 21.19  ? 16  ARG A NH2 1 
ATOM   78   N  N   . VAL A 1 17  ? -3.889  -7.333  -3.947  1.00 18.20  ? 17  VAL A N   1 
ATOM   79   C  CA  . VAL A 1 17  ? -2.657  -6.661  -3.448  1.00 17.05  ? 17  VAL A CA  1 
ATOM   80   C  C   . VAL A 1 17  ? -2.858  -6.443  -1.959  1.00 16.53  ? 17  VAL A C   1 
ATOM   81   O  O   . VAL A 1 17  ? -3.861  -5.794  -1.619  1.00 15.02  ? 17  VAL A O   1 
ATOM   82   C  CB  . VAL A 1 17  ? -2.380  -5.333  -4.163  1.00 17.41  ? 17  VAL A CB  1 
ATOM   83   C  CG1 . VAL A 1 17  ? -1.021  -4.783  -3.777  1.00 18.11  ? 17  VAL A CG1 1 
ATOM   84   C  CG2 . VAL A 1 17  ? -2.487  -5.505  -5.668  1.00 18.62  ? 17  VAL A CG2 1 
ATOM   85   N  N   . VAL A 1 18  ? -1.950  -6.974  -1.142  1.00 15.69  ? 18  VAL A N   1 
ATOM   86   C  CA  . VAL A 1 18  ? -2.010  -6.896  0.338   1.00 16.43  ? 18  VAL A CA  1 
ATOM   87   C  C   . VAL A 1 18  ? -0.661  -6.434  0.883   1.00 15.52  ? 18  VAL A C   1 
ATOM   88   O  O   . VAL A 1 18  ? 0.348   -6.592  0.211   1.00 17.14  ? 18  VAL A O   1 
ATOM   89   C  CB  . VAL A 1 18  ? -2.436  -8.234  0.968   1.00 17.55  ? 18  VAL A CB  1 
ATOM   90   C  CG1 . VAL A 1 18  ? -3.910  -8.497  0.758   1.00 20.15  ? 18  VAL A CG1 1 
ATOM   91   C  CG2 . VAL A 1 18  ? -1.604  -9.407  0.469   1.00 17.23  ? 18  VAL A CG2 1 
ATOM   92   N  N   . ASN A 1 19  ? -0.648  -5.906  2.101   1.00 14.12  ? 19  ASN A N   1 
ATOM   93   C  CA  . ASN A 1 19  ? 0.615   -5.794  2.884   1.00 14.96  ? 19  ASN A CA  1 
ATOM   94   C  C   . ASN A 1 19  ? 1.244   -7.195  2.952   1.00 13.95  ? 19  ASN A C   1 
ATOM   95   O  O   . ASN A 1 19  ? 0.542   -8.168  3.293   1.00 14.80  ? 19  ASN A O   1 
ATOM   96   C  CB  . ASN A 1 19  ? 0.412   -5.169  4.266   1.00 14.93  ? 19  ASN A CB  1 
ATOM   97   C  CG  . ASN A 1 19  ? -0.148  -3.761  4.248   1.00 14.76  ? 19  ASN A CG  1 
ATOM   98   O  OD1 . ASN A 1 19  ? -1.368  -3.572  4.256   1.00 15.75  ? 19  ASN A OD1 1 
ATOM   99   N  ND2 . ASN A 1 19  ? 0.723   -2.771  4.177   1.00 15.29  ? 19  ASN A ND2 1 
ATOM   100  N  N   . ARG A 1 20  ? 2.498   -7.329  2.565   1.00 14.99  ? 20  ARG A N   1 
ATOM   101  C  CA  . ARG A 1 20  ? 3.193   -8.638  2.620   1.00 15.59  ? 20  ARG A CA  1 
ATOM   102  C  C   . ARG A 1 20  ? 3.086   -9.215  4.042   1.00 16.87  ? 20  ARG A C   1 
ATOM   103  O  O   . ARG A 1 20  ? 2.838   -10.430 4.188   1.00 16.60  ? 20  ARG A O   1 
ATOM   104  C  CB  . ARG A 1 20  ? 4.639   -8.473  2.170   1.00 16.08  ? 20  ARG A CB  1 
ATOM   105  C  CG  . ARG A 1 20  ? 5.387   -9.779  1.990   1.00 16.01  ? 20  ARG A CG  1 
ATOM   106  C  CD  . ARG A 1 20  ? 6.803   -9.397  1.648   1.00 17.61  ? 20  ARG A CD  1 
ATOM   107  N  NE  . ARG A 1 20  ? 7.674   -10.520 1.331   1.00 17.71  ? 20  ARG A NE  1 
ATOM   108  C  CZ  . ARG A 1 20  ? 8.436   -11.158 2.221   1.00 19.71  ? 20  ARG A CZ  1 
ATOM   109  N  NH1 . ARG A 1 20  ? 8.363   -10.887 3.515   1.00 20.40  ? 20  ARG A NH1 1 
ATOM   110  N  NH2 . ARG A 1 20  ? 9.274   -12.096 1.815   1.00 18.33  ? 20  ARG A NH2 1 
ATOM   111  N  N   . HIS A 1 21  ? 3.209   -8.375  5.073   1.00 16.12  ? 21  HIS A N   1 
ATOM   112  C  CA  . HIS A 1 21  ? 3.216   -8.861  6.469   1.00 16.75  ? 21  HIS A CA  1 
ATOM   113  C  C   . HIS A 1 21  ? 1.820   -9.341  6.872   1.00 17.34  ? 21  HIS A C   1 
ATOM   114  O  O   . HIS A 1 21  ? 1.763   -10.016 7.901   1.00 17.07  ? 21  HIS A O   1 
ATOM   115  C  CB  . HIS A 1 21  ? 3.804   -7.827  7.431   1.00 18.28  ? 21  HIS A CB  1 
ATOM   116  C  CG  . HIS A 1 21  ? 2.924   -6.652  7.685   1.00 18.66  ? 21  HIS A CG  1 
ATOM   117  N  ND1 . HIS A 1 21  ? 2.944   -5.525  6.887   1.00 18.36  ? 21  HIS A ND1 1 
ATOM   118  C  CD2 . HIS A 1 21  ? 2.048   -6.399  8.680   1.00 20.06  ? 21  HIS A CD2 1 
ATOM   119  C  CE1 . HIS A 1 21  ? 2.105   -4.633  7.374   1.00 18.81  ? 21  HIS A CE1 1 
ATOM   120  N  NE2 . HIS A 1 21  ? 1.532   -5.150  8.468   1.00 19.63  ? 21  HIS A NE2 1 
ATOM   121  N  N   . LEU A 1 22  ? 0.756   -9.039  6.117   1.00 15.71  ? 22  LEU A N   1 
ATOM   122  C  CA  . LEU A 1 22  ? -0.605  -9.539  6.472   1.00 16.28  ? 22  LEU A CA  1 
ATOM   123  C  C   . LEU A 1 22  ? -1.048  -10.646 5.502   1.00 18.06  ? 22  LEU A C   1 
ATOM   124  O  O   . LEU A 1 22  ? -2.188  -11.095 5.655   1.00 19.63  ? 22  LEU A O   1 
ATOM   125  C  CB  . LEU A 1 22  ? -1.613  -8.379  6.482   1.00 15.93  ? 22  LEU A CB  1 
ATOM   126  C  CG  . LEU A 1 22  ? -1.318  -7.272  7.495   1.00 16.71  ? 22  LEU A CG  1 
ATOM   127  C  CD1 . LEU A 1 22  ? -2.342  -6.141  7.397   1.00 16.29  ? 22  LEU A CD1 1 
ATOM   128  C  CD2 . LEU A 1 22  ? -1.265  -7.873  8.904   1.00 15.86  ? 22  LEU A CD2 1 
ATOM   129  N  N   . ALA A 1 23  ? -0.208  -11.076 4.547   1.00 18.70  ? 23  ALA A N   1 
ATOM   130  C  CA  . ALA A 1 23  ? -0.601  -12.071 3.515   1.00 20.65  ? 23  ALA A CA  1 
ATOM   131  C  C   . ALA A 1 23  ? -0.898  -13.411 4.194   1.00 20.36  ? 23  ALA A C   1 
ATOM   132  O  O   . ALA A 1 23  ? -0.231  -13.727 5.201   1.00 20.14  ? 23  ALA A O   1 
ATOM   133  C  CB  . ALA A 1 23  ? 0.459   -12.205 2.462   1.00 21.18  ? 23  ALA A CB  1 
ATOM   134  N  N   . THR A 1 24  ? -1.916  -14.121 3.713   1.00 19.31  ? 24  THR A N   1 
ATOM   135  C  CA  . THR A 1 24  ? -2.447  -15.357 4.343   1.00 21.26  ? 24  THR A CA  1 
ATOM   136  C  C   . THR A 1 24  ? -1.775  -16.574 3.689   1.00 21.13  ? 24  THR A C   1 
ATOM   137  O  O   . THR A 1 24  ? -1.052  -16.398 2.693   1.00 21.86  ? 24  THR A O   1 
ATOM   138  C  CB  . THR A 1 24  ? -3.969  -15.454 4.215   1.00 21.50  ? 24  THR A CB  1 
ATOM   139  O  OG1 . THR A 1 24  ? -4.283  -15.634 2.841   1.00 23.07  ? 24  THR A OG1 1 
ATOM   140  C  CG2 . THR A 1 24  ? -4.705  -14.246 4.749   1.00 22.66  ? 24  THR A CG2 1 
ATOM   141  N  N   . HIS A 1 25  ? -2.016  -17.765 4.229   1.00 21.52  ? 25  HIS A N   1 
ATOM   142  C  CA  . HIS A 1 25  ? -1.642  -19.065 3.604   1.00 21.80  ? 25  HIS A CA  1 
ATOM   143  C  C   . HIS A 1 25  ? -2.063  -19.052 2.124   1.00 21.54  ? 25  HIS A C   1 
ATOM   144  O  O   . HIS A 1 25  ? -1.234  -19.393 1.250   1.00 22.04  ? 25  HIS A O   1 
ATOM   145  C  CB  . HIS A 1 25  ? -2.303  -20.194 4.425   1.00 22.55  ? 25  HIS A CB  1 
ATOM   146  C  CG  . HIS A 1 25  ? -2.251  -21.558 3.835   1.00 22.36  ? 25  HIS A CG  1 
ATOM   147  N  ND1 . HIS A 1 25  ? -1.631  -22.617 4.482   1.00 24.93  ? 25  HIS A ND1 1 
ATOM   148  C  CD2 . HIS A 1 25  ? -2.796  -22.050 2.706   1.00 25.66  ? 25  HIS A CD2 1 
ATOM   149  C  CE1 . HIS A 1 25  ? -1.775  -23.703 3.748   1.00 27.75  ? 25  HIS A CE1 1 
ATOM   150  N  NE2 . HIS A 1 25  ? -2.486  -23.377 2.647   1.00 27.78  ? 25  HIS A NE2 1 
ATOM   151  N  N   . ASN A 1 26  ? -3.313  -18.696 1.849   1.00 21.41  ? 26  ASN A N   1 
ATOM   152  C  CA  . ASN A 1 26  ? -3.868  -18.709 0.473   1.00 22.59  ? 26  ASN A CA  1 
ATOM   153  C  C   . ASN A 1 26  ? -3.112  -17.707 -0.415  1.00 21.68  ? 26  ASN A C   1 
ATOM   154  O  O   . ASN A 1 26  ? -2.802  -18.026 -1.576  1.00 18.49  ? 26  ASN A O   1 
ATOM   155  C  CB  . ASN A 1 26  ? -5.377  -18.496 0.547   1.00 26.69  ? 26  ASN A CB  1 
ATOM   156  C  CG  . ASN A 1 26  ? -6.036  -18.683 -0.798  1.00 30.98  ? 26  ASN A CG  1 
ATOM   157  O  OD1 . ASN A 1 26  ? -6.204  -19.815 -1.256  1.00 32.83  ? 26  ASN A OD1 1 
ATOM   158  N  ND2 . ASN A 1 26  ? -6.374  -17.576 -1.438  1.00 32.93  ? 26  ASN A ND2 1 
ATOM   159  N  N   . ASP A 1 27  ? -2.786  -16.517 0.083   1.00 21.01  ? 27  ASP A N   1 
ATOM   160  C  CA  . ASP A 1 27  ? -1.949  -15.540 -0.672  1.00 21.19  ? 27  ASP A CA  1 
ATOM   161  C  C   . ASP A 1 27  ? -0.614  -16.172 -1.100  1.00 21.42  ? 27  ASP A C   1 
ATOM   162  O  O   . ASP A 1 27  ? -0.238  -16.044 -2.310  1.00 21.02  ? 27  ASP A O   1 
ATOM   163  C  CB  . ASP A 1 27  ? -1.693  -14.288 0.164   1.00 20.86  ? 27  ASP A CB  1 
ATOM   164  C  CG  . ASP A 1 27  ? -2.934  -13.434 0.347   1.00 22.28  ? 27  ASP A CG  1 
ATOM   165  O  OD1 . ASP A 1 27  ? -3.714  -13.327 -0.613  1.00 20.88  ? 27  ASP A OD1 1 
ATOM   166  O  OD2 . ASP A 1 27  ? -3.087  -12.873 1.445   1.00 22.31  ? 27  ASP A OD2 1 
ATOM   167  N  N   . TRP A 1 28  ? 0.109   -16.792 -0.157  1.00 21.75  ? 28  TRP A N   1 
ATOM   168  C  CA  . TRP A 1 28  ? 1.427   -17.427 -0.422  1.00 21.28  ? 28  TRP A CA  1 
ATOM   169  C  C   . TRP A 1 28  ? 1.267   -18.632 -1.366  1.00 22.03  ? 28  TRP A C   1 
ATOM   170  O  O   . TRP A 1 28  ? 2.168   -18.818 -2.235  1.00 20.40  ? 28  TRP A O   1 
ATOM   171  C  CB  . TRP A 1 28  ? 2.129   -17.772 0.907   1.00 20.93  ? 28  TRP A CB  1 
ATOM   172  C  CG  . TRP A 1 28  ? 2.674   -16.562 1.604   1.00 19.02  ? 28  TRP A CG  1 
ATOM   173  C  CD1 . TRP A 1 28  ? 2.156   -15.939 2.703   1.00 18.04  ? 28  TRP A CD1 1 
ATOM   174  C  CD2 . TRP A 1 28  ? 3.827   -15.790 1.218   1.00 17.91  ? 28  TRP A CD2 1 
ATOM   175  N  NE1 . TRP A 1 28  ? 2.914   -14.844 3.023   1.00 18.82  ? 28  TRP A NE1 1 
ATOM   176  C  CE2 . TRP A 1 28  ? 3.950   -14.730 2.138   1.00 19.22  ? 28  TRP A CE2 1 
ATOM   177  C  CE3 . TRP A 1 28  ? 4.781   -15.912 0.214   1.00 18.72  ? 28  TRP A CE3 1 
ATOM   178  C  CZ2 . TRP A 1 28  ? 4.986   -13.802 2.087   1.00 18.79  ? 28  TRP A CZ2 1 
ATOM   179  C  CZ3 . TRP A 1 28  ? 5.802   -14.994 0.145   1.00 19.23  ? 28  TRP A CZ3 1 
ATOM   180  C  CH2 . TRP A 1 28  ? 5.897   -13.948 1.066   1.00 20.26  ? 28  TRP A CH2 1 
ATOM   181  N  N   . ALA A 1 29  ? 0.175   -19.400 -1.230  1.00 23.36  ? 29  ALA A N   1 
ATOM   182  C  CA  . ALA A 1 29  ? -0.154  -20.575 -2.075  1.00 24.79  ? 29  ALA A CA  1 
ATOM   183  C  C   . ALA A 1 29  ? -0.583  -20.137 -3.489  1.00 26.85  ? 29  ALA A C   1 
ATOM   184  O  O   . ALA A 1 29  ? -0.616  -20.994 -4.409  1.00 29.02  ? 29  ALA A O   1 
ATOM   185  C  CB  . ALA A 1 29  ? -1.233  -21.392 -1.411  1.00 24.20  ? 29  ALA A CB  1 
ATOM   186  N  N   . ASN A 1 30  ? -0.899  -18.859 -3.670  1.00 25.11  ? 30  ASN A N   1 
ATOM   187  C  CA  . ASN A 1 30  ? -1.371  -18.283 -4.953  1.00 24.84  ? 30  ASN A CA  1 
ATOM   188  C  C   . ASN A 1 30  ? -0.521  -17.049 -5.271  1.00 22.82  ? 30  ASN A C   1 
ATOM   189  O  O   . ASN A 1 30  ? -1.055  -16.097 -5.850  1.00 22.32  ? 30  ASN A O   1 
ATOM   190  C  CB  . ASN A 1 30  ? -2.874  -18.018 -4.877  1.00 27.19  ? 30  ASN A CB  1 
ATOM   191  C  CG  . ASN A 1 30  ? -3.671  -19.298 -4.734  1.00 28.29  ? 30  ASN A CG  1 
ATOM   192  O  OD1 . ASN A 1 30  ? -3.913  -19.984 -5.720  1.00 33.50  ? 30  ASN A OD1 1 
ATOM   193  N  ND2 . ASN A 1 30  ? -4.084  -19.622 -3.523  1.00 29.63  ? 30  ASN A ND2 1 
ATOM   194  N  N   . LEU A 1 31  ? 0.778   -17.080 -4.935  1.00 21.37  ? 31  LEU A N   1 
ATOM   195  C  CA  . LEU A 1 31  ? 1.683   -15.902 -5.066  1.00 20.67  ? 31  LEU A CA  1 
ATOM   196  C  C   . LEU A 1 31  ? 1.925   -15.544 -6.534  1.00 21.75  ? 31  LEU A C   1 
ATOM   197  O  O   . LEU A 1 31  ? 2.257   -16.430 -7.329  1.00 22.73  ? 31  LEU A O   1 
ATOM   198  C  CB  . LEU A 1 31  ? 3.029   -16.169 -4.396  1.00 20.10  ? 31  LEU A CB  1 
ATOM   199  C  CG  . LEU A 1 31  ? 4.044   -15.026 -4.495  1.00 18.75  ? 31  LEU A CG  1 
ATOM   200  C  CD1 . LEU A 1 31  ? 3.529   -13.805 -3.736  1.00 18.93  ? 31  LEU A CD1 1 
ATOM   201  C  CD2 . LEU A 1 31  ? 5.389   -15.446 -3.923  1.00 19.66  ? 31  LEU A CD2 1 
ATOM   202  N  N   . VAL A 1 32  ? 1.908   -14.243 -6.816  1.00 20.78  ? 32  VAL A N   1 
ATOM   203  C  CA  . VAL A 1 32  ? 2.271   -13.681 -8.132  1.00 19.67  ? 32  VAL A CA  1 
ATOM   204  C  C   . VAL A 1 32  ? 3.590   -12.932 -7.954  1.00 20.91  ? 32  VAL A C   1 
ATOM   205  O  O   . VAL A 1 32  ? 4.518   -13.172 -8.685  1.00 21.26  ? 32  VAL A O   1 
ATOM   206  C  CB  . VAL A 1 32  ? 1.125   -12.785 -8.638  1.00 19.35  ? 32  VAL A CB  1 
ATOM   207  C  CG1 . VAL A 1 32  ? 1.519   -12.054 -9.901  1.00 19.35  ? 32  VAL A CG1 1 
ATOM   208  C  CG2 . VAL A 1 32  ? -0.150  -13.584 -8.828  1.00 19.14  ? 32  VAL A CG2 1 
ATOM   209  N  N   . TRP A 1 33  ? 3.694   -12.098 -6.935  1.00 19.90  ? 33  TRP A N   1 
ATOM   210  C  CA  . TRP A 1 33  ? 4.891   -11.252 -6.768  1.00 20.77  ? 33  TRP A CA  1 
ATOM   211  C  C   . TRP A 1 33  ? 4.872   -10.705 -5.344  1.00 19.87  ? 33  TRP A C   1 
ATOM   212  O  O   . TRP A 1 33  ? 3.790   -10.398 -4.830  1.00 20.48  ? 33  TRP A O   1 
ATOM   213  C  CB  . TRP A 1 33  ? 4.925   -10.151 -7.836  1.00 21.37  ? 33  TRP A CB  1 
ATOM   214  C  CG  . TRP A 1 33  ? 5.949   -9.082  -7.596  1.00 22.23  ? 33  TRP A CG  1 
ATOM   215  C  CD1 . TRP A 1 33  ? 7.253   -9.058  -8.006  1.00 23.33  ? 33  TRP A CD1 1 
ATOM   216  C  CD2 . TRP A 1 33  ? 5.745   -7.858  -6.862  1.00 21.73  ? 33  TRP A CD2 1 
ATOM   217  N  NE1 . TRP A 1 33  ? 7.869   -7.898  -7.611  1.00 21.93  ? 33  TRP A NE1 1 
ATOM   218  C  CE2 . TRP A 1 33  ? 6.967   -7.149  -6.890  1.00 22.23  ? 33  TRP A CE2 1 
ATOM   219  C  CE3 . TRP A 1 33  ? 4.646   -7.288  -6.216  1.00 21.72  ? 33  TRP A CE3 1 
ATOM   220  C  CZ2 . TRP A 1 33  ? 7.119   -5.914  -6.271  1.00 21.69  ? 33  TRP A CZ2 1 
ATOM   221  C  CZ3 . TRP A 1 33  ? 4.804   -6.067  -5.601  1.00 21.91  ? 33  TRP A CZ3 1 
ATOM   222  C  CH2 . TRP A 1 33  ? 6.016   -5.385  -5.649  1.00 20.60  ? 33  TRP A CH2 1 
ATOM   223  N  N   . GLU A 1 34  ? 6.040   -10.663 -4.731  1.00 19.59  ? 34  GLU A N   1 
ATOM   224  C  CA  . GLU A 1 34  ? 6.221   -10.075 -3.382  1.00 19.28  ? 34  GLU A CA  1 
ATOM   225  C  C   . GLU A 1 34  ? 7.583   -9.402  -3.303  1.00 20.38  ? 34  GLU A C   1 
ATOM   226  O  O   . GLU A 1 34  ? 8.526   -9.811  -4.010  1.00 20.09  ? 34  GLU A O   1 
ATOM   227  C  CB  . GLU A 1 34  ? 6.014   -11.119 -2.296  1.00 19.33  ? 34  GLU A CB  1 
ATOM   228  C  CG  . GLU A 1 34  ? 6.888   -12.360 -2.468  1.00 20.40  ? 34  GLU A CG  1 
ATOM   229  C  CD  . GLU A 1 34  ? 8.314   -12.207 -1.980  1.00 21.02  ? 34  GLU A CD  1 
ATOM   230  O  OE1 . GLU A 1 34  ? 9.185   -12.931 -2.488  1.00 24.15  ? 34  GLU A OE1 1 
ATOM   231  O  OE2 . GLU A 1 34  ? 8.561   -11.406 -1.050  1.00 20.92  ? 34  GLU A OE2 1 
ATOM   232  N  N   . ASP A 1 35  ? 7.655   -8.374  -2.472  1.00 19.14  ? 35  ASP A N   1 
ATOM   233  C  CA  . ASP A 1 35  ? 8.898   -7.611  -2.247  1.00 17.77  ? 35  ASP A CA  1 
ATOM   234  C  C   . ASP A 1 35  ? 8.903   -7.166  -0.789  1.00 17.26  ? 35  ASP A C   1 
ATOM   235  O  O   . ASP A 1 35  ? 8.083   -6.242  -0.439  1.00 14.67  ? 35  ASP A O   1 
ATOM   236  C  CB  . ASP A 1 35  ? 8.965   -6.463  -3.232  1.00 18.52  ? 35  ASP A CB  1 
ATOM   237  C  CG  . ASP A 1 35  ? 10.256  -5.683  -3.193  1.00 21.78  ? 35  ASP A CG  1 
ATOM   238  O  OD1 . ASP A 1 35  ? 10.749  -5.401  -2.084  1.00 22.14  ? 35  ASP A OD1 1 
ATOM   239  O  OD2 . ASP A 1 35  ? 10.714  -5.326  -4.292  1.00 24.18  ? 35  ASP A OD2 1 
ATOM   240  N  N   A SER A 1 36  ? 9.770   -7.782  0.009   0.25 16.75  ? 36  SER A N   1 
ATOM   241  N  N   B SER A 1 36  ? 9.770   -7.782  0.009   0.25 16.75  ? 36  SER A N   1 
ATOM   242  C  CA  A SER A 1 36  ? 9.888   -7.493  1.464   0.25 16.61  ? 36  SER A CA  1 
ATOM   243  C  CA  B SER A 1 36  ? 9.850   -7.488  1.464   0.25 18.02  ? 36  SER A CA  1 
ATOM   244  C  C   A SER A 1 36  ? 10.186  -6.004  1.650   0.25 17.27  ? 36  SER A C   1 
ATOM   245  C  C   B SER A 1 36  ? 10.186  -6.004  1.650   0.25 17.27  ? 36  SER A C   1 
ATOM   246  O  O   A SER A 1 36  ? 9.583   -5.369  2.554   0.25 16.95  ? 36  SER A O   1 
ATOM   247  O  O   B SER A 1 36  ? 9.583   -5.369  2.554   0.25 16.95  ? 36  SER A O   1 
ATOM   248  C  CB  A SER A 1 36  ? 10.964  -8.330  2.110   0.25 15.76  ? 36  SER A CB  1 
ATOM   249  C  CB  B SER A 1 36  ? 10.839  -8.378  2.179   0.25 18.90  ? 36  SER A CB  1 
ATOM   250  O  OG  A SER A 1 36  ? 11.113  -7.994  3.485   0.25 14.59  ? 36  SER A OG  1 
ATOM   251  O  OG  B SER A 1 36  ? 11.912  -8.760  1.341   0.25 21.45  ? 36  SER A OG  1 
ATOM   252  N  N   . SER A 1 37  ? 11.111  -5.481  0.845   1.00 17.71  ? 37  SER A N   1 
ATOM   253  C  CA  . SER A 1 37  ? 11.594  -4.086  0.967   1.00 19.21  ? 37  SER A CA  1 
ATOM   254  C  C   . SER A 1 37  ? 10.429  -3.110  0.728   1.00 18.50  ? 37  SER A C   1 
ATOM   255  O  O   . SER A 1 37  ? 10.505  -1.989  1.217   1.00 19.74  ? 37  SER A O   1 
ATOM   256  C  CB  . SER A 1 37  ? 12.776  -3.824  0.072   1.00 21.05  ? 37  SER A CB  1 
ATOM   257  O  OG  . SER A 1 37  ? 12.390  -3.488  -1.256  1.00 24.93  ? 37  SER A OG  1 
ATOM   258  N  N   . ARG A 1 38  ? 9.373   -3.534  0.025   1.00 16.40  ? 38  ARG A N   1 
ATOM   259  C  CA  . ARG A 1 38  ? 8.195   -2.696  -0.308  1.00 16.81  ? 38  ARG A CA  1 
ATOM   260  C  C   . ARG A 1 38  ? 7.002   -3.016  0.600   1.00 16.15  ? 38  ARG A C   1 
ATOM   261  O  O   . ARG A 1 38  ? 5.996   -2.276  0.515   1.00 16.20  ? 38  ARG A O   1 
ATOM   262  C  CB  . ARG A 1 38  ? 7.795   -2.897  -1.773  1.00 18.06  ? 38  ARG A CB  1 
ATOM   263  C  CG  . ARG A 1 38  ? 8.821   -2.333  -2.736  1.00 17.24  ? 38  ARG A CG  1 
ATOM   264  C  CD  . ARG A 1 38  ? 8.429   -2.522  -4.195  1.00 18.24  ? 38  ARG A CD  1 
ATOM   265  N  NE  . ARG A 1 38  ? 7.296   -1.683  -4.563  1.00 17.33  ? 38  ARG A NE  1 
ATOM   266  C  CZ  . ARG A 1 38  ? 7.039   -1.212  -5.789  1.00 16.23  ? 38  ARG A CZ  1 
ATOM   267  N  NH1 . ARG A 1 38  ? 7.847   -1.496  -6.807  1.00 17.94  ? 38  ARG A NH1 1 
ATOM   268  N  NH2 . ARG A 1 38  ? 5.985   -0.446  -6.000  1.00 15.34  ? 38  ARG A NH2 1 
ATOM   269  N  N   . ASP A 1 39  ? 7.095   -4.084  1.400   1.00 15.75  ? 39  ASP A N   1 
ATOM   270  C  CA  . ASP A 1 39  ? 5.970   -4.643  2.186   1.00 14.59  ? 39  ASP A CA  1 
ATOM   271  C  C   . ASP A 1 39  ? 4.770   -4.895  1.273   1.00 14.38  ? 39  ASP A C   1 
ATOM   272  O  O   . ASP A 1 39  ? 3.630   -4.692  1.736   1.00 13.04  ? 39  ASP A O   1 
ATOM   273  C  CB  . ASP A 1 39  ? 5.583   -3.681  3.316   1.00 13.92  ? 39  ASP A CB  1 
ATOM   274  C  CG  . ASP A 1 39  ? 4.475   -4.193  4.224   1.00 14.17  ? 39  ASP A CG  1 
ATOM   275  O  OD1 . ASP A 1 39  ? 4.469   -5.402  4.537   1.00 14.67  ? 39  ASP A OD1 1 
ATOM   276  O  OD2 . ASP A 1 39  ? 3.608   -3.364  4.579   1.00 15.03  ? 39  ASP A OD2 1 
ATOM   277  N  N   . LEU A 1 40  ? 4.990   -5.386  0.050   1.00 14.69  ? 40  LEU A N   1 
ATOM   278  C  CA  . LEU A 1 40  ? 3.868   -5.697  -0.887  1.00 15.24  ? 40  LEU A CA  1 
ATOM   279  C  C   . LEU A 1 40  ? 3.840   -7.177  -1.249  1.00 16.29  ? 40  LEU A C   1 
ATOM   280  O  O   . LEU A 1 40  ? 4.924   -7.784  -1.423  1.00 15.64  ? 40  LEU A O   1 
ATOM   281  C  CB  . LEU A 1 40  ? 3.993   -4.854  -2.158  1.00 15.07  ? 40  LEU A CB  1 
ATOM   282  C  CG  . LEU A 1 40  ? 3.553   -3.396  -2.046  1.00 15.77  ? 40  LEU A CG  1 
ATOM   283  C  CD1 . LEU A 1 40  ? 3.707   -2.650  -3.383  1.00 15.84  ? 40  LEU A CD1 1 
ATOM   284  C  CD2 . LEU A 1 40  ? 2.134   -3.288  -1.530  1.00 16.72  ? 40  LEU A CD2 1 
ATOM   285  N  N   . LEU A 1 41  ? 2.628   -7.737  -1.321  1.00 15.93  ? 41  LEU A N   1 
ATOM   286  C  CA  . LEU A 1 41  ? 2.410   -9.065  -1.935  1.00 16.23  ? 41  LEU A CA  1 
ATOM   287  C  C   . LEU A 1 41  ? 1.198   -9.009  -2.866  1.00 16.23  ? 41  LEU A C   1 
ATOM   288  O  O   . LEU A 1 41  ? 0.177   -8.397  -2.497  1.00 17.76  ? 41  LEU A O   1 
ATOM   289  C  CB  . LEU A 1 41  ? 2.224   -10.097 -0.825  1.00 16.17  ? 41  LEU A CB  1 
ATOM   290  C  CG  . LEU A 1 41  ? 2.032   -11.525 -1.321  1.00 16.77  ? 41  LEU A CG  1 
ATOM   291  C  CD1 . LEU A 1 41  ? 2.744   -12.492 -0.402  1.00 17.11  ? 41  LEU A CD1 1 
ATOM   292  C  CD2 . LEU A 1 41  ? 0.559   -11.886 -1.482  1.00 16.71  ? 41  LEU A CD2 1 
ATOM   293  N  N   . VAL A 1 42  ? 1.324   -9.653  -4.023  1.00 15.89  ? 42  VAL A N   1 
ATOM   294  C  CA  . VAL A 1 42  ? 0.211   -9.812  -4.992  1.00 15.93  ? 42  VAL A CA  1 
ATOM   295  C  C   . VAL A 1 42  ? -0.034  -11.307 -5.122  1.00 17.59  ? 42  VAL A C   1 
ATOM   296  O  O   . VAL A 1 42  ? 0.952   -12.059 -5.292  1.00 17.61  ? 42  VAL A O   1 
ATOM   297  C  CB  . VAL A 1 42  ? 0.551   -9.128  -6.323  1.00 17.13  ? 42  VAL A CB  1 
ATOM   298  C  CG1 . VAL A 1 42  ? -0.533  -9.361  -7.359  1.00 16.67  ? 42  VAL A CG1 1 
ATOM   299  C  CG2 . VAL A 1 42  ? 0.811   -7.639  -6.135  1.00 16.25  ? 42  VAL A CG2 1 
ATOM   300  N  N   . SER A 1 43  ? -1.296  -11.699 -4.969  1.00 19.74  ? 43  SER A N   1 
ATOM   301  C  CA  . SER A 1 43  ? -1.807  -13.075 -5.191  1.00 20.34  ? 43  SER A CA  1 
ATOM   302  C  C   . SER A 1 43  ? -2.881  -13.052 -6.285  1.00 21.55  ? 43  SER A C   1 
ATOM   303  O  O   . SER A 1 43  ? -3.393  -11.959 -6.636  1.00 18.80  ? 43  SER A O   1 
ATOM   304  C  CB  . SER A 1 43  ? -2.330  -13.656 -3.912  1.00 19.34  ? 43  SER A CB  1 
ATOM   305  O  OG  . SER A 1 43  ? -3.386  -12.850 -3.379  1.00 19.59  ? 43  SER A OG  1 
ATOM   306  N  N   . SER A 1 44  ? -3.221  -14.234 -6.791  1.00 23.01  ? 44  SER A N   1 
ATOM   307  C  CA  . SER A 1 44  ? -4.231  -14.438 -7.858  1.00 23.31  ? 44  SER A CA  1 
ATOM   308  C  C   . SER A 1 44  ? -5.594  -14.755 -7.242  1.00 24.62  ? 44  SER A C   1 
ATOM   309  O  O   . SER A 1 44  ? -5.642  -15.460 -6.216  1.00 26.70  ? 44  SER A O   1 
ATOM   310  C  CB  . SER A 1 44  ? -3.776  -15.538 -8.786  1.00 24.36  ? 44  SER A CB  1 
ATOM   311  O  OG  . SER A 1 44  ? -3.540  -16.728 -8.061  1.00 26.14  ? 44  SER A OG  1 
ATOM   312  N  N   . THR A 1 45  ? -6.671  -14.272 -7.861  1.00 25.89  ? 45  THR A N   1 
ATOM   313  C  CA  . THR A 1 45  ? -8.062  -14.437 -7.377  1.00 27.03  ? 45  THR A CA  1 
ATOM   314  C  C   . THR A 1 45  ? -8.869  -15.165 -8.457  1.00 29.28  ? 45  THR A C   1 
ATOM   315  O  O   . THR A 1 45  ? -8.490  -15.033 -9.643  1.00 26.81  ? 45  THR A O   1 
ATOM   316  C  CB  . THR A 1 45  ? -8.665  -13.063 -7.072  1.00 27.66  ? 45  THR A CB  1 
ATOM   317  O  OG1 . THR A 1 45  ? -8.493  -12.368 -8.307  1.00 30.12  ? 45  THR A OG1 1 
ATOM   318  C  CG2 . THR A 1 45  ? -7.972  -12.309 -5.957  1.00 26.97  ? 45  THR A CG2 1 
ATOM   319  N  N   . THR A 1 46  ? -9.933  -15.869 -8.061  1.00 30.48  ? 46  THR A N   1 
ATOM   320  C  CA  . THR A 1 46  ? -10.915 -16.475 -8.998  1.00 34.52  ? 46  THR A CA  1 
ATOM   321  C  C   . THR A 1 46  ? -11.757 -15.341 -9.593  1.00 34.40  ? 46  THR A C   1 
ATOM   322  O  O   . THR A 1 46  ? -11.847 -15.284 -10.822 1.00 34.50  ? 46  THR A O   1 
ATOM   323  C  CB  . THR A 1 46  ? -11.729 -17.606 -8.351  1.00 35.82  ? 46  THR A CB  1 
ATOM   324  O  OG1 . THR A 1 46  ? -12.625 -17.104 -7.362  1.00 36.94  ? 46  THR A OG1 1 
ATOM   325  C  CG2 . THR A 1 46  ? -10.839 -18.662 -7.736  1.00 35.59  ? 46  THR A CG2 1 
ATOM   326  N  N   . ALA A 1 47  ? -12.286 -14.436 -8.758  1.00 34.72  ? 47  ALA A N   1 
ATOM   327  C  CA  . ALA A 1 47  ? -13.181 -13.325 -9.178  1.00 35.54  ? 47  ALA A CA  1 
ATOM   328  C  C   . ALA A 1 47  ? -12.356 -12.152 -9.736  1.00 35.53  ? 47  ALA A C   1 
ATOM   329  O  O   . ALA A 1 47  ? -11.182 -12.015 -9.350  1.00 34.72  ? 47  ALA A O   1 
ATOM   330  C  CB  . ALA A 1 47  ? -14.043 -12.901 -8.013  1.00 35.81  ? 47  ALA A CB  1 
ATOM   331  N  N   . GLN A 1 48  ? -12.986 -11.311 -10.552 0.26 36.85  ? 48  GLN A N   1 
ATOM   332  C  CA  . GLN A 1 48  ? -12.339 -10.198 -11.268 0.26 37.91  ? 48  GLN A CA  1 
ATOM   333  C  C   . GLN A 1 48  ? -12.508 -8.923  -10.432 0.26 34.63  ? 48  GLN A C   1 
ATOM   334  O  O   . GLN A 1 48  ? -13.690 -8.757  -9.988  0.26 30.27  ? 48  GLN A O   1 
ATOM   335  C  CB  . GLN A 1 48  ? -13.035 -10.281 -12.619 0.26 45.79  ? 48  GLN A CB  1 
ATOM   336  C  CG  . GLN A 1 48  ? -12.095 -10.803 -13.722 0.26 53.33  ? 48  GLN A CG  1 
ATOM   337  C  CD  . GLN A 1 48  ? -12.392 -10.186 -15.067 0.26 59.20  ? 48  GLN A CD  1 
ATOM   338  O  OE1 . GLN A 1 48  ? -13.453 -10.399 -15.649 0.26 65.00  ? 48  GLN A OE1 1 
ATOM   339  N  NE2 . GLN A 1 48  ? -11.446 -9.411  -15.574 0.26 62.51  ? 48  GLN A NE2 1 
ATOM   340  N  N   . GLY A 1 49  ? -11.425 -8.210  -10.102 0.26 34.71  ? 49  GLY A N   1 
ATOM   341  C  CA  . GLY A 1 49  ? -11.576 -6.984  -9.274  0.26 38.01  ? 49  GLY A CA  1 
ATOM   342  C  C   . GLY A 1 49  ? -11.975 -5.741  -10.019 0.26 39.51  ? 49  GLY A C   1 
ATOM   343  O  O   . GLY A 1 49  ? -11.900 -5.749  -11.206 0.26 36.91  ? 49  GLY A O   1 
ATOM   344  N  N   . CYS A 1 50  ? -12.478 -4.758  -9.302  0.26 44.07  ? 50  CYS A N   1 
ATOM   345  C  CA  . CYS A 1 50  ? -12.827 -3.552  -10.062 0.26 47.52  ? 50  CYS A CA  1 
ATOM   346  C  C   . CYS A 1 50  ? -11.946 -2.424  -9.692  0.26 38.99  ? 50  CYS A C   1 
ATOM   347  O  O   . CYS A 1 50  ? -12.158 -1.373  -10.201 0.26 35.26  ? 50  CYS A O   1 
ATOM   348  C  CB  . CYS A 1 50  ? -14.145 -2.966  -9.625  0.26 56.42  ? 50  CYS A CB  1 
ATOM   349  S  SG  . CYS A 1 50  ? -15.379 -4.231  -9.889  0.26 74.47  ? 50  CYS A SG  1 
ATOM   350  N  N   . ASP A 1 51  ? -11.020 -2.627  -8.807  0.26 31.15  ? 51  ASP A N   1 
ATOM   351  C  CA  . ASP A 1 51  ? -10.137 -1.456  -8.521  0.26 29.07  ? 51  ASP A CA  1 
ATOM   352  C  C   . ASP A 1 51  ? -9.339  -1.023  -9.786  0.26 28.26  ? 51  ASP A C   1 
ATOM   353  O  O   . ASP A 1 51  ? -8.998  -1.862  -10.661 0.26 27.02  ? 51  ASP A O   1 
ATOM   354  C  CB  . ASP A 1 51  ? -9.297  -1.801  -7.263  0.26 28.92  ? 51  ASP A CB  1 
ATOM   355  C  CG  . ASP A 1 51  ? -10.116 -1.713  -5.981  0.26 31.70  ? 51  ASP A CG  1 
ATOM   356  O  OD1 . ASP A 1 51  ? -10.784 -0.663  -5.797  0.26 33.50  ? 51  ASP A OD1 1 
ATOM   357  O  OD2 . ASP A 1 51  ? -10.045 -2.668  -5.173  0.26 27.32  ? 51  ASP A OD2 1 
ATOM   358  N  N   . THR A 1 52  ? -9.142  0.263   -9.966  0.26 22.64  ? 52  THR A N   1 
ATOM   359  C  CA  . THR A 1 52  ? -8.216  0.694   -11.028 0.26 22.52  ? 52  THR A CA  1 
ATOM   360  C  C   . THR A 1 52  ? -6.997  1.358   -10.376 0.26 20.44  ? 52  THR A C   1 
ATOM   361  O  O   . THR A 1 52  ? -7.218  2.223   -9.540  0.26 19.21  ? 52  THR A O   1 
ATOM   362  C  CB  . THR A 1 52  ? -8.737  1.973   -11.665 0.26 24.09  ? 52  THR A CB  1 
ATOM   363  O  OG1 . THR A 1 52  ? -10.013 1.676   -12.181 0.26 26.20  ? 52  THR A OG1 1 
ATOM   364  C  CG2 . THR A 1 52  ? -7.844  2.483   -12.775 0.26 23.93  ? 52  THR A CG2 1 
ATOM   365  N  N   . ILE A 1 53  ? -5.777  1.003   -10.806 1.00 19.47  ? 53  ILE A N   1 
ATOM   366  C  CA  . ILE A 1 53  ? -4.501  1.575   -10.316 1.00 19.07  ? 53  ILE A CA  1 
ATOM   367  C  C   . ILE A 1 53  ? -4.271  2.923   -11.014 1.00 19.13  ? 53  ILE A C   1 
ATOM   368  O  O   . ILE A 1 53  ? -4.364  3.000   -12.255 1.00 20.75  ? 53  ILE A O   1 
ATOM   369  C  CB  . ILE A 1 53  ? -3.332  0.595   -10.512 1.00 17.42  ? 53  ILE A CB  1 
ATOM   370  C  CG1 . ILE A 1 53  ? -3.656  -0.806  -9.985  1.00 16.95  ? 53  ILE A CG1 1 
ATOM   371  C  CG2 . ILE A 1 53  ? -2.063  1.150   -9.895  1.00 15.85  ? 53  ILE A CG2 1 
ATOM   372  C  CD1 . ILE A 1 53  ? -3.955  -0.876  -8.495  1.00 17.85  ? 53  ILE A CD1 1 
ATOM   373  N  N   . ALA A 1 54  ? -3.935  3.949   -10.238 1.00 17.26  ? 54  ALA A N   1 
ATOM   374  C  CA  . ALA A 1 54  ? -3.510  5.277   -10.718 1.00 16.86  ? 54  ALA A CA  1 
ATOM   375  C  C   . ALA A 1 54  ? -2.224  5.123   -11.530 1.00 16.62  ? 54  ALA A C   1 
ATOM   376  O  O   . ALA A 1 54  ? -1.345  4.360   -11.123 1.00 14.88  ? 54  ALA A O   1 
ATOM   377  C  CB  . ALA A 1 54  ? -3.298  6.223   -9.560  1.00 15.98  ? 54  ALA A CB  1 
ATOM   378  N  N   . ARG A 1 55  ? -2.142  5.848   -12.643 1.00 17.16  ? 55  ARG A N   1 
ATOM   379  C  CA  . ARG A 1 55  ? -0.943  5.945   -13.500 1.00 19.13  ? 55  ARG A CA  1 
ATOM   380  C  C   . ARG A 1 55  ? -0.650  7.437   -13.618 1.00 19.07  ? 55  ARG A C   1 
ATOM   381  O  O   . ARG A 1 55  ? -1.147  8.089   -14.554 1.00 20.01  ? 55  ARG A O   1 
ATOM   382  C  CB  . ARG A 1 55  ? -1.166  5.216   -14.828 1.00 20.33  ? 55  ARG A CB  1 
ATOM   383  C  CG  . ARG A 1 55  ? -1.552  3.748   -14.670 1.00 21.68  ? 55  ARG A CG  1 
ATOM   384  C  CD  . ARG A 1 55  ? -0.508  2.874   -13.993 1.00 22.79  ? 55  ARG A CD  1 
ATOM   385  N  NE  . ARG A 1 55  ? -1.005  1.504   -13.859 1.00 23.35  ? 55  ARG A NE  1 
ATOM   386  C  CZ  . ARG A 1 55  ? -0.469  0.556   -13.075 1.00 24.33  ? 55  ARG A CZ  1 
ATOM   387  N  NH1 . ARG A 1 55  ? 0.581   0.804   -12.305 1.00 25.23  ? 55  ARG A NH1 1 
ATOM   388  N  NH2 . ARG A 1 55  ? -1.018  -0.645  -13.043 1.00 23.19  ? 55  ARG A NH2 1 
ATOM   389  N  N   . CYS A 1 56  ? 0.122   7.961   -12.665 1.00 18.84  ? 56  CYS A N   1 
ATOM   390  C  CA  . CYS A 1 56  ? 0.231   9.432   -12.465 1.00 19.10  ? 56  CYS A CA  1 
ATOM   391  C  C   . CYS A 1 56  ? 1.381   9.735   -11.511 1.00 19.63  ? 56  CYS A C   1 
ATOM   392  O  O   . CYS A 1 56  ? 1.911   8.799   -10.919 1.00 17.79  ? 56  CYS A O   1 
ATOM   393  C  CB  . CYS A 1 56  ? -1.069  9.978   -11.890 1.00 18.93  ? 56  CYS A CB  1 
ATOM   394  S  SG  . CYS A 1 56  ? -1.381  9.401   -10.194 1.00 18.90  ? 56  CYS A SG  1 
ATOM   395  N  N   A ASP A 1 57  ? 1.790   11.003  -11.371 0.25 19.87  ? 57  ASP A N   1 
ATOM   396  N  N   B ASP A 1 57  ? 1.645   11.039  -11.361 0.25 20.44  ? 57  ASP A N   1 
ATOM   397  C  CA  A ASP A 1 57  ? 2.679   11.433  -10.257 0.25 19.24  ? 57  ASP A CA  1 
ATOM   398  C  CA  B ASP A 1 57  ? 2.669   11.657  -10.483 0.25 20.03  ? 57  ASP A CA  1 
ATOM   399  C  C   A ASP A 1 57  ? 1.945   12.479  -9.404  0.25 19.57  ? 57  ASP A C   1 
ATOM   400  C  C   B ASP A 1 57  ? 1.976   12.432  -9.345  0.25 19.72  ? 57  ASP A C   1 
ATOM   401  O  O   A ASP A 1 57  ? 2.570   13.470  -9.005  0.25 21.23  ? 57  ASP A O   1 
ATOM   402  O  O   B ASP A 1 57  ? 2.686   13.178  -8.647  0.25 19.51  ? 57  ASP A O   1 
ATOM   403  C  CB  A ASP A 1 57  ? 4.048   11.920  -10.740 0.25 19.13  ? 57  ASP A CB  1 
ATOM   404  C  CB  B ASP A 1 57  ? 3.573   12.552  -11.336 0.25 21.12  ? 57  ASP A CB  1 
ATOM   405  C  CG  A ASP A 1 57  ? 4.015   13.185  -11.568 0.25 19.97  ? 57  ASP A CG  1 
ATOM   406  C  CG  B ASP A 1 57  ? 4.867   12.995  -10.674 0.25 22.31  ? 57  ASP A CG  1 
ATOM   407  O  OD1 A ASP A 1 57  ? 2.913   13.649  -11.876 0.25 20.64  ? 57  ASP A OD1 1 
ATOM   408  O  OD1 B ASP A 1 57  ? 5.613   12.123  -10.196 0.25 24.43  ? 57  ASP A OD1 1 
ATOM   409  O  OD2 A ASP A 1 57  ? 5.106   13.690  -11.895 0.25 22.70  ? 57  ASP A OD2 1 
ATOM   410  O  OD2 B ASP A 1 57  ? 5.139   14.217  -10.679 0.25 23.56  ? 57  ASP A OD2 1 
ATOM   411  N  N   . CYS A 1 58  ? 0.666   12.238  -9.118  1.00 17.83  ? 58  CYS A N   1 
ATOM   412  C  CA  . CYS A 1 58  ? -0.091  12.942  -8.037  1.00 18.51  ? 58  CYS A CA  1 
ATOM   413  C  C   . CYS A 1 58  ? 0.631   12.846  -6.688  1.00 18.24  ? 58  CYS A C   1 
ATOM   414  O  O   . CYS A 1 58  ? 1.203   11.771  -6.317  1.00 17.73  ? 58  CYS A O   1 
ATOM   415  C  CB  . CYS A 1 58  ? -1.475  12.352  -7.841  1.00 19.25  ? 58  CYS A CB  1 
ATOM   416  S  SG  . CYS A 1 58  ? -2.626  12.786  -9.162  1.00 21.21  ? 58  CYS A SG  1 
ATOM   417  N  N   . GLN A 1 59  ? 0.602   13.950  -5.965  1.00 17.35  ? 59  GLN A N   1 
ATOM   418  C  CA  . GLN A 1 59  ? 1.107   13.990  -4.571  1.00 16.46  ? 59  GLN A CA  1 
ATOM   419  C  C   . GLN A 1 59  ? 0.012   14.484  -3.638  1.00 18.02  ? 59  GLN A C   1 
ATOM   420  O  O   . GLN A 1 59  ? 0.363   14.893  -2.521  1.00 15.93  ? 59  GLN A O   1 
ATOM   421  C  CB  . GLN A 1 59  ? 2.304   14.923  -4.491  1.00 18.24  ? 59  GLN A CB  1 
ATOM   422  C  CG  . GLN A 1 59  ? 3.533   14.346  -5.123  1.00 19.55  ? 59  GLN A CG  1 
ATOM   423  C  CD  . GLN A 1 59  ? 4.695   15.210  -4.721  1.00 22.04  ? 59  GLN A CD  1 
ATOM   424  O  OE1 . GLN A 1 59  ? 5.182   16.002  -5.517  1.00 21.37  ? 59  GLN A OE1 1 
ATOM   425  N  NE2 . GLN A 1 59  ? 5.076   15.127  -3.450  1.00 21.58  ? 59  GLN A NE2 1 
ATOM   426  N  N   . THR A 1 60  ? -1.239  14.473  -4.096  1.00 17.26  ? 60  THR A N   1 
ATOM   427  C  CA  . THR A 1 60  ? -2.444  14.739  -3.274  1.00 18.07  ? 60  THR A CA  1 
ATOM   428  C  C   . THR A 1 60  ? -3.432  13.595  -3.512  1.00 17.05  ? 60  THR A C   1 
ATOM   429  O  O   . THR A 1 60  ? -3.494  13.035  -4.622  1.00 16.93  ? 60  THR A O   1 
ATOM   430  C  CB  . THR A 1 60  ? -3.032  16.141  -3.526  1.00 20.23  ? 60  THR A CB  1 
ATOM   431  O  OG1 . THR A 1 60  ? -3.520  16.177  -4.868  1.00 23.23  ? 60  THR A OG1 1 
ATOM   432  C  CG2 . THR A 1 60  ? -2.028  17.261  -3.351  1.00 21.60  ? 60  THR A CG2 1 
ATOM   433  N  N   . GLY A 1 61  ? -4.169  13.251  -2.469  1.00 15.45  ? 61  GLY A N   1 
ATOM   434  C  CA  . GLY A 1 61  ? -5.135  12.163  -2.475  1.00 15.65  ? 61  GLY A CA  1 
ATOM   435  C  C   . GLY A 1 61  ? -5.877  12.126  -1.168  1.00 15.45  ? 61  GLY A C   1 
ATOM   436  O  O   . GLY A 1 61  ? -5.742  13.086  -0.365  1.00 14.41  ? 61  GLY A O   1 
ATOM   437  N  N   . VAL A 1 62  ? -6.645  11.061  -0.990  1.00 15.04  ? 62  VAL A N   1 
ATOM   438  C  CA  . VAL A 1 62  ? -7.454  10.771  0.218   1.00 15.00  ? 62  VAL A CA  1 
ATOM   439  C  C   . VAL A 1 62  ? -7.108  9.342   0.640   1.00 15.22  ? 62  VAL A C   1 
ATOM   440  O  O   . VAL A 1 62  ? -7.072  8.453   -0.225  1.00 14.49  ? 62  VAL A O   1 
ATOM   441  C  CB  . VAL A 1 62  ? -8.968  10.943  -0.031  1.00 15.32  ? 62  VAL A CB  1 
ATOM   442  C  CG1 . VAL A 1 62  ? -9.814  10.445  1.133   1.00 16.49  ? 62  VAL A CG1 1 
ATOM   443  C  CG2 . VAL A 1 62  ? -9.306  12.379  -0.350  1.00 15.16  ? 62  VAL A CG2 1 
ATOM   444  N  N   . TYR A 1 63  ? -6.841  9.126   1.927   1.00 14.36  ? 63  TYR A N   1 
ATOM   445  C  CA  . TYR A 1 63  ? -6.685  7.750   2.478   1.00 13.79  ? 63  TYR A CA  1 
ATOM   446  C  C   . TYR A 1 63  ? -7.678  7.513   3.585   1.00 14.95  ? 63  TYR A C   1 
ATOM   447  O  O   . TYR A 1 63  ? -8.140  8.452   4.249   1.00 13.54  ? 63  TYR A O   1 
ATOM   448  C  CB  . TYR A 1 63  ? -5.281  7.435   2.977   1.00 13.84  ? 63  TYR A CB  1 
ATOM   449  C  CG  . TYR A 1 63  ? -4.965  7.882   4.386   1.00 13.82  ? 63  TYR A CG  1 
ATOM   450  C  CD1 . TYR A 1 63  ? -4.682  9.211   4.672   1.00 14.16  ? 63  TYR A CD1 1 
ATOM   451  C  CD2 . TYR A 1 63  ? -4.831  6.955   5.393   1.00 13.90  ? 63  TYR A CD2 1 
ATOM   452  C  CE1 . TYR A 1 63  ? -4.303  9.615   5.941   1.00 14.12  ? 63  TYR A CE1 1 
ATOM   453  C  CE2 . TYR A 1 63  ? -4.484  7.348   6.683   1.00 13.66  ? 63  TYR A CE2 1 
ATOM   454  C  CZ  . TYR A 1 63  ? -4.252  8.681   6.958   1.00 13.91  ? 63  TYR A CZ  1 
ATOM   455  O  OH  . TYR A 1 63  ? -3.867  9.058   8.215   1.00 15.52  ? 63  TYR A OH  1 
ATOM   456  N  N   . TYR A 1 64  ? -7.930  6.225   3.764   1.00 13.84  ? 64  TYR A N   1 
ATOM   457  C  CA  . TYR A 1 64  ? -8.824  5.705   4.810   1.00 14.22  ? 64  TYR A CA  1 
ATOM   458  C  C   . TYR A 1 64  ? -7.998  5.246   5.993   1.00 14.58  ? 64  TYR A C   1 
ATOM   459  O  O   . TYR A 1 64  ? -7.123  4.400   5.839   1.00 13.46  ? 64  TYR A O   1 
ATOM   460  C  CB  . TYR A 1 64  ? -9.706  4.555   4.337   1.00 15.04  ? 64  TYR A CB  1 
ATOM   461  C  CG  . TYR A 1 64  ? -10.593 4.093   5.453   1.00 15.47  ? 64  TYR A CG  1 
ATOM   462  C  CD1 . TYR A 1 64  ? -11.545 4.938   6.011   1.00 16.07  ? 64  TYR A CD1 1 
ATOM   463  C  CD2 . TYR A 1 64  ? -10.434 2.829   6.010   1.00 15.69  ? 64  TYR A CD2 1 
ATOM   464  C  CE1 . TYR A 1 64  ? -12.347 4.516   7.064   1.00 16.40  ? 64  TYR A CE1 1 
ATOM   465  C  CE2 . TYR A 1 64  ? -11.227 2.392   7.057   1.00 15.34  ? 64  TYR A CE2 1 
ATOM   466  C  CZ  . TYR A 1 64  ? -12.194 3.234   7.577   1.00 16.56  ? 64  TYR A CZ  1 
ATOM   467  O  OH  . TYR A 1 64  ? -12.941 2.739   8.603   1.00 18.94  ? 64  TYR A OH  1 
ATOM   468  N  N   . CYS A 1 65  ? -8.344  5.767   7.168   1.00 14.49  ? 65  CYS A N   1 
ATOM   469  C  CA  . CYS A 1 65  ? -7.666  5.475   8.449   1.00 14.19  ? 65  CYS A CA  1 
ATOM   470  C  C   . CYS A 1 65  ? -8.647  4.708   9.337   1.00 15.28  ? 65  CYS A C   1 
ATOM   471  O  O   . CYS A 1 65  ? -9.560  5.394   9.889   1.00 16.56  ? 65  CYS A O   1 
ATOM   472  C  CB  . CYS A 1 65  ? -7.217  6.774   9.096   1.00 15.06  ? 65  CYS A CB  1 
ATOM   473  S  SG  . CYS A 1 65  ? -6.604  6.535   10.784  1.00 14.91  ? 65  CYS A SG  1 
ATOM   474  N  N   . SER A 1 66  ? -8.511  3.371   9.426   1.00 15.34  ? 66  SER A N   1 
ATOM   475  C  CA  . SER A 1 66  ? -9.441  2.495   10.197  1.00 16.21  ? 66  SER A CA  1 
ATOM   476  C  C   . SER A 1 66  ? -9.490  2.919   11.677  1.00 16.25  ? 66  SER A C   1 
ATOM   477  O  O   . SER A 1 66  ? -10.596 2.921   12.261  1.00 15.98  ? 66  SER A O   1 
ATOM   478  C  CB  . SER A 1 66  ? -9.136  1.035   10.092  1.00 18.50  ? 66  SER A CB  1 
ATOM   479  O  OG  . SER A 1 66  ? -7.878  0.711   10.681  1.00 25.76  ? 66  SER A OG  1 
ATOM   480  N  N   . SER A 1 67  ? -8.353  3.281   12.262  1.00 15.30  ? 67  SER A N   1 
ATOM   481  C  CA  . SER A 1 67  ? -8.265  3.637   13.712  1.00 14.79  ? 67  SER A CA  1 
ATOM   482  C  C   . SER A 1 67  ? -8.964  4.972   14.030  1.00 16.56  ? 67  SER A C   1 
ATOM   483  O  O   . SER A 1 67  ? -9.043  5.313   15.212  1.00 16.62  ? 67  SER A O   1 
ATOM   484  C  CB  . SER A 1 67  ? -6.870  3.641   14.201  1.00 14.47  ? 67  SER A CB  1 
ATOM   485  O  OG  . SER A 1 67  ? -6.123  4.704   13.601  1.00 14.19  ? 67  SER A OG  1 
ATOM   486  N  N   . ARG A 1 68  ? -9.450  5.709   13.033  1.00 16.59  ? 68  ARG A N   1 
ATOM   487  C  CA  . ARG A 1 68  ? -10.274 6.931   13.216  1.00 17.30  ? 68  ARG A CA  1 
ATOM   488  C  C   . ARG A 1 68  ? -11.655 6.793   12.565  1.00 17.01  ? 68  ARG A C   1 
ATOM   489  O  O   . ARG A 1 68  ? -12.436 7.750   12.671  1.00 18.46  ? 68  ARG A O   1 
ATOM   490  C  CB  . ARG A 1 68  ? -9.507  8.124   12.650  1.00 17.63  ? 68  ARG A CB  1 
ATOM   491  C  CG  . ARG A 1 68  ? -8.252  8.438   13.447  1.00 19.39  ? 68  ARG A CG  1 
ATOM   492  C  CD  . ARG A 1 68  ? -8.607  9.161   14.744  1.00 20.94  ? 68  ARG A CD  1 
ATOM   493  N  NE  . ARG A 1 68  ? -7.404  9.438   15.519  1.00 22.56  ? 68  ARG A NE  1 
ATOM   494  C  CZ  . ARG A 1 68  ? -6.863  8.638   16.427  1.00 22.15  ? 68  ARG A CZ  1 
ATOM   495  N  NH1 . ARG A 1 68  ? -7.411  7.478   16.753  1.00 23.02  ? 68  ARG A NH1 1 
ATOM   496  N  NH2 . ARG A 1 68  ? -5.767  9.025   17.047  1.00 24.12  ? 68  ARG A NH2 1 
ATOM   497  N  N   . ARG A 1 69  ? -11.941 5.662   11.901  1.00 19.49  ? 69  ARG A N   1 
ATOM   498  C  CA  . ARG A 1 69  ? -13.080 5.504   10.950  1.00 19.14  ? 69  ARG A CA  1 
ATOM   499  C  C   . ARG A 1 69  ? -13.218 6.788   10.127  1.00 18.58  ? 69  ARG A C   1 
ATOM   500  O  O   . ARG A 1 69  ? -14.351 7.313   10.007  1.00 18.48  ? 69  ARG A O   1 
ATOM   501  C  CB  . ARG A 1 69  ? -14.359 5.123   11.707  1.00 21.69  ? 69  ARG A CB  1 
ATOM   502  C  CG  . ARG A 1 69  ? -14.291 3.771   12.409  1.00 22.99  ? 69  ARG A CG  1 
ATOM   503  C  CD  . ARG A 1 69  ? -15.635 3.279   12.941  1.00 27.05  ? 69  ARG A CD  1 
ATOM   504  N  NE  . ARG A 1 69  ? -15.559 2.075   13.776  1.00 29.86  ? 69  ARG A NE  1 
ATOM   505  C  CZ  . ARG A 1 69  ? -15.790 2.005   15.099  1.00 29.89  ? 69  ARG A CZ  1 
ATOM   506  N  NH1 . ARG A 1 69  ? -16.090 3.091   15.795  1.00 31.92  ? 69  ARG A NH1 1 
ATOM   507  N  NH2 . ARG A 1 69  ? -15.694 0.838   15.726  1.00 29.37  ? 69  ARG A NH2 1 
ATOM   508  N  N   . LYS A 1 70  ? -12.113 7.285   9.558   1.00 18.62  ? 70  LYS A N   1 
ATOM   509  C  CA  . LYS A 1 70  ? -12.111 8.579   8.834   1.00 20.24  ? 70  LYS A CA  1 
ATOM   510  C  C   . LYS A 1 70  ? -11.241 8.531   7.580   1.00 19.02  ? 70  LYS A C   1 
ATOM   511  O  O   . LYS A 1 70  ? -10.178 7.888   7.585   1.00 18.83  ? 70  LYS A O   1 
ATOM   512  C  CB  . LYS A 1 70  ? -11.671 9.717   9.761   1.00 25.02  ? 70  LYS A CB  1 
ATOM   513  C  CG  . LYS A 1 70  ? -12.844 10.441  10.412  1.00 33.22  ? 70  LYS A CG  1 
ATOM   514  C  CD  . LYS A 1 70  ? -12.561 11.870  10.836  1.00 39.21  ? 70  LYS A CD  1 
ATOM   515  C  CE  . LYS A 1 70  ? -13.540 12.387  11.879  1.00 44.17  ? 70  LYS A CE  1 
ATOM   516  N  NZ  . LYS A 1 70  ? -13.666 11.480  13.046  1.00 47.80  ? 70  LYS A NZ  1 
ATOM   517  N  N   . HIS A 1 71  ? -11.681 9.261   6.563   1.00 17.42  ? 71  HIS A N   1 
ATOM   518  C  CA  . HIS A 1 71  ? -10.925 9.542   5.328   1.00 15.96  ? 71  HIS A CA  1 
ATOM   519  C  C   . HIS A 1 71  ? -10.260 10.902  5.464   1.00 17.15  ? 71  HIS A C   1 
ATOM   520  O  O   . HIS A 1 71  ? -10.912 11.857  5.964   1.00 18.58  ? 71  HIS A O   1 
ATOM   521  C  CB  . HIS A 1 71  ? -11.856 9.523   4.133   1.00 15.96  ? 71  HIS A CB  1 
ATOM   522  C  CG  . HIS A 1 71  ? -12.575 8.232   3.993   1.00 15.64  ? 71  HIS A CG  1 
ATOM   523  N  ND1 . HIS A 1 71  ? -12.194 7.255   3.054   1.00 15.61  ? 71  HIS A ND1 1 
ATOM   524  C  CD2 . HIS A 1 71  ? -13.645 7.740   4.641   1.00 15.69  ? 71  HIS A CD2 1 
ATOM   525  C  CE1 . HIS A 1 71  ? -13.015 6.219   3.183   1.00 14.86  ? 71  HIS A CE1 1 
ATOM   526  N  NE2 . HIS A 1 71  ? -13.881 6.474   4.157   1.00 16.73  ? 71  HIS A NE2 1 
ATOM   527  N  N   . TYR A 1 72  ? -8.990  10.981  5.104   1.00 15.41  ? 72  TYR A N   1 
ATOM   528  C  CA  . TYR A 1 72  ? -8.211  12.222  5.243   1.00 16.37  ? 72  TYR A CA  1 
ATOM   529  C  C   . TYR A 1 72  ? -7.590  12.580  3.905   1.00 16.55  ? 72  TYR A C   1 
ATOM   530  O  O   . TYR A 1 72  ? -6.912  11.780  3.272   1.00 14.59  ? 72  TYR A O   1 
ATOM   531  C  CB  . TYR A 1 72  ? -7.095  12.085  6.279   1.00 17.11  ? 72  TYR A CB  1 
ATOM   532  C  CG  . TYR A 1 72  ? -7.534  11.845  7.702   1.00 17.73  ? 72  TYR A CG  1 
ATOM   533  C  CD1 . TYR A 1 72  ? -8.037  12.876  8.485   1.00 18.06  ? 72  TYR A CD1 1 
ATOM   534  C  CD2 . TYR A 1 72  ? -7.419  10.595  8.278   1.00 17.70  ? 72  TYR A CD2 1 
ATOM   535  C  CE1 . TYR A 1 72  ? -8.417  12.663  9.802   1.00 17.73  ? 72  TYR A CE1 1 
ATOM   536  C  CE2 . TYR A 1 72  ? -7.784  10.365  9.595   1.00 18.92  ? 72  TYR A CE2 1 
ATOM   537  C  CZ  . TYR A 1 72  ? -8.314  11.398  10.354  1.00 18.46  ? 72  TYR A CZ  1 
ATOM   538  O  OH  . TYR A 1 72  ? -8.685  11.189  11.655  1.00 20.24  ? 72  TYR A OH  1 
ATOM   539  N  N   . PRO A 1 73  ? -7.782  13.844  3.491   1.00 17.16  ? 73  PRO A N   1 
ATOM   540  C  CA  . PRO A 1 73  ? -7.107  14.401  2.336   1.00 16.75  ? 73  PRO A CA  1 
ATOM   541  C  C   . PRO A 1 73  ? -5.680  14.716  2.782   1.00 17.97  ? 73  PRO A C   1 
ATOM   542  O  O   . PRO A 1 73  ? -5.476  15.326  3.823   1.00 18.30  ? 73  PRO A O   1 
ATOM   543  C  CB  . PRO A 1 73  ? -7.948  15.645  2.018   1.00 17.30  ? 73  PRO A CB  1 
ATOM   544  C  CG  . PRO A 1 73  ? -8.407  16.102  3.362   1.00 17.32  ? 73  PRO A CG  1 
ATOM   545  C  CD  . PRO A 1 73  ? -8.676  14.818  4.135   1.00 17.12  ? 73  PRO A CD  1 
ATOM   546  N  N   . VAL A 1 74  ? -4.709  14.279  1.993   1.00 17.02  ? 74  VAL A N   1 
ATOM   547  C  CA  . VAL A 1 74  ? -3.270  14.425  2.335   1.00 16.86  ? 74  VAL A CA  1 
ATOM   548  C  C   . VAL A 1 74  ? -2.473  14.869  1.121   1.00 16.38  ? 74  VAL A C   1 
ATOM   549  O  O   . VAL A 1 74  ? -2.857  14.525  -0.027  1.00 16.15  ? 74  VAL A O   1 
ATOM   550  C  CB  . VAL A 1 74  ? -2.680  13.118  2.890   1.00 16.55  ? 74  VAL A CB  1 
ATOM   551  C  CG1 . VAL A 1 74  ? -3.111  12.886  4.326   1.00 17.33  ? 74  VAL A CG1 1 
ATOM   552  C  CG2 . VAL A 1 74  ? -2.995  11.912  2.021   1.00 17.49  ? 74  VAL A CG2 1 
ATOM   553  N  N   . SER A 1 75  ? -1.359  15.542  1.417   1.00 16.66  ? 75  SER A N   1 
ATOM   554  C  CA  . SER A 1 75  ? -0.167  15.712  0.558   1.00 17.11  ? 75  SER A CA  1 
ATOM   555  C  C   . SER A 1 75  ? 0.833   14.628  0.928   1.00 16.75  ? 75  SER A C   1 
ATOM   556  O  O   . SER A 1 75  ? 1.006   14.393  2.114   1.00 15.77  ? 75  SER A O   1 
ATOM   557  C  CB  . SER A 1 75  ? 0.446   17.068  0.706   1.00 18.55  ? 75  SER A CB  1 
ATOM   558  O  OG  . SER A 1 75  ? -0.498  18.035  0.370   1.00 21.48  ? 75  SER A OG  1 
ATOM   559  N  N   . PHE A 1 76  ? 1.408   13.947  -0.058  1.00 15.55  ? 76  PHE A N   1 
ATOM   560  C  CA  . PHE A 1 76  ? 2.411   12.878  0.195   1.00 15.48  ? 76  PHE A CA  1 
ATOM   561  C  C   . PHE A 1 76  ? 3.626   13.042  -0.713  1.00 15.53  ? 76  PHE A C   1 
ATOM   562  O  O   . PHE A 1 76  ? 3.527   13.565  -1.856  1.00 17.11  ? 76  PHE A O   1 
ATOM   563  C  CB  . PHE A 1 76  ? 1.752   11.506  0.104   1.00 14.74  ? 76  PHE A CB  1 
ATOM   564  C  CG  . PHE A 1 76  ? 1.044   11.239  -1.191  1.00 14.69  ? 76  PHE A CG  1 
ATOM   565  C  CD1 . PHE A 1 76  ? -0.281  11.574  -1.343  1.00 14.68  ? 76  PHE A CD1 1 
ATOM   566  C  CD2 . PHE A 1 76  ? 1.716   10.648  -2.247  1.00 14.37  ? 76  PHE A CD2 1 
ATOM   567  C  CE1 . PHE A 1 76  ? -0.946  11.321  -2.534  1.00 14.88  ? 76  PHE A CE1 1 
ATOM   568  C  CE2 . PHE A 1 76  ? 1.059   10.409  -3.447  1.00 14.65  ? 76  PHE A CE2 1 
ATOM   569  C  CZ  . PHE A 1 76  ? -0.273  10.741  -3.580  1.00 15.55  ? 76  PHE A CZ  1 
ATOM   570  N  N   . SER A 1 77  ? 4.756   12.613  -0.183  1.00 16.86  ? 77  SER A N   1 
ATOM   571  C  CA  . SER A 1 77  ? 6.062   12.662  -0.884  1.00 17.87  ? 77  SER A CA  1 
ATOM   572  C  C   . SER A 1 77  ? 6.043   11.648  -2.024  1.00 18.65  ? 77  SER A C   1 
ATOM   573  O  O   . SER A 1 77  ? 5.277   10.687  -1.943  1.00 19.43  ? 77  SER A O   1 
ATOM   574  C  CB  . SER A 1 77  ? 7.197   12.392  0.045   1.00 17.93  ? 77  SER A CB  1 
ATOM   575  O  OG  . SER A 1 77  ? 7.020   11.144  0.706   1.00 18.25  ? 77  SER A OG  1 
ATOM   576  N  N   . LYS A 1 78  ? 6.836   11.881  -3.058  1.00 19.02  ? 78  LYS A N   1 
ATOM   577  C  CA  . LYS A 1 78  ? 6.996   10.895  -4.169  1.00 20.75  ? 78  LYS A CA  1 
ATOM   578  C  C   . LYS A 1 78  ? 7.642   9.627   -3.613  1.00 20.77  ? 78  LYS A C   1 
ATOM   579  O  O   . LYS A 1 78  ? 8.391   9.667   -2.644  1.00 19.92  ? 78  LYS A O   1 
ATOM   580  C  CB  . LYS A 1 78  ? 7.771   11.520  -5.341  1.00 22.85  ? 78  LYS A CB  1 
ATOM   581  C  CG  . LYS A 1 78  ? 6.982   12.556  -6.145  1.00 24.10  ? 78  LYS A CG  1 
ATOM   582  C  CD  . LYS A 1 78  ? 7.768   13.300  -7.248  1.00 25.67  ? 78  LYS A CD  1 
ATOM   583  C  CE  . LYS A 1 78  ? 6.855   14.181  -8.073  1.00 27.47  ? 78  LYS A CE  1 
ATOM   584  N  NZ  . LYS A 1 78  ? 7.465   14.581  -9.369  1.00 31.17  ? 78  LYS A NZ  1 
ATOM   585  N  N   . PRO A 1 79  ? 7.364   8.441   -4.208  1.00 20.71  ? 79  PRO A N   1 
ATOM   586  C  CA  . PRO A 1 79  ? 7.943   7.192   -3.711  1.00 21.05  ? 79  PRO A CA  1 
ATOM   587  C  C   . PRO A 1 79  ? 9.477   7.263   -3.616  1.00 21.99  ? 79  PRO A C   1 
ATOM   588  O  O   . PRO A 1 79  ? 10.118  7.703   -4.558  1.00 22.57  ? 79  PRO A O   1 
ATOM   589  C  CB  . PRO A 1 79  ? 7.512   6.154   -4.758  1.00 20.94  ? 79  PRO A CB  1 
ATOM   590  C  CG  . PRO A 1 79  ? 6.265   6.743   -5.383  1.00 21.48  ? 79  PRO A CG  1 
ATOM   591  C  CD  . PRO A 1 79  ? 6.441   8.250   -5.330  1.00 19.79  ? 79  PRO A CD  1 
ATOM   592  N  N   A SER A 1 80  ? 10.033  6.852   -2.473  0.25 21.06  ? 80  SER A N   1 
ATOM   593  N  N   B SER A 1 80  ? 10.043  6.827   -2.493  0.25 21.72  ? 80  SER A N   1 
ATOM   594  C  CA  A SER A 1 80  ? 11.490  6.916   -2.176  0.25 22.68  ? 80  SER A CA  1 
ATOM   595  C  CA  B SER A 1 80  ? 11.509  6.852   -2.257  0.25 23.77  ? 80  SER A CA  1 
ATOM   596  C  C   A SER A 1 80  ? 11.896  5.775   -1.242  0.25 21.42  ? 80  SER A C   1 
ATOM   597  C  C   B SER A 1 80  ? 11.897  5.787   -1.231  0.25 22.01  ? 80  SER A C   1 
ATOM   598  O  O   A SER A 1 80  ? 11.003  5.035   -0.778  0.25 21.00  ? 80  SER A O   1 
ATOM   599  O  O   B SER A 1 80  ? 10.993  5.098   -0.706  0.25 21.41  ? 80  SER A O   1 
ATOM   600  C  CB  A SER A 1 80  ? 11.889  8.237   -1.558  0.25 23.79  ? 80  SER A CB  1 
ATOM   601  C  CB  B SER A 1 80  ? 11.976  8.220   -1.815  0.25 25.96  ? 80  SER A CB  1 
ATOM   602  O  OG  A SER A 1 80  ? 10.813  9.148   -1.520  0.25 26.04  ? 80  SER A OG  1 
ATOM   603  O  OG  B SER A 1 80  ? 11.474  9.240   -2.664  0.25 29.62  ? 80  SER A OG  1 
ATOM   604  N  N   . LEU A 1 81  ? 13.203  5.683   -0.985  1.00 20.80  ? 81  LEU A N   1 
ATOM   605  C  CA  . LEU A 1 81  ? 13.852  4.762   -0.033  1.00 22.61  ? 81  LEU A CA  1 
ATOM   606  C  C   . LEU A 1 81  ? 13.905  5.475   1.318   1.00 23.36  ? 81  LEU A C   1 
ATOM   607  O  O   . LEU A 1 81  ? 14.528  6.556   1.390   1.00 24.01  ? 81  LEU A O   1 
ATOM   608  C  CB  . LEU A 1 81  ? 15.250  4.453   -0.580  1.00 24.06  ? 81  LEU A CB  1 
ATOM   609  C  CG  . LEU A 1 81  ? 15.986  3.294   0.092   1.00 24.98  ? 81  LEU A CG  1 
ATOM   610  C  CD1 . LEU A 1 81  ? 15.162  2.009   0.030   1.00 23.60  ? 81  LEU A CD1 1 
ATOM   611  C  CD2 . LEU A 1 81  ? 17.355  3.087   -0.527  1.00 24.09  ? 81  LEU A CD2 1 
ATOM   612  N  N   . ILE A 1 82  ? 13.175  4.961   2.306   1.00 21.84  ? 82  ILE A N   1 
ATOM   613  C  CA  . ILE A 1 82  ? 12.979  5.622   3.630   1.00 24.67  ? 82  ILE A CA  1 
ATOM   614  C  C   . ILE A 1 82  ? 13.359  4.663   4.748   1.00 24.48  ? 82  ILE A C   1 
ATOM   615  O  O   . ILE A 1 82  ? 12.859  3.513   4.764   1.00 23.32  ? 82  ILE A O   1 
ATOM   616  C  CB  . ILE A 1 82  ? 11.526  6.091   3.818   1.00 25.29  ? 82  ILE A CB  1 
ATOM   617  C  CG1 . ILE A 1 82  ? 11.018  6.890   2.617   1.00 26.85  ? 82  ILE A CG1 1 
ATOM   618  C  CG2 . ILE A 1 82  ? 11.397  6.865   5.127   1.00 26.32  ? 82  ILE A CG2 1 
ATOM   619  C  CD1 . ILE A 1 82  ? 11.741  8.178   2.388   1.00 30.61  ? 82  ILE A CD1 1 
ATOM   620  N  N   . PHE A 1 83  ? 14.158  5.139   5.698   1.00 22.89  ? 83  PHE A N   1 
ATOM   621  C  CA  . PHE A 1 83  ? 14.445  4.353   6.916   1.00 24.43  ? 83  PHE A CA  1 
ATOM   622  C  C   . PHE A 1 83  ? 13.181  4.282   7.778   1.00 23.14  ? 83  PHE A C   1 
ATOM   623  O  O   . PHE A 1 83  ? 12.579  5.306   8.106   1.00 25.82  ? 83  PHE A O   1 
ATOM   624  C  CB  . PHE A 1 83  ? 15.642  4.908   7.684   1.00 28.17  ? 83  PHE A CB  1 
ATOM   625  C  CG  . PHE A 1 83  ? 16.138  3.910   8.693   1.00 26.98  ? 83  PHE A CG  1 
ATOM   626  C  CD1 . PHE A 1 83  ? 16.834  2.782   8.282   1.00 28.91  ? 83  PHE A CD1 1 
ATOM   627  C  CD2 . PHE A 1 83  ? 15.802  4.041   10.033  1.00 31.07  ? 83  PHE A CD2 1 
ATOM   628  C  CE1 . PHE A 1 83  ? 17.256  1.840   9.210   1.00 30.51  ? 83  PHE A CE1 1 
ATOM   629  C  CE2 . PHE A 1 83  ? 16.225  3.101   10.958  1.00 29.74  ? 83  PHE A CE2 1 
ATOM   630  C  CZ  . PHE A 1 83  ? 16.953  2.008   10.546  1.00 29.79  ? 83  PHE A CZ  1 
ATOM   631  N  N   . VAL A 1 84  ? 12.792  3.057   8.122   1.00 21.31  ? 84  VAL A N   1 
ATOM   632  C  CA  . VAL A 1 84  ? 11.564  2.739   8.898   1.00 20.51  ? 84  VAL A CA  1 
ATOM   633  C  C   . VAL A 1 84  ? 12.000  1.981   10.150  1.00 22.13  ? 84  VAL A C   1 
ATOM   634  O  O   . VAL A 1 84  ? 12.664  0.928   10.025  1.00 22.31  ? 84  VAL A O   1 
ATOM   635  C  CB  . VAL A 1 84  ? 10.565  1.907   8.073   1.00 19.72  ? 84  VAL A CB  1 
ATOM   636  C  CG1 . VAL A 1 84  ? 9.344   1.517   8.890   1.00 20.48  ? 84  VAL A CG1 1 
ATOM   637  C  CG2 . VAL A 1 84  ? 10.167  2.624   6.802   1.00 19.53  ? 84  VAL A CG2 1 
ATOM   638  N  N   . GLU A 1 85  ? 11.656  2.526   11.307  1.00 23.23  ? 85  GLU A N   1 
ATOM   639  C  CA  . GLU A 1 85  ? 11.982  1.919   12.615  1.00 24.09  ? 85  GLU A CA  1 
ATOM   640  C  C   . GLU A 1 85  ? 11.319  0.536   12.700  1.00 23.77  ? 85  GLU A C   1 
ATOM   641  O  O   . GLU A 1 85  ? 10.313  0.294   12.007  1.00 23.26  ? 85  GLU A O   1 
ATOM   642  C  CB  . GLU A 1 85  ? 11.493  2.839   13.735  1.00 27.56  ? 85  GLU A CB  1 
ATOM   643  C  CG  . GLU A 1 85  ? 12.232  4.166   13.770  1.00 28.80  ? 85  GLU A CG  1 
ATOM   644  C  CD  . GLU A 1 85  ? 13.720  3.998   13.995  1.00 34.49  ? 85  GLU A CD  1 
ATOM   645  O  OE1 . GLU A 1 85  ? 14.079  3.194   14.876  1.00 34.56  ? 85  GLU A OE1 1 
ATOM   646  O  OE2 . GLU A 1 85  ? 14.517  4.636   13.258  1.00 33.58  ? 85  GLU A OE2 1 
ATOM   647  N  N   . ALA A 1 86  ? 11.859  -0.331  13.543  1.00 25.77  ? 86  ALA A N   1 
ATOM   648  C  CA  . ALA A 1 86  ? 11.319  -1.680  13.826  1.00 27.61  ? 86  ALA A CA  1 
ATOM   649  C  C   . ALA A 1 86  ? 9.850   -1.555  14.224  1.00 28.60  ? 86  ALA A C   1 
ATOM   650  O  O   . ALA A 1 86  ? 9.481   -0.534  14.759  1.00 31.42  ? 86  ALA A O   1 
ATOM   651  C  CB  . ALA A 1 86  ? 12.137  -2.338  14.905  1.00 26.97  ? 86  ALA A CB  1 
ATOM   652  N  N   . SER A 1 87  ? 9.033   -2.563  13.941  1.00 31.66  ? 87  SER A N   1 
ATOM   653  C  CA  . SER A 1 87  ? 7.575   -2.545  14.227  1.00 34.45  ? 87  SER A CA  1 
ATOM   654  C  C   . SER A 1 87  ? 7.139   -3.886  14.810  1.00 39.58  ? 87  SER A C   1 
ATOM   655  O  O   . SER A 1 87  ? 7.888   -4.860  14.652  1.00 33.66  ? 87  SER A O   1 
ATOM   656  C  CB  . SER A 1 87  ? 6.816   -2.237  12.962  1.00 34.23  ? 87  SER A CB  1 
ATOM   657  O  OG  . SER A 1 87  ? 7.097   -3.241  11.981  1.00 31.08  ? 87  SER A OG  1 
ATOM   658  N  N   . GLU A 1 88  ? 5.957   -3.925  15.435  1.00 51.80  ? 88  GLU A N   1 
ATOM   659  C  CA  . GLU A 1 88  ? 5.297   -5.181  15.885  1.00 58.44  ? 88  GLU A CA  1 
ATOM   660  C  C   . GLU A 1 88  ? 5.303   -6.201  14.738  1.00 56.30  ? 88  GLU A C   1 
ATOM   661  O  O   . GLU A 1 88  ? 4.735   -7.291  14.965  1.00 54.06  ? 88  GLU A O   1 
ATOM   662  C  CB  . GLU A 1 88  ? 3.859   -4.921  16.357  1.00 65.86  ? 88  GLU A CB  1 
ATOM   663  C  CG  . GLU A 1 88  ? 2.861   -4.682  15.226  1.00 68.66  ? 88  GLU A CG  1 
ATOM   664  C  CD  . GLU A 1 88  ? 1.400   -4.600  15.637  1.00 70.08  ? 88  GLU A CD  1 
ATOM   665  O  OE1 . GLU A 1 88  ? 1.114   -4.005  16.704  1.00 75.78  ? 88  GLU A OE1 1 
ATOM   666  O  OE2 . GLU A 1 88  ? 0.547   -5.132  14.887  1.00 68.99  ? 88  GLU A OE2 1 
ATOM   667  N  N   . TYR A 1 89  ? 5.879   -5.863  13.560  1.00 60.80  ? 89  TYR A N   1 
ATOM   668  C  CA  . TYR A 1 89  ? 5.808   -6.686  12.315  1.00 59.24  ? 89  TYR A CA  1 
ATOM   669  C  C   . TYR A 1 89  ? 7.104   -6.685  11.453  1.00 56.61  ? 89  TYR A C   1 
ATOM   670  O  O   . TYR A 1 89  ? 7.252   -7.684  10.719  1.00 58.39  ? 89  TYR A O   1 
ATOM   671  C  CB  . TYR A 1 89  ? 4.526   -6.361  11.523  1.00 61.07  ? 89  TYR A CB  1 
ATOM   672  C  CG  . TYR A 1 89  ? 4.208   -4.922  11.184  1.00 63.15  ? 89  TYR A CG  1 
ATOM   673  C  CD1 . TYR A 1 89  ? 3.186   -4.232  11.827  1.00 62.65  ? 89  TYR A CD1 1 
ATOM   674  C  CD2 . TYR A 1 89  ? 4.853   -4.275  10.141  1.00 58.17  ? 89  TYR A CD2 1 
ATOM   675  C  CE1 . TYR A 1 89  ? 2.866   -2.924  11.491  1.00 55.23  ? 89  TYR A CE1 1 
ATOM   676  C  CE2 . TYR A 1 89  ? 4.550   -2.964  9.798   1.00 59.87  ? 89  TYR A CE2 1 
ATOM   677  C  CZ  . TYR A 1 89  ? 3.550   -2.281  10.474  1.00 60.65  ? 89  TYR A CZ  1 
ATOM   678  O  OH  . TYR A 1 89  ? 3.229   -0.990  10.144  1.00 58.16  ? 89  TYR A OH  1 
ATOM   679  N  N   . TYR A 1 90  ? 8.002   -5.676  11.483  1.00 49.87  ? 90  TYR A N   1 
ATOM   680  C  CA  . TYR A 1 90  ? 9.344   -5.698  10.807  1.00 41.79  ? 90  TYR A CA  1 
ATOM   681  C  C   . TYR A 1 90  ? 10.420  -5.068  11.701  1.00 42.83  ? 90  TYR A C   1 
ATOM   682  O  O   . TYR A 1 90  ? 10.123  -4.290  12.604  1.00 48.25  ? 90  TYR A O   1 
ATOM   683  C  CB  . TYR A 1 90  ? 9.450   -4.872  9.505   1.00 37.98  ? 90  TYR A CB  1 
ATOM   684  C  CG  . TYR A 1 90  ? 8.798   -5.415  8.253   1.00 31.18  ? 90  TYR A CG  1 
ATOM   685  C  CD1 . TYR A 1 90  ? 9.415   -6.334  7.407   1.00 27.15  ? 90  TYR A CD1 1 
ATOM   686  C  CD2 . TYR A 1 90  ? 7.550   -4.947  7.891   1.00 26.09  ? 90  TYR A CD2 1 
ATOM   687  C  CE1 . TYR A 1 90  ? 8.768   -6.815  6.269   1.00 24.99  ? 90  TYR A CE1 1 
ATOM   688  C  CE2 . TYR A 1 90  ? 6.903   -5.397  6.756   1.00 23.95  ? 90  TYR A CE2 1 
ATOM   689  C  CZ  . TYR A 1 90  ? 7.497   -6.346  5.949   1.00 23.78  ? 90  TYR A CZ  1 
ATOM   690  O  OH  . TYR A 1 90  ? 6.751   -6.733  4.867   1.00 18.51  ? 90  TYR A OH  1 
ATOM   691  N  N   . PRO A 1 91  ? 11.712  -5.362  11.425  1.00 38.23  ? 91  PRO A N   1 
ATOM   692  C  CA  . PRO A 1 91  ? 12.857  -4.708  12.063  1.00 35.64  ? 91  PRO A CA  1 
ATOM   693  C  C   . PRO A 1 91  ? 13.393  -3.493  11.291  1.00 31.86  ? 91  PRO A C   1 
ATOM   694  O  O   . PRO A 1 91  ? 13.160  -3.408  10.091  1.00 27.35  ? 91  PRO A O   1 
ATOM   695  C  CB  . PRO A 1 91  ? 13.914  -5.804  11.990  1.00 39.03  ? 91  PRO A CB  1 
ATOM   696  C  CG  . PRO A 1 91  ? 13.641  -6.445  10.635  1.00 40.45  ? 91  PRO A CG  1 
ATOM   697  C  CD  . PRO A 1 91  ? 12.136  -6.419  10.506  1.00 40.70  ? 91  PRO A CD  1 
ATOM   698  N  N   . ALA A 1 92  ? 14.101  -2.595  11.982  1.00 27.44  ? 92  ALA A N   1 
ATOM   699  C  CA  . ALA A 1 92  ? 14.508  -1.278  11.436  1.00 27.17  ? 92  ALA A CA  1 
ATOM   700  C  C   . ALA A 1 92  ? 15.258  -1.517  10.125  1.00 26.18  ? 92  ALA A C   1 
ATOM   701  O  O   . ALA A 1 92  ? 16.207  -2.340  10.110  1.00 25.59  ? 92  ALA A O   1 
ATOM   702  C  CB  . ALA A 1 92  ? 15.346  -0.490  12.421  1.00 25.80  ? 92  ALA A CB  1 
ATOM   703  N  N   . ARG A 1 93  ? 14.846  -0.832  9.060   1.00 25.75  ? 93  ARG A N   1 
ATOM   704  C  CA  . ARG A 1 93  ? 15.325  -1.135  7.693   1.00 25.30  ? 93  ARG A CA  1 
ATOM   705  C  C   . ARG A 1 93  ? 14.905  -0.033  6.718   1.00 23.96  ? 93  ARG A C   1 
ATOM   706  O  O   . ARG A 1 93  ? 13.988  0.752   7.038   1.00 23.17  ? 93  ARG A O   1 
ATOM   707  C  CB  . ARG A 1 93  ? 14.718  -2.486  7.311   1.00 27.67  ? 93  ARG A CB  1 
ATOM   708  C  CG  . ARG A 1 93  ? 13.214  -2.409  7.108   1.00 29.42  ? 93  ARG A CG  1 
ATOM   709  C  CD  . ARG A 1 93  ? 12.544  -3.742  6.868   1.00 31.94  ? 93  ARG A CD  1 
ATOM   710  N  NE  . ARG A 1 93  ? 11.284  -3.419  6.215   1.00 33.83  ? 93  ARG A NE  1 
ATOM   711  C  CZ  . ARG A 1 93  ? 10.735  -4.067  5.207   1.00 33.98  ? 93  ARG A CZ  1 
ATOM   712  N  NH1 . ARG A 1 93  ? 11.338  -5.125  4.684   1.00 38.13  ? 93  ARG A NH1 1 
ATOM   713  N  NH2 . ARG A 1 93  ? 9.568   -3.642  4.733   1.00 30.38  ? 93  ARG A NH2 1 
ATOM   714  N  N   . TYR A 1 94  ? 15.520  -0.004  5.540   1.00 23.32  ? 94  TYR A N   1 
ATOM   715  C  CA  . TYR A 1 94  ? 15.142  0.893   4.423   1.00 23.60  ? 94  TYR A CA  1 
ATOM   716  C  C   . TYR A 1 94  ? 13.997  0.277   3.632   1.00 20.56  ? 94  TYR A C   1 
ATOM   717  O  O   . TYR A 1 94  ? 14.178  -0.802  3.041   1.00 22.40  ? 94  TYR A O   1 
ATOM   718  C  CB  . TYR A 1 94  ? 16.331  1.200   3.515   1.00 26.74  ? 94  TYR A CB  1 
ATOM   719  C  CG  . TYR A 1 94  ? 17.269  2.157   4.192   1.00 28.64  ? 94  TYR A CG  1 
ATOM   720  C  CD1 . TYR A 1 94  ? 17.023  3.518   4.158   1.00 28.09  ? 94  TYR A CD1 1 
ATOM   721  C  CD2 . TYR A 1 94  ? 18.326  1.694   4.963   1.00 28.68  ? 94  TYR A CD2 1 
ATOM   722  C  CE1 . TYR A 1 94  ? 17.852  4.411   4.818   1.00 29.31  ? 94  TYR A CE1 1 
ATOM   723  C  CE2 . TYR A 1 94  ? 19.166  2.573   5.623   1.00 29.75  ? 94  TYR A CE2 1 
ATOM   724  C  CZ  . TYR A 1 94  ? 18.930  3.935   5.544   1.00 30.37  ? 94  TYR A CZ  1 
ATOM   725  O  OH  . TYR A 1 94  ? 19.766  4.791   6.192   1.00 32.02  ? 94  TYR A OH  1 
ATOM   726  N  N   . GLN A 1 95  ? 12.828  0.919   3.684   1.00 20.13  ? 95  GLN A N   1 
ATOM   727  C  CA  . GLN A 1 95  ? 11.653  0.516   2.881   1.00 20.36  ? 95  GLN A CA  1 
ATOM   728  C  C   . GLN A 1 95  ? 11.707  1.305   1.573   1.00 18.53  ? 95  GLN A C   1 
ATOM   729  O  O   . GLN A 1 95  ? 11.879  2.544   1.623   1.00 17.96  ? 95  GLN A O   1 
ATOM   730  C  CB  . GLN A 1 95  ? 10.342  0.767   3.623   1.00 20.69  ? 95  GLN A CB  1 
ATOM   731  C  CG  . GLN A 1 95  ? 9.139   0.138   2.933   1.00 21.83  ? 95  GLN A CG  1 
ATOM   732  C  CD  . GLN A 1 95  ? 7.968   -0.082  3.865   1.00 22.23  ? 95  GLN A CD  1 
ATOM   733  O  OE1 . GLN A 1 95  ? 8.132   -0.207  5.069   1.00 24.06  ? 95  GLN A OE1 1 
ATOM   734  N  NE2 . GLN A 1 95  ? 6.762   -0.100  3.318   1.00 19.34  ? 95  GLN A NE2 1 
ATOM   735  N  N   . SER A 1 96  ? 11.531  0.615   0.454   1.00 18.60  ? 96  SER A N   1 
ATOM   736  C  CA  . SER A 1 96  ? 11.535  1.231   -0.887  1.00 17.94  ? 96  SER A CA  1 
ATOM   737  C  C   . SER A 1 96  ? 10.102  1.573   -1.328  1.00 17.40  ? 96  SER A C   1 
ATOM   738  O  O   . SER A 1 96  ? 9.126   0.926   -0.843  1.00 16.78  ? 96  SER A O   1 
ATOM   739  C  CB  . SER A 1 96  ? 12.232  0.337   -1.903  1.00 17.06  ? 96  SER A CB  1 
ATOM   740  O  OG  . SER A 1 96  ? 11.537  -0.884  -2.027  1.00 17.30  ? 96  SER A OG  1 
ATOM   741  N  N   . HIS A 1 97  ? 9.999   2.518   -2.256  1.00 16.52  ? 97  HIS A N   1 
ATOM   742  C  CA  . HIS A 1 97  ? 8.743   2.882   -2.958  1.00 18.42  ? 97  HIS A CA  1 
ATOM   743  C  C   . HIS A 1 97  ? 7.736   3.358   -1.910  1.00 16.19  ? 97  HIS A C   1 
ATOM   744  O  O   . HIS A 1 97  ? 6.566   3.022   -2.030  1.00 16.00  ? 97  HIS A O   1 
ATOM   745  C  CB  . HIS A 1 97  ? 8.210   1.704   -3.776  1.00 19.45  ? 97  HIS A CB  1 
ATOM   746  C  CG  . HIS A 1 97  ? 9.129   1.270   -4.866  1.00 19.50  ? 97  HIS A CG  1 
ATOM   747  N  ND1 . HIS A 1 97  ? 8.983   1.713   -6.173  1.00 18.68  ? 97  HIS A ND1 1 
ATOM   748  C  CD2 . HIS A 1 97  ? 10.233  0.498   -4.841  1.00 19.66  ? 97  HIS A CD2 1 
ATOM   749  C  CE1 . HIS A 1 97  ? 9.920   1.149   -6.912  1.00 19.74  ? 97  HIS A CE1 1 
ATOM   750  N  NE2 . HIS A 1 97  ? 10.723  0.449   -6.120  1.00 18.70  ? 97  HIS A NE2 1 
ATOM   751  N  N   . LEU A 1 98  ? 8.218   4.052   -0.882  1.00 17.73  ? 98  LEU A N   1 
ATOM   752  C  CA  . LEU A 1 98  ? 7.369   4.502   0.246   1.00 16.51  ? 98  LEU A CA  1 
ATOM   753  C  C   . LEU A 1 98  ? 7.095   6.002   0.092   1.00 15.72  ? 98  LEU A C   1 
ATOM   754  O  O   . LEU A 1 98  ? 8.036   6.780   -0.236  1.00 16.41  ? 98  LEU A O   1 
ATOM   755  C  CB  . LEU A 1 98  ? 8.052   4.143   1.562   1.00 17.35  ? 98  LEU A CB  1 
ATOM   756  C  CG  . LEU A 1 98  ? 7.232   4.440   2.812   1.00 17.07  ? 98  LEU A CG  1 
ATOM   757  C  CD1 . LEU A 1 98  ? 6.115   3.431   2.951   1.00 16.33  ? 98  LEU A CD1 1 
ATOM   758  C  CD2 . LEU A 1 98  ? 8.117   4.400   4.032   1.00 17.63  ? 98  LEU A CD2 1 
ATOM   759  N  N   . MET A 1 99  ? 5.834   6.374   0.286   1.00 15.23  ? 99  MET A N   1 
ATOM   760  C  CA  . MET A 1 99  ? 5.358   7.776   0.237   1.00 15.03  ? 99  MET A CA  1 
ATOM   761  C  C   . MET A 1 99  ? 4.923   8.192   1.650   1.00 15.26  ? 99  MET A C   1 
ATOM   762  O  O   . MET A 1 99  ? 4.233   7.392   2.311   1.00 15.37  ? 99  MET A O   1 
ATOM   763  C  CB  . MET A 1 99  ? 4.180   7.892   -0.732  1.00 15.90  ? 99  MET A CB  1 
ATOM   764  C  CG  . MET A 1 99  ? 4.547   7.427   -2.140  1.00 16.83  ? 99  MET A CG  1 
ATOM   765  S  SD  . MET A 1 99  ? 3.102   7.356   -3.149  1.00 17.69  ? 99  MET A SD  1 
ATOM   766  C  CE  . MET A 1 99  ? 2.242   5.924   -2.516  1.00 14.64  ? 99  MET A CE  1 
ATOM   767  N  N   . LEU A 1 100 ? 5.373   9.351   2.122   1.00 15.28  ? 100 LEU A N   1 
ATOM   768  C  CA  . LEU A 1 100 ? 5.019   9.801   3.500   1.00 14.91  ? 100 LEU A CA  1 
ATOM   769  C  C   . LEU A 1 100 ? 4.006   10.944  3.438   1.00 14.65  ? 100 LEU A C   1 
ATOM   770  O  O   . LEU A 1 100 ? 4.109   11.844  2.566   1.00 13.94  ? 100 LEU A O   1 
ATOM   771  C  CB  . LEU A 1 100 ? 6.273   10.240  4.264   1.00 16.05  ? 100 LEU A CB  1 
ATOM   772  C  CG  . LEU A 1 100 ? 7.290   9.146   4.566   1.00 17.45  ? 100 LEU A CG  1 
ATOM   773  C  CD1 . LEU A 1 100 ? 8.474   9.708   5.338   1.00 20.57  ? 100 LEU A CD1 1 
ATOM   774  C  CD2 . LEU A 1 100 ? 6.640   7.990   5.329   1.00 18.40  ? 100 LEU A CD2 1 
ATOM   775  N  N   . ALA A 1 101 ? 3.110   10.966  4.434   1.00 14.74  ? 101 ALA A N   1 
ATOM   776  C  CA  . ALA A 1 101 ? 2.169   12.083  4.673   1.00 14.30  ? 101 ALA A CA  1 
ATOM   777  C  C   . ALA A 1 101 ? 2.084   12.335  6.176   1.00 14.40  ? 101 ALA A C   1 
ATOM   778  O  O   . ALA A 1 101 ? 2.477   11.451  6.968   1.00 13.96  ? 101 ALA A O   1 
ATOM   779  C  CB  . ALA A 1 101 ? 0.799   11.812  4.096   1.00 16.29  ? 101 ALA A CB  1 
ATOM   780  N  N   . VAL A 1 102 ? 1.696   13.556  6.511   1.00 15.91  ? 102 VAL A N   1 
ATOM   781  C  CA  . VAL A 1 102 ? 1.352   13.943  7.901   1.00 15.77  ? 102 VAL A CA  1 
ATOM   782  C  C   . VAL A 1 102 ? -0.055  13.387  8.158   1.00 16.43  ? 102 VAL A C   1 
ATOM   783  O  O   . VAL A 1 102 ? -1.049  13.862  7.559   1.00 15.46  ? 102 VAL A O   1 
ATOM   784  C  CB  . VAL A 1 102 ? 1.454   15.452  8.133   1.00 15.42  ? 102 VAL A CB  1 
ATOM   785  C  CG1 . VAL A 1 102 ? 1.030   15.775  9.562   1.00 16.01  ? 102 VAL A CG1 1 
ATOM   786  C  CG2 . VAL A 1 102 ? 2.859   15.969  7.869   1.00 14.67  ? 102 VAL A CG2 1 
ATOM   787  N  N   . GLY A 1 103 ? -0.148  12.415  9.055   1.00 16.90  ? 103 GLY A N   1 
ATOM   788  C  CA  . GLY A 1 103 ? -1.448  11.830  9.368   1.00 17.23  ? 103 GLY A CA  1 
ATOM   789  C  C   . GLY A 1 103 ? -1.319  10.706  10.346  1.00 17.84  ? 103 GLY A C   1 
ATOM   790  O  O   . GLY A 1 103 ? -0.209  10.382  10.735  1.00 19.41  ? 103 GLY A O   1 
ATOM   791  N  N   . HIS A 1 104 ? -2.462  10.116  10.694  1.00 17.98  ? 104 HIS A N   1 
ATOM   792  C  CA  . HIS A 1 104 ? -2.563  9.115   11.770  1.00 17.86  ? 104 HIS A CA  1 
ATOM   793  C  C   . HIS A 1 104 ? -2.519  7.724   11.138  1.00 16.16  ? 104 HIS A C   1 
ATOM   794  O  O   . HIS A 1 104 ? -3.295  7.458   10.194  1.00 16.98  ? 104 HIS A O   1 
ATOM   795  C  CB  . HIS A 1 104 ? -3.810  9.343   12.639  1.00 19.18  ? 104 HIS A CB  1 
ATOM   796  C  CG  . HIS A 1 104 ? -3.880  8.376   13.768  1.00 20.18  ? 104 HIS A CG  1 
ATOM   797  N  ND1 . HIS A 1 104 ? -3.036  8.475   14.866  1.00 20.60  ? 104 HIS A ND1 1 
ATOM   798  C  CD2 . HIS A 1 104 ? -4.647  7.278   13.976  1.00 20.08  ? 104 HIS A CD2 1 
ATOM   799  C  CE1 . HIS A 1 104 ? -3.285  7.472   15.692  1.00 19.70  ? 104 HIS A CE1 1 
ATOM   800  N  NE2 . HIS A 1 104 ? -4.291  6.755   15.188  1.00 20.16  ? 104 HIS A NE2 1 
ATOM   801  N  N   . SER A 1 105 ? -1.660  6.878   11.680  1.00 16.12  ? 105 SER A N   1 
ATOM   802  C  CA  . SER A 1 105 ? -1.411  5.495   11.229  1.00 16.60  ? 105 SER A CA  1 
ATOM   803  C  C   . SER A 1 105 ? -0.963  4.618   12.393  1.00 17.96  ? 105 SER A C   1 
ATOM   804  O  O   . SER A 1 105 ? 0.203   4.770   12.817  1.00 19.36  ? 105 SER A O   1 
ATOM   805  C  CB  . SER A 1 105 ? -0.351  5.485   10.160  1.00 15.92  ? 105 SER A CB  1 
ATOM   806  O  OG  . SER A 1 105 ? -0.137  4.164   9.707   1.00 16.31  ? 105 SER A OG  1 
ATOM   807  N  N   . GLU A 1 106 ? -1.809  3.675   12.789  1.00 15.98  ? 106 GLU A N   1 
ATOM   808  C  CA  . GLU A 1 106 ? -1.487  2.575   13.729  1.00 18.15  ? 106 GLU A CA  1 
ATOM   809  C  C   . GLU A 1 106 ? -1.321  1.274   12.951  1.00 18.63  ? 106 GLU A C   1 
ATOM   810  O  O   . GLU A 1 106 ? -1.774  1.147   11.812  1.00 18.41  ? 106 GLU A O   1 
ATOM   811  C  CB  . GLU A 1 106 ? -2.583  2.446   14.793  1.00 19.13  ? 106 GLU A CB  1 
ATOM   812  C  CG  . GLU A 1 106 ? -2.866  3.743   15.546  1.00 22.21  ? 106 GLU A CG  1 
ATOM   813  C  CD  . GLU A 1 106 ? -4.035  3.727   16.534  1.00 22.77  ? 106 GLU A CD  1 
ATOM   814  O  OE1 . GLU A 1 106 ? -4.444  2.654   17.000  1.00 25.19  ? 106 GLU A OE1 1 
ATOM   815  O  OE2 . GLU A 1 106 ? -4.533  4.797   16.842  1.00 24.97  ? 106 GLU A OE2 1 
ATOM   816  N  N   . PRO A 1 107 ? -0.644  0.246   13.500  1.00 18.81  ? 107 PRO A N   1 
ATOM   817  C  CA  . PRO A 1 107 ? -0.373  -0.970  12.719  1.00 18.39  ? 107 PRO A CA  1 
ATOM   818  C  C   . PRO A 1 107 ? -1.596  -1.556  11.990  1.00 17.12  ? 107 PRO A C   1 
ATOM   819  O  O   . PRO A 1 107 ? -1.475  -1.972  10.827  1.00 17.10  ? 107 PRO A O   1 
ATOM   820  C  CB  . PRO A 1 107 ? 0.173   -1.911  13.808  1.00 18.79  ? 107 PRO A CB  1 
ATOM   821  C  CG  . PRO A 1 107 ? 0.952   -0.955  14.687  1.00 19.09  ? 107 PRO A CG  1 
ATOM   822  C  CD  . PRO A 1 107 ? -0.003  0.226   14.831  1.00 19.45  ? 107 PRO A CD  1 
ATOM   823  N  N   . GLY A 1 108 ? -2.759  -1.582  12.646  1.00 16.89  ? 108 GLY A N   1 
ATOM   824  C  CA  . GLY A 1 108 ? -4.035  -2.074  12.095  1.00 16.77  ? 108 GLY A CA  1 
ATOM   825  C  C   . GLY A 1 108 ? -4.572  -1.202  10.976  1.00 16.16  ? 108 GLY A C   1 
ATOM   826  O  O   . GLY A 1 108 ? -5.465  -1.660  10.246  1.00 18.94  ? 108 GLY A O   1 
ATOM   827  N  N   . ASP A 1 109 ? -4.040  0.010   10.800  1.00 16.32  ? 109 ASP A N   1 
ATOM   828  C  CA  . ASP A 1 109 ? -4.382  0.865   9.640   1.00 15.65  ? 109 ASP A CA  1 
ATOM   829  C  C   . ASP A 1 109 ? -3.763  0.331   8.351   1.00 14.79  ? 109 ASP A C   1 
ATOM   830  O  O   . ASP A 1 109 ? -4.216  0.756   7.296   1.00 14.40  ? 109 ASP A O   1 
ATOM   831  C  CB  . ASP A 1 109 ? -3.984  2.321   9.880   1.00 16.63  ? 109 ASP A CB  1 
ATOM   832  C  CG  . ASP A 1 109 ? -4.870  2.901   10.973  1.00 15.80  ? 109 ASP A CG  1 
ATOM   833  O  OD1 . ASP A 1 109 ? -6.080  2.510   11.021  1.00 15.57  ? 109 ASP A OD1 1 
ATOM   834  O  OD2 . ASP A 1 109 ? -4.352  3.674   11.795  1.00 16.68  ? 109 ASP A OD2 1 
ATOM   835  N  N   . CYS A 1 110 ? -2.801  -0.579  8.420   1.00 14.24  ? 110 CYS A N   1 
ATOM   836  C  CA  . CYS A 1 110 ? -2.206  -1.144  7.183   1.00 14.16  ? 110 CYS A CA  1 
ATOM   837  C  C   . CYS A 1 110 ? -3.295  -1.729  6.280   1.00 15.13  ? 110 CYS A C   1 
ATOM   838  O  O   . CYS A 1 110 ? -4.184  -2.426  6.797   1.00 15.46  ? 110 CYS A O   1 
ATOM   839  C  CB  . CYS A 1 110 ? -1.178  -2.211  7.516   1.00 15.18  ? 110 CYS A CB  1 
ATOM   840  S  SG  . CYS A 1 110 ? 0.370   -1.491  8.103   1.00 16.05  ? 110 CYS A SG  1 
ATOM   841  N  N   . GLY A 1 111 ? -3.179  -1.490  4.978   1.00 14.31  ? 111 GLY A N   1 
ATOM   842  C  CA  . GLY A 1 111 ? -4.113  -1.970  3.960   1.00 15.13  ? 111 GLY A CA  1 
ATOM   843  C  C   . GLY A 1 111 ? -5.175  -0.937  3.669   1.00 15.72  ? 111 GLY A C   1 
ATOM   844  O  O   . GLY A 1 111 ? -5.936  -1.124  2.699   1.00 15.72  ? 111 GLY A O   1 
ATOM   845  N  N   . GLY A 1 112 ? -5.151  0.169   4.403   0.26 13.99  ? 112 GLY A N   1 
ATOM   846  C  CA  . GLY A 1 112 ? -6.076  1.250   4.032   0.26 14.91  ? 112 GLY A CA  1 
ATOM   847  C  C   . GLY A 1 112 ? -5.604  1.909   2.718   0.26 14.89  ? 112 GLY A C   1 
ATOM   848  O  O   . GLY A 1 112 ? -4.424  2.024   2.550   0.26 13.81  ? 112 GLY A O   1 
ATOM   849  N  N   . ILE A 1 113 ? -6.533  2.158   1.798   0.26 14.05  ? 113 ILE A N   1 
ATOM   850  C  CA  . ILE A 1 113 ? -6.228  2.704   0.438   0.26 14.71  ? 113 ILE A CA  1 
ATOM   851  C  C   . ILE A 1 113 ? -5.993  4.206   0.451   0.26 14.31  ? 113 ILE A C   1 
ATOM   852  O  O   . ILE A 1 113 ? -6.777  4.836   1.076   0.26 13.45  ? 113 ILE A O   1 
ATOM   853  C  CB  . ILE A 1 113 ? -7.255  2.302   -0.657  0.26 15.86  ? 113 ILE A CB  1 
ATOM   854  C  CG1 . ILE A 1 113 ? -7.131  0.816   -0.915  0.26 17.44  ? 113 ILE A CG1 1 
ATOM   855  C  CG2 . ILE A 1 113 ? -7.058  3.026   -1.992  0.26 16.60  ? 113 ILE A CG2 1 
ATOM   856  C  CD1 . ILE A 1 113 ? -8.219  0.285   -1.856  0.26 18.61  ? 113 ILE A CD1 1 
ATOM   857  N  N   . LEU A 1 114 ? -4.960  4.688   -0.278  0.26 13.63  ? 114 LEU A N   1 
ATOM   858  C  CA  . LEU A 1 114 ? -4.708  6.090   -0.667  0.26 13.77  ? 114 LEU A CA  1 
ATOM   859  C  C   . LEU A 1 114 ? -5.119  6.210   -2.137  0.26 16.12  ? 114 LEU A C   1 
ATOM   860  O  O   . LEU A 1 114 ? -4.675  5.453   -2.942  0.26 15.43  ? 114 LEU A O   1 
ATOM   861  C  CB  . LEU A 1 114 ? -3.220  6.329   -0.519  0.26 13.15  ? 114 LEU A CB  1 
ATOM   862  C  CG  . LEU A 1 114 ? -2.734  7.632   -1.137  0.26 13.39  ? 114 LEU A CG  1 
ATOM   863  C  CD1 . LEU A 1 114 ? -3.392  8.879   -0.519  0.26 14.80  ? 114 LEU A CD1 1 
ATOM   864  C  CD2 . LEU A 1 114 ? -1.232  7.702   -1.162  0.26 13.67  ? 114 LEU A CD2 1 
ATOM   865  N  N   . ARG A 1 115 ? -6.063  7.104   -2.402  0.26 16.18  ? 115 ARG A N   1 
ATOM   866  C  CA  . ARG A 1 115 ? -6.531  7.239   -3.779  0.26 19.18  ? 115 ARG A CA  1 
ATOM   867  C  C   . ARG A 1 115 ? -6.553  8.686   -4.221  0.26 18.41  ? 115 ARG A C   1 
ATOM   868  O  O   . ARG A 1 115 ? -6.793  9.593   -3.438  0.26 20.02  ? 115 ARG A O   1 
ATOM   869  C  CB  . ARG A 1 115 ? -8.030  7.049   -3.799  0.26 22.08  ? 115 ARG A CB  1 
ATOM   870  C  CG  . ARG A 1 115 ? -8.440  5.626   -3.661  0.26 30.01  ? 115 ARG A CG  1 
ATOM   871  C  CD  . ARG A 1 115 ? -9.934  5.513   -3.757  0.26 36.00  ? 115 ARG A CD  1 
ATOM   872  N  NE  . ARG A 1 115 ? -10.259 4.180   -4.180  0.26 39.66  ? 115 ARG A NE  1 
ATOM   873  C  CZ  . ARG A 1 115 ? -10.241 3.753   -5.420  0.26 43.48  ? 115 ARG A CZ  1 
ATOM   874  N  NH1 . ARG A 1 115 ? -9.863  4.516   -6.437  0.26 40.74  ? 115 ARG A NH1 1 
ATOM   875  N  NH2 . ARG A 1 115 ? -10.438 2.487   -5.565  0.26 45.63  ? 115 ARG A NH2 1 
ATOM   876  N  N   . CYS A 1 116 ? -6.296  8.856   -5.505  0.26 18.32  ? 116 CYS A N   1 
ATOM   877  C  CA  . CYS A 1 116 ? -6.284  10.144  -6.241  0.26 20.10  ? 116 CYS A CA  1 
ATOM   878  C  C   . CYS A 1 116 ? -7.344  9.966   -7.337  0.26 20.74  ? 116 CYS A C   1 
ATOM   879  O  O   . CYS A 1 116 ? -8.068  8.928   -7.372  0.26 19.90  ? 116 CYS A O   1 
ATOM   880  C  CB  . CYS A 1 116 ? -4.899  10.434  -6.795  0.26 19.77  ? 116 CYS A CB  1 
ATOM   881  S  SG  . CYS A 1 116 ? -4.543  9.421   -8.249  0.26 18.99  ? 116 CYS A SG  1 
ATOM   882  N  N   . GLN A 1 117 ? -7.512  11.007  -8.136  0.26 24.50  ? 117 GLN A N   1 
ATOM   883  C  CA  . GLN A 1 117 ? -8.583  10.992  -9.163  0.26 26.90  ? 117 GLN A CA  1 
ATOM   884  C  C   . GLN A 1 117 ? -8.304  9.977   -10.265 0.26 25.43  ? 117 GLN A C   1 
ATOM   885  O  O   . GLN A 1 117 ? -9.278  9.653   -10.960 0.26 28.20  ? 117 GLN A O   1 
ATOM   886  C  CB  . GLN A 1 117 ? -8.749  12.327  -9.875  0.26 29.01  ? 117 GLN A CB  1 
ATOM   887  C  CG  . GLN A 1 117 ? -7.498  12.951  -10.456 0.26 32.74  ? 117 GLN A CG  1 
ATOM   888  C  CD  . GLN A 1 117 ? -7.798  14.168  -11.298 0.26 38.31  ? 117 GLN A CD  1 
ATOM   889  O  OE1 . GLN A 1 117 ? -7.087  15.169  -11.250 0.26 41.68  ? 117 GLN A OE1 1 
ATOM   890  N  NE2 . GLN A 1 117 ? -8.861  14.088  -12.080 0.26 43.38  ? 117 GLN A NE2 1 
ATOM   891  N  N   . HIS A 1 118 ? -7.065  9.478   -10.301 1.00 22.74  ? 118 HIS A N   1 
ATOM   892  C  CA  . HIS A 1 118 ? -6.663  8.475   -11.320 1.00 20.02  ? 118 HIS A CA  1 
ATOM   893  C  C   . HIS A 1 118 ? -6.899  7.046   -10.822 1.00 20.96  ? 118 HIS A C   1 
ATOM   894  O  O   . HIS A 1 118 ? -6.841  6.116   -11.640 1.00 20.13  ? 118 HIS A O   1 
ATOM   895  C  CB  . HIS A 1 118 ? -5.221  8.721   -11.737 1.00 20.51  ? 118 HIS A CB  1 
ATOM   896  C  CG  . HIS A 1 118 ? -4.964  10.125  -12.159 1.00 22.83  ? 118 HIS A CG  1 
ATOM   897  N  ND1 . HIS A 1 118 ? -4.103  10.965  -11.477 1.00 22.79  ? 118 HIS A ND1 1 
ATOM   898  C  CD2 . HIS A 1 118 ? -5.436  10.834  -13.203 1.00 23.39  ? 118 HIS A CD2 1 
ATOM   899  C  CE1 . HIS A 1 118 ? -4.066  12.135  -12.077 1.00 25.23  ? 118 HIS A CE1 1 
ATOM   900  N  NE2 . HIS A 1 118 ? -4.858  12.065  -13.147 1.00 25.50  ? 118 HIS A NE2 1 
ATOM   901  N  N   . GLY A 1 119 ? -7.216  6.844   -9.541  1.00 17.92  ? 119 GLY A N   1 
ATOM   902  C  CA  . GLY A 1 119 ? -7.425  5.481   -9.020  1.00 17.38  ? 119 GLY A CA  1 
ATOM   903  C  C   . GLY A 1 119 ? -6.602  5.196   -7.776  1.00 18.07  ? 119 GLY A C   1 
ATOM   904  O  O   . GLY A 1 119 ? -6.332  6.130   -7.004  1.00 18.34  ? 119 GLY A O   1 
ATOM   905  N  N   . VAL A 1 120 ? -6.253  3.931   -7.556  1.00 16.85  ? 120 VAL A N   1 
ATOM   906  C  CA  . VAL A 1 120 ? -5.546  3.506   -6.308  1.00 15.72  ? 120 VAL A CA  1 
ATOM   907  C  C   . VAL A 1 120 ? -4.064  3.873   -6.447  1.00 16.46  ? 120 VAL A C   1 
ATOM   908  O  O   . VAL A 1 120 ? -3.416  3.474   -7.462  1.00 15.43  ? 120 VAL A O   1 
ATOM   909  C  CB  . VAL A 1 120 ? -5.739  2.009   -6.016  1.00 15.97  ? 120 VAL A CB  1 
ATOM   910  C  CG1 . VAL A 1 120 ? -4.837  1.555   -4.878  1.00 16.03  ? 120 VAL A CG1 1 
ATOM   911  C  CG2 . VAL A 1 120 ? -7.193  1.641   -5.769  1.00 16.35  ? 120 VAL A CG2 1 
ATOM   912  N  N   . VAL A 1 121 ? -3.537  4.631   -5.498  1.00 15.46  ? 121 VAL A N   1 
ATOM   913  C  CA  . VAL A 1 121 ? -2.117  5.072   -5.471  1.00 14.65  ? 121 VAL A CA  1 
ATOM   914  C  C   . VAL A 1 121 ? -1.312  4.084   -4.624  1.00 14.69  ? 121 VAL A C   1 
ATOM   915  O  O   . VAL A 1 121 ? -0.196  3.744   -5.010  1.00 14.53  ? 121 VAL A O   1 
ATOM   916  C  CB  . VAL A 1 121 ? -2.023  6.492   -4.900  1.00 14.57  ? 121 VAL A CB  1 
ATOM   917  C  CG1 . VAL A 1 121 ? -0.596  6.951   -4.715  1.00 14.27  ? 121 VAL A CG1 1 
ATOM   918  C  CG2 . VAL A 1 121 ? -2.834  7.458   -5.730  1.00 15.34  ? 121 VAL A CG2 1 
ATOM   919  N  N   . GLY A 1 122 ? -1.835  3.684   -3.471  1.00 16.29  ? 122 GLY A N   1 
ATOM   920  C  CA  . GLY A 1 122 ? -1.121  2.708   -2.643  1.00 16.29  ? 122 GLY A CA  1 
ATOM   921  C  C   . GLY A 1 122 ? -1.885  2.340   -1.391  1.00 14.94  ? 122 GLY A C   1 
ATOM   922  O  O   . GLY A 1 122 ? -3.097  2.614   -1.309  1.00 14.30  ? 122 GLY A O   1 
ATOM   923  N  N   . ILE A 1 123 ? -1.205  1.642   -0.491  1.00 15.75  ? 123 ILE A N   1 
ATOM   924  C  CA  . ILE A 1 123 ? -1.853  1.137   0.749   1.00 15.41  ? 123 ILE A CA  1 
ATOM   925  C  C   . ILE A 1 123 ? -0.997  1.526   1.953   1.00 13.90  ? 123 ILE A C   1 
ATOM   926  O  O   . ILE A 1 123 ? 0.243   1.495   1.877   1.00 13.96  ? 123 ILE A O   1 
ATOM   927  C  CB  . ILE A 1 123 ? -2.117  -0.373  0.689   1.00 15.98  ? 123 ILE A CB  1 
ATOM   928  C  CG1 . ILE A 1 123 ? -0.889  -1.206  0.331   1.00 16.26  ? 123 ILE A CG1 1 
ATOM   929  C  CG2 . ILE A 1 123 ? -3.289  -0.655  -0.236  1.00 16.71  ? 123 ILE A CG2 1 
ATOM   930  C  CD1 . ILE A 1 123 ? -1.013  -2.662  0.699   1.00 16.66  ? 123 ILE A CD1 1 
ATOM   931  N  N   . VAL A 1 124 ? -1.656  1.899   3.045   1.00 14.28  ? 124 VAL A N   1 
ATOM   932  C  CA  . VAL A 1 124 ? -0.935  2.180   4.310   1.00 14.23  ? 124 VAL A CA  1 
ATOM   933  C  C   . VAL A 1 124 ? 0.007   1.006   4.600   1.00 13.17  ? 124 VAL A C   1 
ATOM   934  O  O   . VAL A 1 124 ? -0.466  -0.163  4.577   1.00 12.11  ? 124 VAL A O   1 
ATOM   935  C  CB  . VAL A 1 124 ? -1.930  2.399   5.454   1.00 14.17  ? 124 VAL A CB  1 
ATOM   936  C  CG1 . VAL A 1 124 ? -1.226  2.540   6.787   1.00 14.82  ? 124 VAL A CG1 1 
ATOM   937  C  CG2 . VAL A 1 124 ? -2.819  3.605   5.176   1.00 14.08  ? 124 VAL A CG2 1 
ATOM   938  N  N   . SER A 1 125 ? 1.252   1.297   4.979   1.00 14.21  ? 125 SER A N   1 
ATOM   939  C  CA  . SER A 1 125 ? 2.293   0.292   5.338   1.00 15.00  ? 125 SER A CA  1 
ATOM   940  C  C   . SER A 1 125 ? 3.018   0.669   6.639   1.00 16.10  ? 125 SER A C   1 
ATOM   941  O  O   . SER A 1 125 ? 3.435   -0.228  7.394   1.00 17.85  ? 125 SER A O   1 
ATOM   942  C  CB  . SER A 1 125 ? 3.246   0.128   4.164   1.00 15.10  ? 125 SER A CB  1 
ATOM   943  O  OG  . SER A 1 125 ? 4.281   -0.810  4.420   1.00 15.82  ? 125 SER A OG  1 
ATOM   944  N  N   . THR A 1 126 ? 3.164   1.953   6.937   1.00 15.99  ? 126 THR A N   1 
ATOM   945  C  CA  . THR A 1 126 ? 3.998   2.430   8.074   1.00 17.12  ? 126 THR A CA  1 
ATOM   946  C  C   . THR A 1 126 ? 3.270   3.529   8.838   1.00 17.90  ? 126 THR A C   1 
ATOM   947  O  O   . THR A 1 126 ? 2.304   4.114   8.321   1.00 17.62  ? 126 THR A O   1 
ATOM   948  C  CB  . THR A 1 126 ? 5.393   2.880   7.598   1.00 17.74  ? 126 THR A CB  1 
ATOM   949  O  OG1 . THR A 1 126 ? 5.309   4.174   6.997   1.00 18.09  ? 126 THR A OG1 1 
ATOM   950  C  CG2 . THR A 1 126 ? 6.021   1.910   6.623   1.00 18.49  ? 126 THR A CG2 1 
ATOM   951  N  N   . GLY A 1 127 ? 3.723   3.802   10.051  1.00 19.40  ? 127 GLY A N   1 
ATOM   952  C  CA  . GLY A 1 127 ? 3.176   4.892   10.869  1.00 22.11  ? 127 GLY A CA  1 
ATOM   953  C  C   . GLY A 1 127 ? 4.061   5.207   12.064  1.00 24.75  ? 127 GLY A C   1 
ATOM   954  O  O   . GLY A 1 127 ? 5.117   4.607   12.179  1.00 25.32  ? 127 GLY A O   1 
ATOM   955  N  N   . GLY A 1 128 ? 3.582   6.094   12.937  1.00 31.38  ? 128 GLY A N   1 
ATOM   956  C  CA  . GLY A 1 128 ? 4.301   6.598   14.126  1.00 33.78  ? 128 GLY A CA  1 
ATOM   957  C  C   . GLY A 1 128 ? 4.832   8.003   13.896  1.00 34.52  ? 128 GLY A C   1 
ATOM   958  O  O   . GLY A 1 128 ? 4.962   8.420   12.726  1.00 30.52  ? 128 GLY A O   1 
ATOM   959  N  N   . ASN A 1 129 ? 5.092   8.738   14.982  1.00 37.52  ? 129 ASN A N   1 
ATOM   960  C  CA  . ASN A 1 129 ? 5.678   10.107  14.945  1.00 37.08  ? 129 ASN A CA  1 
ATOM   961  C  C   . ASN A 1 129 ? 4.790   11.054  14.126  1.00 32.45  ? 129 ASN A C   1 
ATOM   962  O  O   . ASN A 1 129 ? 5.312   12.069  13.633  1.00 35.26  ? 129 ASN A O   1 
ATOM   963  C  CB  . ASN A 1 129 ? 7.117   10.087  14.419  1.00 37.87  ? 129 ASN A CB  1 
ATOM   964  C  CG  . ASN A 1 129 ? 8.107   9.746   15.510  1.00 40.55  ? 129 ASN A CG  1 
ATOM   965  O  OD1 . ASN A 1 129 ? 7.718   9.594   16.672  1.00 44.33  ? 129 ASN A OD1 1 
ATOM   966  N  ND2 . ASN A 1 129 ? 9.378   9.650   15.153  1.00 38.22  ? 129 ASN A ND2 1 
ATOM   967  N  N   . GLY A 1 130 ? 3.492   10.775  14.043  1.00 28.60  ? 130 GLY A N   1 
ATOM   968  C  CA  . GLY A 1 130 ? 2.494   11.651  13.394  1.00 24.57  ? 130 GLY A CA  1 
ATOM   969  C  C   . GLY A 1 130 ? 2.533   11.542  11.872  1.00 22.26  ? 130 GLY A C   1 
ATOM   970  O  O   . GLY A 1 130 ? 1.991   12.422  11.198  1.00 19.61  ? 130 GLY A O   1 
ATOM   971  N  N   . LEU A 1 131 ? 3.164   10.501  11.347  1.00 19.83  ? 131 LEU A N   1 
ATOM   972  C  CA  . LEU A 1 131 ? 3.308   10.292  9.893   1.00 20.62  ? 131 LEU A CA  1 
ATOM   973  C  C   . LEU A 1 131 ? 2.599   8.998   9.500   1.00 20.02  ? 131 LEU A C   1 
ATOM   974  O  O   . LEU A 1 131 ? 2.605   8.045   10.288  1.00 22.11  ? 131 LEU A O   1 
ATOM   975  C  CB  . LEU A 1 131 ? 4.785   10.187  9.512   1.00 23.39  ? 131 LEU A CB  1 
ATOM   976  C  CG  . LEU A 1 131 ? 5.673   11.418  9.692   1.00 24.99  ? 131 LEU A CG  1 
ATOM   977  C  CD1 . LEU A 1 131 ? 7.036   11.140  9.066   1.00 28.81  ? 131 LEU A CD1 1 
ATOM   978  C  CD2 . LEU A 1 131 ? 5.065   12.643  9.057   1.00 24.09  ? 131 LEU A CD2 1 
ATOM   979  N  N   . VAL A 1 132 ? 2.148   8.936   8.254   1.00 17.14  ? 132 VAL A N   1 
ATOM   980  C  CA  . VAL A 1 132 ? 1.592   7.693   7.657   1.00 16.74  ? 132 VAL A CA  1 
ATOM   981  C  C   . VAL A 1 132 ? 2.407   7.417   6.397   1.00 15.79  ? 132 VAL A C   1 
ATOM   982  O  O   . VAL A 1 132 ? 2.633   8.364   5.607   1.00 15.93  ? 132 VAL A O   1 
ATOM   983  C  CB  . VAL A 1 132 ? 0.077   7.818   7.402   1.00 16.95  ? 132 VAL A CB  1 
ATOM   984  C  CG1 . VAL A 1 132 ? -0.290  9.127   6.719   1.00 18.55  ? 132 VAL A CG1 1 
ATOM   985  C  CG2 . VAL A 1 132 ? -0.477  6.634   6.629   1.00 18.02  ? 132 VAL A CG2 1 
ATOM   986  N  N   . GLY A 1 133 ? 2.861   6.177   6.238   1.00 15.38  ? 133 GLY A N   1 
ATOM   987  C  CA  . GLY A 1 133 ? 3.583   5.763   5.028   1.00 15.21  ? 133 GLY A CA  1 
ATOM   988  C  C   . GLY A 1 133 ? 2.723   4.825   4.213   1.00 14.48  ? 133 GLY A C   1 
ATOM   989  O  O   . GLY A 1 133 ? 2.109   3.896   4.798   1.00 13.93  ? 133 GLY A O   1 
ATOM   990  N  N   . PHE A 1 134 ? 2.705   5.084   2.912   1.00 13.97  ? 134 PHE A N   1 
ATOM   991  C  CA  . PHE A 1 134 ? 1.959   4.293   1.909   1.00 12.71  ? 134 PHE A CA  1 
ATOM   992  C  C   . PHE A 1 134 ? 2.942   3.594   0.985   1.00 13.40  ? 134 PHE A C   1 
ATOM   993  O  O   . PHE A 1 134 ? 3.880   4.256   0.483   1.00 13.72  ? 134 PHE A O   1 
ATOM   994  C  CB  . PHE A 1 134 ? 1.048   5.203   1.096   1.00 12.80  ? 134 PHE A CB  1 
ATOM   995  C  CG  . PHE A 1 134 ? 0.191   6.112   1.922   1.00 12.66  ? 134 PHE A CG  1 
ATOM   996  C  CD1 . PHE A 1 134 ? -1.022  5.671   2.400   1.00 13.29  ? 134 PHE A CD1 1 
ATOM   997  C  CD2 . PHE A 1 134 ? 0.552   7.425   2.157   1.00 13.62  ? 134 PHE A CD2 1 
ATOM   998  C  CE1 . PHE A 1 134 ? -1.857  6.522   3.093   1.00 13.16  ? 134 PHE A CE1 1 
ATOM   999  C  CE2 . PHE A 1 134 ? -0.274  8.281   2.882   1.00 12.98  ? 134 PHE A CE2 1 
ATOM   1000 C  CZ  . PHE A 1 134 ? -1.490  7.822   3.325   1.00 13.64  ? 134 PHE A CZ  1 
ATOM   1001 N  N   . ALA A 1 135 ? 2.738   2.305   0.792   1.00 12.84  ? 135 ALA A N   1 
ATOM   1002 C  CA  . ALA A 1 135 ? 3.449   1.512   -0.237  1.00 13.10  ? 135 ALA A CA  1 
ATOM   1003 C  C   . ALA A 1 135 ? 2.841   1.840   -1.611  1.00 14.19  ? 135 ALA A C   1 
ATOM   1004 O  O   . ALA A 1 135 ? 1.660   1.615   -1.816  1.00 13.55  ? 135 ALA A O   1 
ATOM   1005 C  CB  . ALA A 1 135 ? 3.361   0.039   0.121   1.00 13.68  ? 135 ALA A CB  1 
ATOM   1006 N  N   . ASP A 1 136 ? 3.609   2.485   -2.479  1.00 15.13  ? 136 ASP A N   1 
ATOM   1007 C  CA  . ASP A 1 136 ? 3.181   2.851   -3.853  1.00 14.66  ? 136 ASP A CA  1 
ATOM   1008 C  C   . ASP A 1 136 ? 2.891   1.587   -4.661  1.00 13.65  ? 136 ASP A C   1 
ATOM   1009 O  O   . ASP A 1 136 ? 3.603   0.588   -4.491  1.00 13.49  ? 136 ASP A O   1 
ATOM   1010 C  CB  . ASP A 1 136 ? 4.228   3.704   -4.580  1.00 15.47  ? 136 ASP A CB  1 
ATOM   1011 C  CG  . ASP A 1 136 ? 3.758   4.192   -5.943  1.00 16.86  ? 136 ASP A CG  1 
ATOM   1012 O  OD1 . ASP A 1 136 ? 2.679   4.800   -6.018  1.00 17.57  ? 136 ASP A OD1 1 
ATOM   1013 O  OD2 . ASP A 1 136 ? 4.445   3.886   -6.946  1.00 17.88  ? 136 ASP A OD2 1 
ATOM   1014 N  N   . VAL A 1 137 ? 1.874   1.614   -5.513  1.00 14.16  ? 137 VAL A N   1 
ATOM   1015 C  CA  . VAL A 1 137 ? 1.646   0.508   -6.492  1.00 15.21  ? 137 VAL A CA  1 
ATOM   1016 C  C   . VAL A 1 137 ? 1.606   1.064   -7.927  1.00 15.69  ? 137 VAL A C   1 
ATOM   1017 O  O   . VAL A 1 137 ? 1.376   0.272   -8.860  1.00 16.69  ? 137 VAL A O   1 
ATOM   1018 C  CB  . VAL A 1 137 ? 0.362   -0.273  -6.140  1.00 16.03  ? 137 VAL A CB  1 
ATOM   1019 C  CG1 . VAL A 1 137 ? 0.465   -0.902  -4.752  1.00 16.43  ? 137 VAL A CG1 1 
ATOM   1020 C  CG2 . VAL A 1 137 ? -0.885  0.606   -6.205  1.00 17.39  ? 137 VAL A CG2 1 
ATOM   1021 N  N   . ARG A 1 138 ? 1.829   2.374   -8.135  1.00 16.61  ? 138 ARG A N   1 
ATOM   1022 C  CA  . ARG A 1 138 ? 1.538   3.005   -9.446  1.00 16.27  ? 138 ARG A CA  1 
ATOM   1023 C  C   . ARG A 1 138 ? 2.579   2.592   -10.482 1.00 16.32  ? 138 ARG A C   1 
ATOM   1024 O  O   . ARG A 1 138 ? 2.279   2.707   -11.677 1.00 16.65  ? 138 ARG A O   1 
ATOM   1025 C  CB  . ARG A 1 138 ? 1.488   4.531   -9.362  1.00 16.32  ? 138 ARG A CB  1 
ATOM   1026 C  CG  . ARG A 1 138 ? 0.291   5.030   -8.574  1.00 16.33  ? 138 ARG A CG  1 
ATOM   1027 C  CD  . ARG A 1 138 ? 0.366   6.526   -8.367  1.00 15.35  ? 138 ARG A CD  1 
ATOM   1028 N  NE  . ARG A 1 138 ? 1.489   6.875   -7.532  1.00 15.33  ? 138 ARG A NE  1 
ATOM   1029 C  CZ  . ARG A 1 138 ? 1.842   8.124   -7.223  1.00 15.67  ? 138 ARG A CZ  1 
ATOM   1030 N  NH1 . ARG A 1 138 ? 1.156   9.152   -7.707  1.00 14.57  ? 138 ARG A NH1 1 
ATOM   1031 N  NH2 . ARG A 1 138 ? 2.834   8.331   -6.368  1.00 15.54  ? 138 ARG A NH2 1 
ATOM   1032 N  N   . ASP A 1 139 ? 3.728   2.132   -10.049 1.00 15.61  ? 139 ASP A N   1 
ATOM   1033 C  CA  . ASP A 1 139 ? 4.819   1.701   -10.952 1.00 16.80  ? 139 ASP A CA  1 
ATOM   1034 C  C   . ASP A 1 139 ? 4.578   0.255   -11.426 1.00 18.90  ? 139 ASP A C   1 
ATOM   1035 O  O   . ASP A 1 139 ? 5.319   -0.179  -12.344 1.00 18.98  ? 139 ASP A O   1 
ATOM   1036 C  CB  . ASP A 1 139 ? 6.148   1.839   -10.224 1.00 16.15  ? 139 ASP A CB  1 
ATOM   1037 C  CG  . ASP A 1 139 ? 6.311   0.816   -9.112  1.00 18.81  ? 139 ASP A CG  1 
ATOM   1038 O  OD1 . ASP A 1 139 ? 5.313   0.629   -8.351  1.00 18.38  ? 139 ASP A OD1 1 
ATOM   1039 O  OD2 . ASP A 1 139 ? 7.463   0.265   -8.970  1.00 19.80  ? 139 ASP A OD2 1 
ATOM   1040 N  N   . LEU A 1 140 ? 3.649   -0.484  -10.817 1.00 18.28  ? 140 LEU A N   1 
ATOM   1041 C  CA  . LEU A 1 140 ? 3.422   -1.918  -11.157 1.00 19.44  ? 140 LEU A CA  1 
ATOM   1042 C  C   . LEU A 1 140 ? 2.456   -1.996  -12.339 1.00 20.04  ? 140 LEU A C   1 
ATOM   1043 O  O   . LEU A 1 140 ? 1.270   -2.329  -12.122 1.00 20.07  ? 140 LEU A O   1 
ATOM   1044 C  CB  . LEU A 1 140 ? 2.886   -2.672  -9.936  1.00 18.72  ? 140 LEU A CB  1 
ATOM   1045 C  CG  . LEU A 1 140 ? 3.726   -2.551  -8.666  1.00 19.53  ? 140 LEU A CG  1 
ATOM   1046 C  CD1 . LEU A 1 140 ? 3.037   -3.242  -7.491  1.00 18.62  ? 140 LEU A CD1 1 
ATOM   1047 C  CD2 . LEU A 1 140 ? 5.114   -3.138  -8.857  1.00 19.53  ? 140 LEU A CD2 1 
ATOM   1048 N  N   . LEU A 1 141 ? 2.958   -1.714  -13.548 1.00 19.94  ? 141 LEU A N   1 
ATOM   1049 C  CA  . LEU A 1 141 ? 2.121   -1.577  -14.767 1.00 20.11  ? 141 LEU A CA  1 
ATOM   1050 C  C   . LEU A 1 141 ? 1.447   -2.913  -15.070 1.00 21.10  ? 141 LEU A C   1 
ATOM   1051 O  O   . LEU A 1 141 ? 0.274   -2.916  -15.519 1.00 19.00  ? 141 LEU A O   1 
ATOM   1052 C  CB  . LEU A 1 141 ? 2.981   -1.115  -15.947 1.00 22.28  ? 141 LEU A CB  1 
ATOM   1053 C  CG  . LEU A 1 141 ? 3.810   0.138   -15.720 1.00 23.12  ? 141 LEU A CG  1 
ATOM   1054 C  CD1 . LEU A 1 141 ? 4.282   0.705   -17.048 1.00 26.08  ? 141 LEU A CD1 1 
ATOM   1055 C  CD2 . LEU A 1 141 ? 3.038   1.200   -14.946 1.00 23.33  ? 141 LEU A CD2 1 
ATOM   1056 N  N   . TRP A 1 142 ? 2.140   -4.024  -14.807 1.00 20.09  ? 142 TRP A N   1 
ATOM   1057 C  CA  . TRP A 1 142 ? 1.595   -5.383  -15.060 1.00 21.52  ? 142 TRP A CA  1 
ATOM   1058 C  C   . TRP A 1 142 ? 0.306   -5.636  -14.267 1.00 21.66  ? 142 TRP A C   1 
ATOM   1059 O  O   . TRP A 1 142 ? -0.422  -6.564  -14.631 1.00 24.41  ? 142 TRP A O   1 
ATOM   1060 C  CB  . TRP A 1 142 ? 2.654   -6.467  -14.800 1.00 19.98  ? 142 TRP A CB  1 
ATOM   1061 C  CG  . TRP A 1 142 ? 3.222   -6.439  -13.415 1.00 19.49  ? 142 TRP A CG  1 
ATOM   1062 C  CD1 . TRP A 1 142 ? 4.329   -5.755  -13.000 1.00 19.51  ? 142 TRP A CD1 1 
ATOM   1063 C  CD2 . TRP A 1 142 ? 2.650   -7.038  -12.241 1.00 18.66  ? 142 TRP A CD2 1 
ATOM   1064 N  NE1 . TRP A 1 142 ? 4.513   -5.947  -11.657 1.00 18.37  ? 142 TRP A NE1 1 
ATOM   1065 C  CE2 . TRP A 1 142 ? 3.507   -6.741  -11.172 1.00 18.66  ? 142 TRP A CE2 1 
ATOM   1066 C  CE3 . TRP A 1 142 ? 1.541   -7.852  -12.009 1.00 18.54  ? 142 TRP A CE3 1 
ATOM   1067 C  CZ2 . TRP A 1 142 ? 3.273   -7.205  -9.880  1.00 18.90  ? 142 TRP A CZ2 1 
ATOM   1068 C  CZ3 . TRP A 1 142 ? 1.312   -8.320  -10.735 1.00 19.38  ? 142 TRP A CZ3 1 
ATOM   1069 C  CH2 . TRP A 1 142 ? 2.165   -7.988  -9.687  1.00 18.75  ? 142 TRP A CH2 1 
ATOM   1070 N  N   . LEU A 1 143 ? 0.018   -4.886  -13.200 1.00 23.19  ? 143 LEU A N   1 
ATOM   1071 C  CA  . LEU A 1 143 ? -1.272  -5.026  -12.457 1.00 23.66  ? 143 LEU A CA  1 
ATOM   1072 C  C   . LEU A 1 143 ? -2.491  -4.719  -13.349 1.00 25.92  ? 143 LEU A C   1 
ATOM   1073 O  O   . LEU A 1 143 ? -3.543  -5.278  -13.037 1.00 27.21  ? 143 LEU A O   1 
ATOM   1074 C  CB  . LEU A 1 143 ? -1.302  -4.087  -11.256 1.00 24.22  ? 143 LEU A CB  1 
ATOM   1075 C  CG  . LEU A 1 143 ? -0.569  -4.549  -10.010 1.00 21.26  ? 143 LEU A CG  1 
ATOM   1076 C  CD1 . LEU A 1 143 ? -0.663  -3.457  -8.957  1.00 23.25  ? 143 LEU A CD1 1 
ATOM   1077 C  CD2 . LEU A 1 143 ? -1.140  -5.853  -9.463  1.00 22.10  ? 143 LEU A CD2 1 
ATOM   1078 N  N   . ASP A 1 144 ? -2.351  -3.892  -14.396 1.00 31.87  ? 144 ASP A N   1 
ATOM   1079 C  CA  . ASP A 1 144 ? -3.428  -3.526  -15.375 1.00 35.21  ? 144 ASP A CA  1 
ATOM   1080 C  C   . ASP A 1 144 ? -3.579  -4.515  -16.538 1.00 40.02  ? 144 ASP A C   1 
ATOM   1081 O  O   . ASP A 1 144 ? -4.208  -4.113  -17.531 1.00 42.64  ? 144 ASP A O   1 
ATOM   1082 C  CB  . ASP A 1 144 ? -3.136  -2.243  -16.152 1.00 33.97  ? 144 ASP A CB  1 
ATOM   1083 C  CG  . ASP A 1 144 ? -2.877  -1.032  -15.298 1.00 38.08  ? 144 ASP A CG  1 
ATOM   1084 O  OD1 . ASP A 1 144 ? -3.519  -0.939  -14.235 1.00 42.82  ? 144 ASP A OD1 1 
ATOM   1085 O  OD2 . ASP A 1 144 ? -2.017  -0.202  -15.696 1.00 35.18  ? 144 ASP A OD2 1 
ATOM   1086 N  N   . GLU A 1 145 ? -3.014  -5.728  -16.474 1.00 52.20  ? 145 GLU A N   1 
ATOM   1087 C  CA  . GLU A 1 145 ? -3.149  -6.726  -17.575 1.00 58.48  ? 145 GLU A CA  1 
ATOM   1088 C  C   . GLU A 1 145 ? -2.838  -8.150  -17.106 1.00 63.27  ? 145 GLU A C   1 
ATOM   1089 O  O   . GLU A 1 145 ? -2.201  -8.312  -16.044 1.00 73.12  ? 145 GLU A O   1 
ATOM   1090 C  CB  . GLU A 1 145 ? -2.194  -6.383  -18.716 1.00 60.23  ? 145 GLU A CB  1 
ATOM   1091 C  CG  . GLU A 1 145 ? -0.754  -6.781  -18.430 1.00 55.54  ? 145 GLU A CG  1 
ATOM   1092 C  CD  . GLU A 1 145 ? 0.288   -5.808  -18.941 1.00 53.63  ? 145 GLU A CD  1 
ATOM   1093 O  OE1 . GLU A 1 145 ? 1.483   -6.033  -18.679 1.00 57.52  ? 145 GLU A OE1 1 
ATOM   1094 O  OE2 . GLU A 1 145 ? -0.099  -4.825  -19.577 1.00 52.75  ? 145 GLU A OE2 1 
ATOM   1095 N  N   . GLU A 1 146 ? -3.237  -9.136  -17.916 1.00 67.63  ? 146 GLU A N   1 
ATOM   1096 C  CA  . GLU A 1 146 ? -2.860  -10.569 -17.764 1.00 70.49  ? 146 GLU A CA  1 
ATOM   1097 C  C   . GLU A 1 146 ? -3.360  -11.082 -16.408 1.00 72.43  ? 146 GLU A C   1 
ATOM   1098 O  O   . GLU A 1 146 ? -4.248  -11.966 -16.372 1.00 76.92  ? 146 GLU A O   1 
ATOM   1099 C  CB  . GLU A 1 146 ? -1.346  -10.711 -17.963 1.00 70.64  ? 146 GLU A CB  1 
ATOM   1100 C  CG  . GLU A 1 146 ? -0.628  -11.535 -16.904 1.00 71.07  ? 146 GLU A CG  1 
ATOM   1101 C  CD  . GLU A 1 146 ? -0.744  -13.046 -17.020 1.00 69.17  ? 146 GLU A CD  1 
ATOM   1102 O  OE1 . GLU A 1 146 ? -0.393  -13.731 -16.037 1.00 64.61  ? 146 GLU A OE1 1 
ATOM   1103 O  OE2 . GLU A 1 146 ? -1.173  -13.536 -18.089 1.00 64.67  ? 146 GLU A OE2 1 
HETATM 1104 C  C10 . 89W B 2 .   ? -11.168 4.751   0.473   0.50 20.00  ? 201 89W A C10 1 
HETATM 1105 C  C13 . 89W B 2 .   ? -10.641 7.277   -0.484  0.50 20.00  ? 201 89W A C13 1 
HETATM 1106 C  C15 . 89W B 2 .   ? -12.178 5.559   0.007   0.50 20.00  ? 201 89W A C15 1 
HETATM 1107 O  O01 . 89W B 2 .   ? -11.458 2.399   0.785   0.50 20.00  ? 201 89W A O01 1 
HETATM 1108 C  C02 . 89W B 2 .   ? -11.764 3.527   1.095   0.50 20.00  ? 201 89W A C02 1 
HETATM 1109 N  N03 . 89W B 2 .   ? -12.374 3.844   2.210   0.50 20.00  ? 201 89W A N03 1 
HETATM 1110 C  C04 . 89W B 2 .   ? -13.566 3.220   2.637   0.50 20.00  ? 201 89W A C04 1 
HETATM 1111 C  C05 . 89W B 2 .   ? -13.956 3.881   3.938   0.50 20.00  ? 201 89W A C05 1 
HETATM 1112 C  C06 . 89W B 2 .   ? -15.012 3.025   4.631   0.50 20.00  ? 201 89W A C06 1 
HETATM 1113 C  C07 . 89W B 2 .   ? -14.563 1.523   4.656   0.50 20.00  ? 201 89W A C07 1 
HETATM 1114 N  N08 . 89W B 2 .   ? -13.193 1.438   4.292   0.50 20.00  ? 201 89W A N08 1 
HETATM 1115 C  C09 . 89W B 2 .   ? -13.038 1.842   2.904   0.50 20.00  ? 201 89W A C09 1 
HETATM 1116 C  C11 . 89W B 2 .   ? -9.868  5.262   0.411   0.50 20.00  ? 201 89W A C11 1 
HETATM 1117 C  C12 . 89W B 2 .   ? -9.635  6.519   -0.072  0.50 20.00  ? 201 89W A C12 1 
HETATM 1118 C  C14 . 89W B 2 .   ? -11.889 6.815   -0.462  0.50 20.00  ? 201 89W A C14 1 
HETATM 1119 ZN ZN  . ZN  C 3 .   ? -3.321  10.610  -9.673  1.00 19.81  ? 202 ZN  A ZN  1 
HETATM 1120 S  S   . DMS D 4 .   ? 13.007  -7.427  -1.937  1.00 42.33  ? 203 DMS A S   1 
HETATM 1121 O  O   . DMS D 4 .   ? 13.155  -7.084  -0.465  1.00 36.49  ? 203 DMS A O   1 
HETATM 1122 C  C1  . DMS D 4 .   ? 13.888  -6.162  -2.823  1.00 39.25  ? 203 DMS A C1  1 
HETATM 1123 C  C2  . DMS D 4 .   ? 14.149  -8.763  -2.223  1.00 40.72  ? 203 DMS A C2  1 
HETATM 1124 S  S   . DMS E 4 .   ? -2.892  16.829  9.965   1.00 68.01  ? 204 DMS A S   1 
HETATM 1125 O  O   . DMS E 4 .   ? -2.207  16.127  11.101  1.00 62.77  ? 204 DMS A O   1 
HETATM 1126 C  C1  . DMS E 4 .   ? -4.627  16.559  10.206  1.00 67.98  ? 204 DMS A C1  1 
HETATM 1127 C  C2  . DMS E 4 .   ? -2.852  18.572  10.332  1.00 60.19  ? 204 DMS A C2  1 
HETATM 1128 S  S   . DMS F 4 .   ? 7.940   -8.022  14.559  1.00 117.43 ? 205 DMS A S   1 
HETATM 1129 O  O   . DMS F 4 .   ? 8.184   -8.827  13.316  1.00 120.57 ? 205 DMS A O   1 
HETATM 1130 C  C1  . DMS F 4 .   ? 8.117   -9.149  15.920  1.00 112.54 ? 205 DMS A C1  1 
HETATM 1131 C  C2  . DMS F 4 .   ? 9.422   -7.077  14.817  1.00 118.33 ? 205 DMS A C2  1 
HETATM 1132 S  S   . SO4 G 5 .   ? 22.537  -0.670  11.612  1.00 64.34  ? 206 SO4 A S   1 
HETATM 1133 O  O1  . SO4 G 5 .   ? 23.437  -0.457  10.509  1.00 62.63  ? 206 SO4 A O1  1 
HETATM 1134 O  O2  . SO4 G 5 .   ? 21.228  -0.182  11.261  1.00 62.90  ? 206 SO4 A O2  1 
HETATM 1135 O  O3  . SO4 G 5 .   ? 23.020  0.036   12.768  1.00 62.07  ? 206 SO4 A O3  1 
HETATM 1136 O  O4  . SO4 G 5 .   ? 22.460  -2.078  11.910  1.00 61.44  ? 206 SO4 A O4  1 
HETATM 1137 O  O   . HOH H 6 .   ? -13.539 -5.885  -12.369 1.00 60.69  ? 301 HOH A O   1 
HETATM 1138 O  O   . HOH H 6 .   ? 10.024  -1.812  6.703   1.00 32.90  ? 302 HOH A O   1 
HETATM 1139 O  O   . HOH H 6 .   ? -4.853  0.749   16.209  1.00 29.19  ? 303 HOH A O   1 
HETATM 1140 O  O   . HOH H 6 .   ? -9.980  6.636   -7.166  1.00 27.60  ? 304 HOH A O   1 
HETATM 1141 O  O   . HOH H 6 .   ? -9.946  13.151  -13.931 1.00 41.18  ? 305 HOH A O   1 
HETATM 1142 O  O   . HOH H 6 .   ? -4.545  -12.010 -14.026 1.00 35.03  ? 306 HOH A O   1 
HETATM 1143 O  O   . HOH H 6 .   ? 6.922   -1.777  6.424   1.00 29.21  ? 307 HOH A O   1 
HETATM 1144 O  O   . HOH H 6 .   ? 1.327   -10.952 -13.388 1.00 62.97  ? 308 HOH A O   1 
HETATM 1145 O  O   . HOH H 6 .   ? 8.823   9.234   -0.118  1.00 28.16  ? 309 HOH A O   1 
HETATM 1146 O  O   . HOH H 6 .   ? 3.266   15.779  -8.589  1.00 50.64  ? 310 HOH A O   1 
HETATM 1147 O  O   . HOH H 6 .   ? -10.401 -8.025  1.537   1.00 36.30  ? 311 HOH A O   1 
HETATM 1148 O  O   . HOH H 6 .   ? -5.150  -6.954  -13.936 1.00 30.07  ? 312 HOH A O   1 
HETATM 1149 O  O   . HOH H 6 .   ? -3.159  -5.517  3.695   1.00 19.25  ? 313 HOH A O   1 
HETATM 1150 O  O   . HOH H 6 .   ? 12.257  -3.361  -4.515  1.00 39.85  ? 314 HOH A O   1 
HETATM 1151 O  O   . HOH H 6 .   ? 2.389   -19.838 -4.523  1.00 28.09  ? 315 HOH A O   1 
HETATM 1152 O  O   . HOH H 6 .   ? -12.608 0.436   9.565   1.00 25.25  ? 316 HOH A O   1 
HETATM 1153 O  O   . HOH H 6 .   ? -11.493 14.088  6.997   1.00 43.96  ? 317 HOH A O   1 
HETATM 1154 O  O   . HOH H 6 .   ? -10.346 -11.126 0.707   1.00 97.59  ? 318 HOH A O   1 
HETATM 1155 O  O   . HOH H 6 .   ? 6.267   12.449  -13.781 1.00 51.08  ? 319 HOH A O   1 
HETATM 1156 O  O   . HOH H 6 .   ? 2.868   -18.878 -7.006  1.00 46.41  ? 320 HOH A O   1 
HETATM 1157 O  O   . HOH H 6 .   ? -9.383  13.275  12.980  1.00 27.70  ? 321 HOH A O   1 
HETATM 1158 O  O   . HOH H 6 .   ? -6.731  -15.182 2.177   1.00 33.78  ? 322 HOH A O   1 
HETATM 1159 O  O   . HOH H 6 .   ? -5.911  -0.589  -13.339 1.00 22.65  ? 323 HOH A O   1 
HETATM 1160 O  O   . HOH H 6 .   ? 1.721   4.318   14.861  1.00 40.50  ? 324 HOH A O   1 
HETATM 1161 O  O   . HOH H 6 .   ? -1.079  10.456  -15.601 1.00 38.66  ? 325 HOH A O   1 
HETATM 1162 O  O   . HOH H 6 .   ? 5.500   10.224  -8.436  1.00 28.22  ? 326 HOH A O   1 
HETATM 1163 O  O   . HOH H 6 .   ? 17.306  -4.072  8.525   1.00 45.45  ? 327 HOH A O   1 
HETATM 1164 O  O   . HOH H 6 .   ? 13.897  0.645   15.395  1.00 25.26  ? 328 HOH A O   1 
HETATM 1165 O  O   . HOH H 6 .   ? -4.513  -11.024 6.858   1.00 29.33  ? 329 HOH A O   1 
HETATM 1166 O  O   . HOH H 6 .   ? 9.906   8.995   -6.828  1.00 36.21  ? 330 HOH A O   1 
HETATM 1167 O  O   . HOH H 6 .   ? 4.300   -9.771  14.231  1.00 68.93  ? 331 HOH A O   1 
HETATM 1168 O  O   . HOH H 6 .   ? 1.258   15.564  4.472   1.00 15.46  ? 332 HOH A O   1 
HETATM 1169 O  O   . HOH H 6 .   ? 7.358   4.252   10.820  1.00 39.17  ? 333 HOH A O   1 
HETATM 1170 O  O   . HOH H 6 .   ? 5.016   5.555   -8.947  1.00 17.44  ? 334 HOH A O   1 
HETATM 1171 O  O   . HOH H 6 .   ? -14.186 0.100   12.622  1.00 29.13  ? 335 HOH A O   1 
HETATM 1172 O  O   . HOH H 6 .   ? 7.129   3.480   -6.961  1.00 22.42  ? 336 HOH A O   1 
HETATM 1173 O  O   . HOH H 6 .   ? 19.200  0.099   12.991  1.00 48.90  ? 337 HOH A O   1 
HETATM 1174 O  O   . HOH H 6 .   ? -5.792  -15.014 -0.427  1.00 37.82  ? 338 HOH A O   1 
HETATM 1175 O  O   . HOH H 6 .   ? 0.394   14.102  12.552  1.00 22.45  ? 339 HOH A O   1 
HETATM 1176 O  O   . HOH H 6 .   ? 3.790   10.817  -6.009  1.00 24.62  ? 340 HOH A O   1 
HETATM 1177 O  O   . HOH H 6 .   ? -5.318  7.001   18.763  1.00 28.76  ? 341 HOH A O   1 
HETATM 1178 O  O   . HOH H 6 .   ? 10.950  -10.165 -1.081  1.00 24.41  ? 342 HOH A O   1 
HETATM 1179 O  O   . HOH H 6 .   ? -10.271 -2.695  -2.363  1.00 27.65  ? 343 HOH A O   1 
HETATM 1180 O  O   . HOH H 6 .   ? 8.225   -1.616  -10.746 1.00 26.14  ? 344 HOH A O   1 
HETATM 1181 O  O   . HOH H 6 .   ? -12.082 0.722   12.736  1.00 28.97  ? 345 HOH A O   1 
HETATM 1182 O  O   . HOH H 6 .   ? -12.124 11.785  15.241  1.00 40.62  ? 346 HOH A O   1 
HETATM 1183 O  O   . HOH H 6 .   ? 2.511   5.176   -12.748 1.00 18.74  ? 347 HOH A O   1 
HETATM 1184 O  O   . HOH H 6 .   ? -7.446  6.459   -14.252 1.00 32.55  ? 348 HOH A O   1 
HETATM 1185 O  O   . HOH H 6 .   ? 9.195   -15.320 -3.752  1.00 25.02  ? 349 HOH A O   1 
HETATM 1186 O  O   . HOH H 6 .   ? 4.072   -14.508 -10.997 1.00 46.22  ? 350 HOH A O   1 
HETATM 1187 O  O   . HOH H 6 .   ? 10.458  11.737  -2.937  1.00 43.74  ? 351 HOH A O   1 
HETATM 1188 O  O   . HOH H 6 .   ? -9.161  -8.930  -7.947  1.00 24.65  ? 352 HOH A O   1 
HETATM 1189 O  O   . HOH H 6 .   ? 4.184   8.094   -9.613  1.00 21.70  ? 353 HOH A O   1 
HETATM 1190 O  O   . HOH H 6 .   ? -11.678 10.920  -11.073 1.00 46.52  ? 354 HOH A O   1 
HETATM 1191 O  O   . HOH H 6 .   ? -4.587  17.874  3.488   1.00 40.12  ? 355 HOH A O   1 
HETATM 1192 O  O   . HOH H 6 .   ? -0.075  -0.819  -17.499 1.00 33.56  ? 356 HOH A O   1 
HETATM 1193 O  O   . HOH H 6 .   ? -8.234  -0.253  6.725   1.00 21.24  ? 357 HOH A O   1 
HETATM 1194 O  O   . HOH H 6 .   ? 9.406   10.807  1.973   1.00 86.18  ? 358 HOH A O   1 
HETATM 1195 O  O   . HOH H 6 .   ? 0.087   -4.206  10.696  1.00 17.37  ? 359 HOH A O   1 
HETATM 1196 O  O   . HOH H 6 .   ? -11.240 -14.998 -5.827  1.00 47.36  ? 360 HOH A O   1 
HETATM 1197 O  O   . HOH H 6 .   ? 9.466   1.957   -9.738  1.00 35.13  ? 361 HOH A O   1 
HETATM 1198 O  O   . HOH H 6 .   ? 12.871  7.870   9.008   1.00 44.06  ? 362 HOH A O   1 
HETATM 1199 O  O   . HOH H 6 .   ? -10.461 2.191   -8.529  1.00 31.14  ? 363 HOH A O   1 
HETATM 1200 O  O   . HOH H 6 .   ? -2.051  16.325  6.860   1.00 26.06  ? 364 HOH A O   1 
HETATM 1201 O  O   . HOH H 6 .   ? -6.626  2.094   7.489   1.00 15.13  ? 365 HOH A O   1 
HETATM 1202 O  O   . HOH H 6 .   ? 6.599   0.443   0.169   1.00 16.14  ? 366 HOH A O   1 
HETATM 1203 O  O   . HOH H 6 .   ? -5.951  -2.195  -14.637 1.00 42.11  ? 367 HOH A O   1 
HETATM 1204 O  O   . HOH H 6 .   ? -11.023 -2.441  -12.488 1.00 90.42  ? 368 HOH A O   1 
HETATM 1205 O  O   . HOH H 6 .   ? 6.323   -9.456  5.139   1.00 15.00  ? 369 HOH A O   1 
HETATM 1206 O  O   . HOH H 6 .   ? 7.753   1.303   12.373  1.00 37.15  ? 370 HOH A O   1 
HETATM 1207 O  O   . HOH H 6 .   ? 0.954   1.754   10.575  1.00 36.58  ? 371 HOH A O   1 
HETATM 1208 O  O   . HOH H 6 .   ? -9.338  1.460   2.334   1.00 20.17  ? 372 HOH A O   1 
HETATM 1209 O  O   . HOH H 6 .   ? 0.870   8.266   12.461  1.00 26.38  ? 373 HOH A O   1 
HETATM 1210 O  O   . HOH H 6 .   ? 8.794   -1.891  10.226  1.00 30.61  ? 374 HOH A O   1 
HETATM 1211 O  O   . HOH H 6 .   ? -1.506  10.813  14.766  1.00 33.02  ? 375 HOH A O   1 
HETATM 1212 O  O   . HOH H 6 .   ? 8.300   14.257  -3.240  1.00 21.79  ? 376 HOH A O   1 
HETATM 1213 O  O   . HOH H 6 .   ? -15.796 -10.401 -10.836 1.00 72.79  ? 377 HOH A O   1 
HETATM 1214 O  O   . HOH H 6 .   ? 2.665   -8.880  16.002  1.00 55.27  ? 378 HOH A O   1 
HETATM 1215 O  O   . HOH H 6 .   ? -6.291  11.789  14.450  1.00 45.15  ? 379 HOH A O   1 
HETATM 1216 O  O   . HOH H 6 .   ? -4.265  -13.648 -12.019 1.00 31.46  ? 380 HOH A O   1 
HETATM 1217 O  O   . HOH H 6 .   ? 7.270   -12.856 -9.213  1.00 39.24  ? 381 HOH A O   1 
HETATM 1218 O  O   . HOH H 6 .   ? -15.830 8.405   12.147  1.00 40.51  ? 382 HOH A O   1 
HETATM 1219 O  O   . HOH H 6 .   ? -8.431  -1.427  1.410   1.00 34.55  ? 383 HOH A O   1 
HETATM 1220 O  O   . HOH H 6 .   ? -10.459 -5.105  5.877   1.00 39.18  ? 384 HOH A O   1 
HETATM 1221 O  O   . HOH H 6 .   ? -9.923  -4.583  1.272   1.00 32.12  ? 385 HOH A O   1 
HETATM 1222 O  O   . HOH H 6 .   ? 0.584   12.545  -13.511 1.00 26.87  ? 386 HOH A O   1 
HETATM 1223 O  O   . HOH H 6 .   ? 18.583  -2.089  11.630  1.00 37.65  ? 387 HOH A O   1 
HETATM 1224 O  O   . HOH H 6 .   ? -11.201 -7.071  -13.987 1.00 48.92  ? 388 HOH A O   1 
HETATM 1225 O  O   . HOH H 6 .   ? -3.445  -17.873 6.680   1.00 25.96  ? 389 HOH A O   1 
HETATM 1226 O  O   . HOH H 6 .   ? 6.946   -5.804  -10.199 1.00 43.97  ? 390 HOH A O   1 
HETATM 1227 O  O   . HOH H 6 .   ? -15.674 3.309   8.070   1.00 30.08  ? 391 HOH A O   1 
HETATM 1228 O  O   . HOH H 6 .   ? -2.246  -4.862  14.389  1.00 32.98  ? 392 HOH A O   1 
HETATM 1229 O  O   . HOH H 6 .   ? 10.109  -3.233  -6.980  1.00 25.05  ? 393 HOH A O   1 
HETATM 1230 O  O   . HOH H 6 .   ? -5.230  15.384  6.673   1.00 22.25  ? 394 HOH A O   1 
HETATM 1231 O  O   . HOH H 6 .   ? -8.268  -2.291  9.909   1.00 38.88  ? 395 HOH A O   1 
HETATM 1232 O  O   . HOH H 6 .   ? 10.622  -10.176 5.286   1.00 42.46  ? 396 HOH A O   1 
HETATM 1233 O  O   . HOH H 6 .   ? -11.084 -10.340 -7.020  1.00 28.49  ? 397 HOH A O   1 
HETATM 1234 O  O   . HOH H 6 .   ? 12.304  3.653   -3.546  1.00 23.84  ? 398 HOH A O   1 
HETATM 1235 O  O   . HOH H 6 .   ? -3.855  7.140   -14.737 1.00 23.94  ? 399 HOH A O   1 
HETATM 1236 O  O   . HOH H 6 .   ? -4.910  -5.306  10.298  1.00 26.59  ? 400 HOH A O   1 
HETATM 1237 O  O   . HOH H 6 .   ? -3.474  -24.310 0.104   1.00 40.62  ? 401 HOH A O   1 
HETATM 1238 O  O   . HOH H 6 .   ? -3.230  -1.383  15.484  1.00 19.88  ? 402 HOH A O   1 
HETATM 1239 O  O   . HOH H 6 .   ? -3.869  13.329  7.848   1.00 22.41  ? 403 HOH A O   1 
HETATM 1240 O  O   . HOH H 6 .   ? 5.584   -0.283  -2.581  1.00 17.44  ? 404 HOH A O   1 
HETATM 1241 O  O   . HOH H 6 .   ? -14.378 10.300  6.661   1.00 20.16  ? 405 HOH A O   1 
HETATM 1242 O  O   . HOH H 6 .   ? -6.213  3.962   19.051  1.00 27.73  ? 406 HOH A O   1 
HETATM 1243 O  O   . HOH H 6 .   ? -1.203  16.516  4.144   1.00 23.45  ? 407 HOH A O   1 
HETATM 1244 O  O   . HOH H 6 .   ? 21.019  -4.353  12.999  1.00 47.77  ? 408 HOH A O   1 
HETATM 1245 O  O   . HOH H 6 .   ? -7.079  -17.968 -5.790  1.00 54.04  ? 409 HOH A O   1 
HETATM 1246 O  O   . HOH H 6 .   ? 4.873   -4.130  -15.851 1.00 59.49  ? 410 HOH A O   1 
HETATM 1247 O  O   . HOH H 6 .   ? 2.615   -13.087 5.447   1.00 22.07  ? 411 HOH A O   1 
HETATM 1248 O  O   . HOH H 6 .   ? 7.515   5.311   8.557   1.00 31.24  ? 412 HOH A O   1 
HETATM 1249 O  O   . HOH H 6 .   ? -5.254  14.316  -6.593  1.00 22.22  ? 413 HOH A O   1 
HETATM 1250 O  O   . HOH H 6 .   ? 20.475  3.794   8.873   1.00 43.43  ? 414 HOH A O   1 
HETATM 1251 O  O   . HOH H 6 .   ? -3.589  -9.102  3.986   1.00 146.81 ? 415 HOH A O   1 
HETATM 1252 O  O   . HOH H 6 .   ? -5.507  -18.617 3.829   1.00 26.17  ? 416 HOH A O   1 
HETATM 1253 O  O   . HOH H 6 .   ? -12.792 -3.726  -4.859  1.00 65.85  ? 417 HOH A O   1 
HETATM 1254 O  O   . HOH H 6 .   ? 15.074  6.986   -2.909  1.00 35.79  ? 418 HOH A O   1 
HETATM 1255 O  O   . HOH H 6 .   ? -0.941  16.262  -7.052  1.00 25.30  ? 419 HOH A O   1 
HETATM 1256 O  O   . HOH H 6 .   ? 2.503   13.805  -14.830 1.00 35.00  ? 420 HOH A O   1 
HETATM 1257 O  O   . HOH H 6 .   ? -6.585  -10.886 4.552   1.00 38.57  ? 421 HOH A O   1 
HETATM 1258 O  O   . HOH H 6 .   ? 17.744  -1.863  4.793   1.00 30.96  ? 422 HOH A O   1 
HETATM 1259 O  O   . HOH H 6 .   ? 9.817   4.893   11.255  1.00 19.66  ? 423 HOH A O   1 
HETATM 1260 O  O   . HOH H 6 .   ? 1.251   -8.714  -17.357 1.00 87.78  ? 424 HOH A O   1 
HETATM 1261 O  O   . HOH H 6 .   ? 11.153  -9.221  -5.349  1.00 34.81  ? 425 HOH A O   1 
HETATM 1262 O  O   . HOH H 6 .   ? 1.888   8.375   14.895  1.00 83.00  ? 426 HOH A O   1 
HETATM 1263 O  O   . HOH H 6 .   ? -5.661  -9.829  -14.173 1.00 23.70  ? 427 HOH A O   1 
HETATM 1264 O  O   . HOH H 6 .   ? 5.448   1.499   10.938  1.00 32.92  ? 428 HOH A O   1 
HETATM 1265 O  O   . HOH H 6 .   ? -7.819  -9.930  -15.574 1.00 35.94  ? 429 HOH A O   1 
HETATM 1266 O  O   . HOH H 6 .   ? 3.773   0.512   12.724  1.00 46.80  ? 430 HOH A O   1 
HETATM 1267 O  O   . HOH H 6 .   ? 15.626  -3.498  14.449  1.00 28.42  ? 431 HOH A O   1 
HETATM 1268 O  O   . HOH H 6 .   ? -5.420  16.088  -0.783  1.00 36.74  ? 432 HOH A O   1 
HETATM 1269 O  O   . HOH H 6 .   ? -5.009  -7.122  5.025   1.00 21.88  ? 433 HOH A O   1 
HETATM 1270 O  O   . HOH H 6 .   ? 3.879   7.704   17.634  1.00 52.71  ? 434 HOH A O   1 
HETATM 1271 O  O   . HOH H 6 .   ? -9.897  -17.086 -12.436 1.00 111.65 ? 435 HOH A O   1 
HETATM 1272 O  O   . HOH H 6 .   ? 15.666  7.844   5.400   1.00 33.16  ? 436 HOH A O   1 
HETATM 1273 O  O   . HOH H 6 .   ? -15.370 -12.747 -11.960 1.00 34.70  ? 437 HOH A O   1 
HETATM 1274 O  O   . HOH H 6 .   ? 7.740   3.901   13.718  1.00 65.00  ? 438 HOH A O   1 
HETATM 1275 O  O   . HOH H 6 .   ? 7.872   -4.295  17.875  1.00 35.42  ? 439 HOH A O   1 
HETATM 1276 O  O   . HOH H 6 .   ? 4.865   -0.991  15.344  1.00 43.28  ? 440 HOH A O   1 
HETATM 1277 O  O   . HOH H 6 .   ? 16.470  -1.411  0.966   1.00 56.18  ? 441 HOH A O   1 
HETATM 1278 O  O   . HOH H 6 .   ? -4.819  11.983  9.748   1.00 20.62  ? 442 HOH A O   1 
HETATM 1279 O  O   . HOH H 6 .   ? 8.139   -12.550 -6.149  1.00 26.06  ? 443 HOH A O   1 
HETATM 1280 O  O   . HOH H 6 .   ? 15.305  -2.270  -1.257  1.00 59.82  ? 444 HOH A O   1 
HETATM 1281 O  O   . HOH H 6 .   ? 0.349   6.291   15.628  1.00 45.82  ? 445 HOH A O   1 
HETATM 1282 O  O   . HOH H 6 .   ? 5.672   2.429   14.470  1.00 43.50  ? 446 HOH A O   1 
HETATM 1283 O  O   . HOH H 6 .   ? 10.976  5.090   -6.212  1.00 32.32  ? 447 HOH A O   1 
HETATM 1284 O  O   . HOH H 6 .   ? 4.201   -8.704  10.887  1.00 30.90  ? 448 HOH A O   1 
HETATM 1285 O  O   . HOH H 6 .   ? 5.436   -16.952 -7.347  1.00 42.39  ? 449 HOH A O   1 
HETATM 1286 O  O   . HOH H 6 .   ? 9.608   6.545   8.543   1.00 46.63  ? 450 HOH A O   1 
HETATM 1287 O  O   . HOH H 6 .   ? 10.243  6.517   14.834  1.00 57.44  ? 451 HOH A O   1 
HETATM 1288 O  O   . HOH H 6 .   ? -6.933  -8.161  3.660   1.00 30.66  ? 452 HOH A O   1 
HETATM 1289 O  O   . HOH H 6 .   ? 2.542   2.447   12.959  1.00 40.91  ? 453 HOH A O   1 
HETATM 1290 O  O   . HOH H 6 .   ? 16.121  -5.628  9.842   1.00 101.76 ? 454 HOH A O   1 
HETATM 1291 O  O   . HOH H 6 .   ? 13.463  -6.891  6.522   1.00 28.28  ? 455 HOH A O   1 
HETATM 1292 O  O   . HOH H 6 .   ? -17.357 -0.840  13.381  1.00 47.94  ? 456 HOH A O   1 
HETATM 1293 O  O   . HOH H 6 .   ? 2.715   12.839  16.539  1.00 52.24  ? 457 HOH A O   1 
HETATM 1294 O  O   . HOH H 6 .   ? 5.999   -2.421  -14.719 1.00 21.78  ? 458 HOH A O   1 
HETATM 1295 O  O   . HOH H 6 .   ? 1.218   -7.515  12.641  1.00 31.09  ? 459 HOH A O   1 
HETATM 1296 O  O   . HOH H 6 .   ? 6.874   -3.621  -12.131 1.00 24.69  ? 460 HOH A O   1 
HETATM 1297 O  O   . HOH H 6 .   ? -18.956 3.804   14.206  1.00 45.59  ? 461 HOH A O   1 
HETATM 1298 O  O   . HOH H 6 .   ? -9.590  -12.345 -1.182  1.00 40.24  ? 462 HOH A O   1 
HETATM 1299 O  O   . HOH H 6 .   ? 10.202  7.826   12.450  1.00 51.66  ? 463 HOH A O   1 
HETATM 1300 O  O   . HOH H 6 .   ? -0.413  -12.534 8.560   1.00 62.61  ? 464 HOH A O   1 
HETATM 1301 O  O   . HOH H 6 .   ? -13.429 -13.846 -13.466 1.00 59.10  ? 465 HOH A O   1 
HETATM 1302 O  O   . HOH H 6 .   ? 3.927   -3.622  -18.553 1.00 34.31  ? 466 HOH A O   1 
HETATM 1303 O  O   . HOH H 6 .   ? 6.708   -0.901  9.447   1.00 36.59  ? 467 HOH A O   1 
HETATM 1304 O  O   . HOH H 6 .   ? -2.881  14.910  -13.376 1.00 38.84  ? 468 HOH A O   1 
HETATM 1305 O  O   . HOH H 6 .   ? 10.165  -4.592  17.266  1.00 50.97  ? 469 HOH A O   1 
HETATM 1306 O  O   . HOH H 6 .   ? -1.541  -1.834  17.422  1.00 27.29  ? 470 HOH A O   1 
HETATM 1307 O  O   . HOH H 6 .   ? -10.729 10.764  -6.006  1.00 26.56  ? 471 HOH A O   1 
HETATM 1308 O  O   . HOH H 6 .   ? -8.906  15.815  -8.292  1.00 59.28  ? 472 HOH A O   1 
HETATM 1309 O  O   . HOH H 6 .   ? -1.416  -5.687  11.964  1.00 41.04  ? 473 HOH A O   1 
HETATM 1310 O  O   . HOH H 6 .   ? 6.924   -9.808  7.818   1.00 26.31  ? 474 HOH A O   1 
HETATM 1311 O  O   . HOH H 6 .   ? -0.855  14.175  -11.772 1.00 32.85  ? 475 HOH A O   1 
HETATM 1312 O  O   . HOH H 6 .   ? -4.132  17.814  0.861   1.00 37.50  ? 476 HOH A O   1 
HETATM 1313 O  O   . HOH H 6 .   ? 11.227  4.239   16.886  1.00 57.10  ? 477 HOH A O   1 
HETATM 1314 O  O   . HOH H 6 .   ? 4.612   -7.462  18.605  1.00 49.24  ? 478 HOH A O   1 
HETATM 1315 O  O   . HOH H 6 .   ? 11.364  -0.054  17.920  1.00 63.20  ? 479 HOH A O   1 
HETATM 1316 O  O   . HOH H 6 .   ? -2.278  12.819  13.245  1.00 33.91  ? 480 HOH A O   1 
HETATM 1317 O  O   . HOH H 6 .   ? -15.560 14.683  12.822  1.00 55.09  ? 481 HOH A O   1 
HETATM 1318 O  O   . HOH H 6 .   ? 8.341   6.144   13.284  1.00 62.19  ? 482 HOH A O   1 
HETATM 1319 O  O   . HOH H 6 .   ? -18.820 0.980   12.274  1.00 80.72  ? 483 HOH A O   1 
HETATM 1320 O  O   . HOH H 6 .   ? -10.144 10.897  -4.614  1.00 30.69  ? 484 HOH A O   1 
HETATM 1321 O  O   . HOH H 6 .   ? -0.279  -16.172 8.090   1.00 38.88  ? 485 HOH A O   1 
HETATM 1322 O  O   . HOH H 6 .   ? 1.243   16.972  -9.635  1.00 35.15  ? 486 HOH A O   1 
HETATM 1323 O  O   . HOH H 6 .   ? -0.942  -19.682 -8.118  1.00 166.76 ? 487 HOH A O   1 
HETATM 1324 O  O   . HOH H 6 .   ? 8.003   -7.770  -11.676 1.00 36.82  ? 488 HOH A O   1 
HETATM 1325 O  O   . HOH H 6 .   ? -16.490 -10.494 -18.161 1.00 44.75  ? 489 HOH A O   1 
HETATM 1326 O  O   . HOH H 6 .   ? 6.663   7.077   9.306   1.00 56.08  ? 490 HOH A O   1 
HETATM 1327 O  O   . HOH H 6 .   ? -13.971 2.843   -3.779  1.00 35.94  ? 491 HOH A O   1 
HETATM 1328 O  O   . HOH H 6 .   ? 8.905   -4.464  -9.410  1.00 35.35  ? 492 HOH A O   1 
HETATM 1329 O  O   . HOH H 6 .   ? -1.384  -14.263 9.039   1.00 39.52  ? 493 HOH A O   1 
HETATM 1330 O  O   . HOH H 6 .   ? 2.350   -8.922  11.764  1.00 25.35  ? 494 HOH A O   1 
HETATM 1331 O  O   . HOH H 6 .   ? -4.791  13.113  12.157  1.00 31.35  ? 495 HOH A O   1 
HETATM 1332 O  O   . HOH H 6 .   ? 8.216   9.375   -8.698  1.00 41.89  ? 496 HOH A O   1 
HETATM 1333 O  O   . HOH H 6 .   ? 15.181  -7.921  3.673   1.00 43.48  ? 497 HOH A O   1 
HETATM 1334 O  O   . HOH H 6 .   ? -1.118  0.621   18.227  1.00 41.58  ? 498 HOH A O   1 
HETATM 1335 O  O   . HOH H 6 .   ? 2.621   -9.995  -15.339 1.00 56.66  ? 499 HOH A O   1 
HETATM 1336 O  O   . HOH H 6 .   ? -11.667 -12.229 -5.287  1.00 59.03  ? 500 HOH A O   1 
HETATM 1337 O  O   . HOH H 6 .   ? -2.144  -14.150 -11.264 1.00 50.61  ? 501 HOH A O   1 
HETATM 1338 O  O   . HOH H 6 .   ? 7.476   -7.610  -14.057 1.00 66.94  ? 502 HOH A O   1 
HETATM 1339 O  O   . HOH H 6 .   ? -3.818  -26.781 0.658   1.00 43.60  ? 503 HOH A O   1 
HETATM 1340 O  O   . HOH H 6 .   ? -8.039  -13.855 -2.769  1.00 68.09  ? 504 HOH A O   1 
HETATM 1341 O  O   . HOH H 6 .   ? 10.739  9.053   8.370   1.00 40.13  ? 505 HOH A O   1 
HETATM 1342 O  O   . HOH H 6 .   ? 7.762   6.095   -8.507  1.00 28.24  ? 506 HOH A O   1 
HETATM 1343 O  O   . HOH H 6 .   ? -17.998 5.345   12.353  1.00 60.89  ? 507 HOH A O   1 
HETATM 1344 O  O   . HOH H 6 .   ? -5.061  -12.911 8.356   1.00 36.78  ? 508 HOH A O   1 
HETATM 1345 O  O   . HOH H 6 .   ? -12.273 -11.087 -3.212  1.00 81.61  ? 509 HOH A O   1 
HETATM 1346 O  O   . HOH H 6 .   ? 4.905   3.853   16.542  1.00 48.08  ? 510 HOH A O   1 
HETATM 1347 O  O   . HOH H 6 .   ? -3.097  -24.581 -3.550  1.00 36.56  ? 511 HOH A O   1 
HETATM 1348 O  O   . HOH H 6 .   ? -11.353 14.225  9.704   1.00 52.30  ? 512 HOH A O   1 
HETATM 1349 O  O   . HOH H 6 .   ? -5.380  -8.543  7.415   1.00 21.69  ? 513 HOH A O   1 
HETATM 1350 O  O   . HOH H 6 .   ? -16.733 7.280   14.431  1.00 34.58  ? 514 HOH A O   1 
HETATM 1351 O  O   . HOH H 6 .   ? -13.276 -8.695  -2.783  1.00 75.93  ? 515 HOH A O   1 
HETATM 1352 O  O   . HOH H 6 .   ? 19.921  2.609   2.278   1.00 49.14  ? 516 HOH A O   1 
HETATM 1353 O  O   . HOH H 6 .   ? 15.986  -1.304  15.841  1.00 37.30  ? 517 HOH A O   1 
HETATM 1354 O  O   . HOH H 6 .   ? -9.812  16.036  7.378   1.00 39.78  ? 518 HOH A O   1 
HETATM 1355 O  O   . HOH H 6 .   ? -4.895  -7.698  9.737   1.00 44.19  ? 519 HOH A O   1 
HETATM 1356 O  O   . HOH H 6 .   ? -6.724  15.349  12.097  1.00 37.80  ? 520 HOH A O   1 
HETATM 1357 O  O   . HOH H 6 .   ? 8.520   0.189   19.261  1.00 70.19  ? 521 HOH A O   1 
HETATM 1358 O  O   . HOH H 6 .   ? -7.744  16.507  7.769   1.00 31.27  ? 522 HOH A O   1 
HETATM 1359 O  O   . HOH H 6 .   ? 6.419   -6.753  -16.011 1.00 48.02  ? 523 HOH A O   1 
HETATM 1360 O  O   . HOH H 6 .   ? 0.011   12.677  17.033  1.00 59.04  ? 524 HOH A O   1 
HETATM 1361 O  O   . HOH H 6 .   ? 9.140   8.767   9.982   1.00 69.68  ? 525 HOH A O   1 
HETATM 1362 O  O   . HOH H 6 .   ? 4.683   -9.145  -16.233 1.00 43.08  ? 526 HOH A O   1 
HETATM 1363 O  O   . HOH H 6 .   ? 19.007  -0.435  1.420   1.00 47.60  ? 527 HOH A O   1 
HETATM 1364 O  O   . HOH H 6 .   ? -8.835  -12.724 5.512   1.00 46.32  ? 528 HOH A O   1 
HETATM 1365 O  O   . HOH H 6 .   ? 16.579  -5.452  5.454   1.00 37.84  ? 529 HOH A O   1 
HETATM 1366 O  O   . HOH H 6 .   ? 0.560   -10.457 15.855  1.00 44.66  ? 530 HOH A O   1 
HETATM 1367 O  O   . HOH H 6 .   ? -14.310 -5.542  -3.060  1.00 40.13  ? 531 HOH A O   1 
HETATM 1368 O  O   . HOH H 6 .   ? -3.232  -8.489  11.729  1.00 46.48  ? 532 HOH A O   1 
HETATM 1369 O  O   . HOH H 6 .   ? 19.903  0.838   -1.467  1.00 59.68  ? 533 HOH A O   1 
# 
